data_1XPL
#
_entry.id   1XPL
#
_cell.length_a   65.327
_cell.length_b   118.413
_cell.length_c   121.632
_cell.angle_alpha   90.00
_cell.angle_beta   90.03
_cell.angle_gamma   90.00
#
_symmetry.space_group_name_H-M   'P 1 21 1'
#
loop_
_entity.id
_entity.type
_entity.pdbx_description
1 polymer '3-hydroxy-3-methylglutaryl CoA synthase'
2 non-polymer 'SULFATE ION'
3 non-polymer 'ACETOACETYL-COENZYME A'
4 water water
#
_entity_poly.entity_id   1
_entity_poly.type   'polypeptide(L)'
_entity_poly.pdbx_seq_one_letter_code
;MAIGIDKINFYVPKYYVDMAKLAEARQVDPNKFLIGIGQTEMAVSPVNQDIVSMGANAAKDIITDEDKKKIGMVIVATES
AVDAAKAAAVQIHNLLGIQPFARCFEMKEA(SCY)YAATPAIQLAKDYLATRPNEKVLVIATDTARYGLNSGGEPTQGAG
AVAMVIAHNPSILALNEDAVAYTEDVYDFWRPTGHKYPLVDGALSKDAYIRSFQQSWNEYAKRQGKSLADFASLCFHVPF
TKMGKKALESIIDNADETTQERLRSGYEDAVDYNRYVGNIYTGSLYLSLISLLENRDLQAGETIGLFSYGSGSVGEFYSA
TLVEGYKDHLDQAAHKALLNNRTEVSVDAYETFFKRFDDVEFDEEQDAVHEDRHIFYLSNIENNVREYHRPELEHHHHHH
;
_entity_poly.pdbx_strand_id   A,B,C,D
#
# COMPACT_ATOMS: atom_id res chain seq x y z
N ALA A 2 -14.47 -14.02 -6.92
CA ALA A 2 -14.49 -13.62 -8.35
C ALA A 2 -15.28 -12.33 -8.54
N ILE A 3 -14.97 -11.61 -9.61
CA ILE A 3 -15.64 -10.34 -9.92
C ILE A 3 -15.90 -10.29 -11.43
N GLY A 4 -17.07 -9.79 -11.81
CA GLY A 4 -17.37 -9.71 -13.23
C GLY A 4 -18.77 -9.21 -13.54
N ILE A 5 -19.24 -9.60 -14.71
CA ILE A 5 -20.56 -9.21 -15.16
C ILE A 5 -21.62 -10.05 -14.48
N ASP A 6 -22.46 -9.38 -13.70
CA ASP A 6 -23.54 -10.03 -12.96
C ASP A 6 -24.82 -9.95 -13.77
N LYS A 7 -24.99 -8.84 -14.49
CA LYS A 7 -26.18 -8.65 -15.32
C LYS A 7 -25.77 -7.85 -16.55
N ILE A 8 -26.45 -8.10 -17.66
CA ILE A 8 -26.15 -7.38 -18.89
C ILE A 8 -27.40 -7.31 -19.74
N ASN A 9 -27.66 -6.13 -20.31
CA ASN A 9 -28.83 -5.92 -21.13
C ASN A 9 -28.56 -4.86 -22.17
N PHE A 10 -29.41 -4.79 -23.20
CA PHE A 10 -29.23 -3.78 -24.21
C PHE A 10 -30.55 -3.21 -24.67
N TYR A 11 -30.47 -2.06 -25.33
CA TYR A 11 -31.65 -1.39 -25.86
C TYR A 11 -31.31 -0.76 -27.20
N VAL A 12 -32.20 -0.92 -28.17
CA VAL A 12 -32.03 -0.29 -29.47
C VAL A 12 -33.36 0.43 -29.71
N PRO A 13 -33.35 1.50 -30.51
CA PRO A 13 -34.59 2.24 -30.78
C PRO A 13 -35.65 1.39 -31.51
N LYS A 14 -36.89 1.85 -31.48
CA LYS A 14 -37.99 1.10 -32.08
C LYS A 14 -38.06 1.04 -33.61
N TYR A 15 -37.18 1.74 -34.32
CA TYR A 15 -37.20 1.70 -35.78
C TYR A 15 -35.95 1.09 -36.40
N TYR A 16 -36.09 0.65 -37.65
CA TYR A 16 -34.99 0.07 -38.40
C TYR A 16 -35.29 0.15 -39.90
N VAL A 17 -34.24 0.18 -40.71
CA VAL A 17 -34.41 0.23 -42.15
C VAL A 17 -33.80 -1.04 -42.75
N ASP A 18 -34.52 -1.66 -43.68
CA ASP A 18 -34.06 -2.88 -44.32
C ASP A 18 -32.82 -2.58 -45.18
N MET A 19 -31.76 -3.36 -44.98
CA MET A 19 -30.53 -3.13 -45.73
C MET A 19 -30.70 -3.32 -47.24
N ALA A 20 -31.53 -4.28 -47.63
CA ALA A 20 -31.80 -4.53 -49.04
C ALA A 20 -32.46 -3.30 -49.63
N LYS A 21 -33.34 -2.67 -48.85
CA LYS A 21 -34.04 -1.47 -49.29
C LYS A 21 -33.06 -0.30 -49.42
N LEU A 22 -32.11 -0.23 -48.49
CA LEU A 22 -31.12 0.84 -48.53
C LEU A 22 -30.22 0.68 -49.74
N ALA A 23 -29.89 -0.58 -50.06
CA ALA A 23 -29.03 -0.87 -51.20
C ALA A 23 -29.72 -0.40 -52.49
N GLU A 24 -30.99 -0.78 -52.66
CA GLU A 24 -31.75 -0.40 -53.84
C GLU A 24 -31.77 1.13 -53.99
N ALA A 25 -31.90 1.82 -52.87
CA ALA A 25 -31.94 3.28 -52.88
C ALA A 25 -30.58 3.90 -53.19
N ARG A 26 -29.52 3.15 -52.92
CA ARG A 26 -28.17 3.65 -53.16
C ARG A 26 -27.58 3.16 -54.47
N GLN A 27 -28.39 2.48 -55.28
CA GLN A 27 -27.94 1.98 -56.56
C GLN A 27 -26.79 0.96 -56.49
N VAL A 28 -26.96 -0.06 -55.65
CA VAL A 28 -25.96 -1.11 -55.52
C VAL A 28 -26.65 -2.44 -55.22
N ASP A 29 -25.95 -3.54 -55.51
CA ASP A 29 -26.47 -4.89 -55.28
C ASP A 29 -26.75 -5.11 -53.79
N PRO A 30 -27.98 -5.52 -53.45
CA PRO A 30 -28.33 -5.76 -52.05
C PRO A 30 -27.33 -6.67 -51.33
N ASN A 31 -26.80 -7.66 -52.05
CA ASN A 31 -25.84 -8.59 -51.47
C ASN A 31 -24.56 -7.90 -51.02
N LYS A 32 -24.27 -6.72 -51.58
CA LYS A 32 -23.08 -5.98 -51.19
C LYS A 32 -23.21 -5.67 -49.69
N PHE A 33 -24.42 -5.31 -49.28
CA PHE A 33 -24.69 -4.98 -47.88
C PHE A 33 -25.01 -6.22 -47.04
N LEU A 34 -25.80 -7.14 -47.60
CA LEU A 34 -26.20 -8.35 -46.90
C LEU A 34 -25.06 -9.35 -46.70
N ILE A 35 -24.25 -9.53 -47.74
CA ILE A 35 -23.13 -10.48 -47.70
C ILE A 35 -21.80 -9.74 -47.65
N GLY A 36 -21.65 -8.75 -48.53
CA GLY A 36 -20.44 -7.96 -48.59
C GLY A 36 -19.99 -7.39 -47.26
N ILE A 37 -20.85 -6.61 -46.61
CA ILE A 37 -20.48 -6.04 -45.32
C ILE A 37 -21.07 -6.89 -44.17
N GLY A 38 -22.12 -7.66 -44.49
CA GLY A 38 -22.73 -8.53 -43.50
C GLY A 38 -23.75 -7.92 -42.54
N GLN A 39 -24.63 -7.06 -43.07
CA GLN A 39 -25.66 -6.41 -42.26
C GLN A 39 -27.04 -6.56 -42.92
N THR A 40 -28.04 -6.90 -42.11
CA THR A 40 -29.40 -7.13 -42.58
C THR A 40 -30.37 -5.99 -42.25
N GLU A 41 -30.25 -5.40 -41.05
CA GLU A 41 -31.13 -4.31 -40.64
C GLU A 41 -30.35 -3.26 -39.87
N MET A 42 -30.65 -1.99 -40.15
CA MET A 42 -30.00 -0.85 -39.52
C MET A 42 -30.92 -0.09 -38.57
N ALA A 43 -30.52 -0.01 -37.30
CA ALA A 43 -31.31 0.70 -36.29
C ALA A 43 -31.43 2.18 -36.67
N VAL A 44 -32.63 2.73 -36.54
CA VAL A 44 -32.89 4.13 -36.88
C VAL A 44 -33.31 4.88 -35.62
N SER A 45 -32.63 5.99 -35.35
CA SER A 45 -32.89 6.80 -34.16
C SER A 45 -33.96 7.87 -34.28
N PRO A 46 -35.02 7.77 -33.48
CA PRO A 46 -36.03 8.82 -33.56
C PRO A 46 -35.43 9.94 -32.71
N VAL A 47 -35.95 11.17 -32.85
CA VAL A 47 -35.41 12.28 -32.09
C VAL A 47 -35.56 12.16 -30.57
N ASN A 48 -36.59 11.45 -30.11
CA ASN A 48 -36.83 11.33 -28.68
C ASN A 48 -35.93 10.34 -27.96
N GLN A 49 -34.96 9.78 -28.67
CA GLN A 49 -34.00 8.85 -28.06
C GLN A 49 -32.58 9.39 -28.19
N ASP A 50 -32.00 9.89 -27.11
CA ASP A 50 -30.62 10.37 -27.15
C ASP A 50 -29.78 9.37 -26.37
N ILE A 51 -28.49 9.61 -26.22
CA ILE A 51 -27.66 8.65 -25.51
C ILE A 51 -28.05 8.46 -24.05
N VAL A 52 -28.60 9.50 -23.43
CA VAL A 52 -29.03 9.39 -22.04
C VAL A 52 -30.25 8.48 -21.88
N SER A 53 -31.27 8.65 -22.73
CA SER A 53 -32.45 7.79 -22.62
C SER A 53 -32.19 6.36 -23.06
N MET A 54 -31.39 6.17 -24.10
CA MET A 54 -31.09 4.80 -24.52
C MET A 54 -30.33 4.08 -23.40
N GLY A 55 -29.40 4.82 -22.77
CA GLY A 55 -28.61 4.24 -21.69
C GLY A 55 -29.45 3.88 -20.49
N ALA A 56 -30.39 4.75 -20.15
CA ALA A 56 -31.27 4.50 -19.01
C ALA A 56 -32.20 3.33 -19.34
N ASN A 57 -32.65 3.23 -20.59
CA ASN A 57 -33.53 2.14 -20.99
C ASN A 57 -32.84 0.78 -20.97
N ALA A 58 -31.54 0.75 -21.23
CA ALA A 58 -30.83 -0.51 -21.22
C ALA A 58 -30.61 -0.98 -19.78
N ALA A 59 -30.42 -0.04 -18.86
CA ALA A 59 -30.16 -0.38 -17.47
C ALA A 59 -31.38 -0.63 -16.59
N LYS A 60 -32.49 0.05 -16.88
CA LYS A 60 -33.68 -0.07 -16.06
C LYS A 60 -34.16 -1.49 -15.77
N ASP A 61 -34.08 -2.38 -16.76
CA ASP A 61 -34.54 -3.76 -16.55
C ASP A 61 -33.57 -4.63 -15.74
N ILE A 62 -32.37 -4.13 -15.47
CA ILE A 62 -31.42 -4.91 -14.69
C ILE A 62 -30.99 -4.27 -13.37
N ILE A 63 -31.74 -3.27 -12.92
CA ILE A 63 -31.42 -2.60 -11.67
C ILE A 63 -32.57 -2.79 -10.69
N THR A 64 -32.29 -3.45 -9.57
CA THR A 64 -33.32 -3.67 -8.56
C THR A 64 -33.19 -2.62 -7.46
N ASP A 65 -34.17 -2.55 -6.57
CA ASP A 65 -34.14 -1.58 -5.47
C ASP A 65 -32.83 -1.71 -4.69
N GLU A 66 -32.45 -2.95 -4.40
CA GLU A 66 -31.21 -3.22 -3.67
C GLU A 66 -29.99 -2.72 -4.44
N ASP A 67 -29.96 -2.98 -5.74
CA ASP A 67 -28.86 -2.54 -6.58
C ASP A 67 -28.68 -1.03 -6.47
N LYS A 68 -29.79 -0.31 -6.49
CA LYS A 68 -29.75 1.16 -6.39
C LYS A 68 -29.00 1.60 -5.13
N LYS A 69 -29.06 0.78 -4.09
CA LYS A 69 -28.39 1.10 -2.85
C LYS A 69 -26.91 0.69 -2.84
N LYS A 70 -26.55 -0.31 -3.65
CA LYS A 70 -25.18 -0.79 -3.66
C LYS A 70 -24.27 -0.30 -4.79
N ILE A 71 -24.84 0.40 -5.76
CA ILE A 71 -24.04 0.91 -6.87
C ILE A 71 -23.24 2.14 -6.41
N GLY A 72 -21.93 2.03 -6.39
CA GLY A 72 -21.10 3.13 -5.96
C GLY A 72 -20.46 3.91 -7.09
N MET A 73 -20.67 3.44 -8.32
CA MET A 73 -20.08 4.10 -9.48
C MET A 73 -20.92 3.86 -10.74
N VAL A 74 -21.09 4.92 -11.52
CA VAL A 74 -21.83 4.88 -12.77
C VAL A 74 -20.90 5.45 -13.84
N ILE A 75 -20.50 4.60 -14.77
CA ILE A 75 -19.59 5.01 -15.84
C ILE A 75 -20.28 4.90 -17.19
N VAL A 76 -20.26 5.99 -17.95
CA VAL A 76 -20.85 5.98 -19.28
C VAL A 76 -19.73 6.09 -20.32
N ALA A 77 -19.69 5.13 -21.23
CA ALA A 77 -18.69 5.13 -22.29
C ALA A 77 -19.43 5.58 -23.55
N THR A 78 -18.89 6.58 -24.25
CA THR A 78 -19.54 7.07 -25.45
C THR A 78 -18.61 7.97 -26.24
N GLU A 79 -18.94 8.16 -27.50
CA GLU A 79 -18.19 9.06 -28.36
C GLU A 79 -19.26 9.88 -29.08
N SER A 80 -20.46 9.86 -28.50
CA SER A 80 -21.64 10.56 -29.01
C SER A 80 -22.20 11.49 -27.94
N ALA A 81 -21.31 12.12 -27.16
CA ALA A 81 -21.71 13.00 -26.07
C ALA A 81 -22.56 14.19 -26.52
N VAL A 82 -23.45 14.64 -25.65
CA VAL A 82 -24.31 15.78 -25.94
C VAL A 82 -23.89 17.02 -25.16
N ASP A 83 -22.91 16.87 -24.28
CA ASP A 83 -22.41 17.98 -23.49
C ASP A 83 -20.88 17.84 -23.42
N ALA A 84 -20.18 18.96 -23.51
CA ALA A 84 -18.72 18.93 -23.47
C ALA A 84 -18.18 18.93 -22.04
N ALA A 85 -19.06 19.19 -21.08
CA ALA A 85 -18.61 19.25 -19.69
C ALA A 85 -19.33 18.28 -18.77
N LYS A 86 -20.65 18.35 -18.76
CA LYS A 86 -21.46 17.49 -17.90
C LYS A 86 -21.55 16.06 -18.41
N ALA A 87 -21.02 15.13 -17.63
CA ALA A 87 -21.04 13.71 -17.99
C ALA A 87 -22.48 13.18 -18.01
N ALA A 88 -22.84 12.47 -19.07
CA ALA A 88 -24.20 11.91 -19.18
C ALA A 88 -24.49 10.94 -18.02
N ALA A 89 -23.44 10.48 -17.35
CA ALA A 89 -23.61 9.55 -16.23
C ALA A 89 -24.42 10.18 -15.09
N VAL A 90 -24.30 11.48 -14.92
CA VAL A 90 -25.04 12.17 -13.88
C VAL A 90 -26.55 12.09 -14.16
N GLN A 91 -26.95 12.35 -15.40
CA GLN A 91 -28.37 12.30 -15.76
C GLN A 91 -28.93 10.90 -15.57
N ILE A 92 -28.19 9.90 -16.04
CA ILE A 92 -28.63 8.52 -15.91
C ILE A 92 -28.71 8.12 -14.44
N HIS A 93 -27.75 8.58 -13.65
CA HIS A 93 -27.75 8.27 -12.22
C HIS A 93 -29.04 8.79 -11.60
N ASN A 94 -29.42 9.99 -12.01
CA ASN A 94 -30.63 10.62 -11.52
C ASN A 94 -31.89 9.88 -11.99
N LEU A 95 -31.97 9.59 -13.29
CA LEU A 95 -33.13 8.90 -13.83
C LEU A 95 -33.39 7.52 -13.22
N LEU A 96 -32.31 6.79 -12.95
CA LEU A 96 -32.46 5.46 -12.38
C LEU A 96 -32.65 5.43 -10.86
N GLY A 97 -32.58 6.59 -10.21
CA GLY A 97 -32.76 6.65 -8.77
C GLY A 97 -31.71 5.96 -7.92
N ILE A 98 -30.46 6.01 -8.36
CA ILE A 98 -29.38 5.38 -7.62
C ILE A 98 -28.99 6.23 -6.41
N GLN A 99 -28.56 5.58 -5.33
CA GLN A 99 -28.15 6.29 -4.12
C GLN A 99 -27.14 7.39 -4.45
N PRO A 100 -27.26 8.54 -3.79
CA PRO A 100 -26.41 9.74 -3.96
C PRO A 100 -24.90 9.64 -3.80
N PHE A 101 -24.43 8.76 -2.93
CA PHE A 101 -23.00 8.63 -2.70
C PHE A 101 -22.28 7.74 -3.70
N ALA A 102 -22.19 8.22 -4.94
CA ALA A 102 -21.54 7.48 -6.01
C ALA A 102 -20.77 8.39 -6.97
N ARG A 103 -19.81 7.83 -7.68
CA ARG A 103 -19.04 8.58 -8.66
C ARG A 103 -19.72 8.42 -10.02
N CYS A 104 -19.82 9.50 -10.77
CA CYS A 104 -20.42 9.46 -12.10
C CYS A 104 -19.50 10.21 -13.06
N PHE A 105 -19.16 9.58 -14.17
CA PHE A 105 -18.29 10.22 -15.14
C PHE A 105 -18.29 9.47 -16.46
N GLU A 106 -17.77 10.12 -17.49
CA GLU A 106 -17.70 9.53 -18.82
C GLU A 106 -16.27 9.12 -19.16
N MET A 107 -16.15 8.07 -19.97
CA MET A 107 -14.86 7.60 -20.44
C MET A 107 -14.92 7.66 -21.95
N LYS A 108 -13.84 8.08 -22.61
CA LYS A 108 -13.83 8.17 -24.06
C LYS A 108 -12.54 7.76 -24.75
N GLU A 109 -12.70 7.03 -25.86
CA GLU A 109 -11.60 6.59 -26.70
C GLU A 109 -12.22 5.82 -27.84
N ALA A 110 -12.98 6.53 -28.67
CA ALA A 110 -13.66 5.89 -29.78
C ALA A 110 -14.50 4.72 -29.25
N CYS A 111 -14.52 3.61 -29.97
CA CYS A 111 -15.32 2.44 -29.57
C CYS A 111 -14.70 1.56 -28.49
N TYR A 112 -13.55 1.97 -27.97
CA TYR A 112 -12.85 1.19 -26.95
C TYR A 112 -13.29 1.40 -25.50
N ALA A 113 -13.76 2.61 -25.21
CA ALA A 113 -14.14 3.03 -23.85
C ALA A 113 -14.85 2.13 -22.84
N ALA A 114 -15.77 1.27 -23.26
CA ALA A 114 -16.45 0.42 -22.28
C ALA A 114 -15.52 -0.60 -21.63
N THR A 115 -14.49 -1.00 -22.34
CA THR A 115 -13.56 -2.00 -21.81
C THR A 115 -12.74 -1.51 -20.61
N PRO A 116 -12.07 -0.35 -20.72
CA PRO A 116 -11.33 0.06 -19.53
C PRO A 116 -12.31 0.37 -18.41
N ALA A 117 -13.54 0.68 -18.79
CA ALA A 117 -14.59 0.97 -17.82
C ALA A 117 -14.89 -0.28 -16.97
N ILE A 118 -15.11 -1.43 -17.62
CA ILE A 118 -15.41 -2.62 -16.83
C ILE A 118 -14.18 -3.19 -16.14
N GLN A 119 -13.01 -3.02 -16.76
CA GLN A 119 -11.77 -3.53 -16.18
C GLN A 119 -11.41 -2.75 -14.93
N LEU A 120 -11.64 -1.44 -14.95
CA LEU A 120 -11.33 -0.60 -13.80
C LEU A 120 -12.39 -0.73 -12.74
N ALA A 121 -13.62 -1.01 -13.17
CA ALA A 121 -14.71 -1.20 -12.23
C ALA A 121 -14.36 -2.43 -11.41
N LYS A 122 -13.77 -3.43 -12.05
CA LYS A 122 -13.37 -4.64 -11.36
C LYS A 122 -12.28 -4.32 -10.34
N ASP A 123 -11.24 -3.61 -10.77
CA ASP A 123 -10.16 -3.25 -9.86
C ASP A 123 -10.70 -2.42 -8.69
N TYR A 124 -11.69 -1.59 -8.97
CA TYR A 124 -12.31 -0.76 -7.95
C TYR A 124 -13.03 -1.60 -6.89
N LEU A 125 -13.70 -2.67 -7.33
CA LEU A 125 -14.44 -3.54 -6.42
C LEU A 125 -13.62 -4.52 -5.57
N ALA A 126 -12.37 -4.73 -5.93
CA ALA A 126 -11.51 -5.66 -5.19
C ALA A 126 -11.49 -5.45 -3.68
N THR A 127 -11.67 -4.21 -3.24
CA THR A 127 -11.66 -3.92 -1.80
C THR A 127 -13.00 -3.43 -1.27
N ARG A 128 -14.03 -3.52 -2.09
CA ARG A 128 -15.36 -3.06 -1.68
C ARG A 128 -16.34 -4.20 -1.97
N PRO A 129 -16.42 -5.17 -1.05
CA PRO A 129 -17.28 -6.35 -1.13
C PRO A 129 -18.78 -6.18 -1.23
N ASN A 130 -19.32 -5.08 -0.74
CA ASN A 130 -20.76 -4.88 -0.79
C ASN A 130 -21.22 -3.82 -1.79
N GLU A 131 -20.38 -3.54 -2.78
CA GLU A 131 -20.71 -2.54 -3.80
C GLU A 131 -20.75 -3.14 -5.21
N LYS A 132 -21.38 -2.40 -6.12
CA LYS A 132 -21.49 -2.83 -7.51
C LYS A 132 -21.17 -1.61 -8.38
N VAL A 133 -20.90 -1.85 -9.66
CA VAL A 133 -20.62 -0.77 -10.60
C VAL A 133 -21.56 -0.89 -11.80
N LEU A 134 -22.09 0.22 -12.26
CA LEU A 134 -22.98 0.21 -13.41
C LEU A 134 -22.21 0.82 -14.59
N VAL A 135 -21.98 0.03 -15.63
CA VAL A 135 -21.27 0.52 -16.81
C VAL A 135 -22.28 0.55 -17.96
N ILE A 136 -22.31 1.66 -18.68
CA ILE A 136 -23.24 1.84 -19.78
C ILE A 136 -22.53 2.36 -21.03
N ALA A 137 -22.57 1.59 -22.10
CA ALA A 137 -21.98 2.00 -23.37
C ALA A 137 -23.17 2.45 -24.18
N THR A 138 -23.14 3.70 -24.64
CA THR A 138 -24.26 4.23 -25.41
C THR A 138 -23.75 5.12 -26.54
N ASP A 139 -24.26 4.90 -27.76
CA ASP A 139 -23.81 5.67 -28.90
C ASP A 139 -24.79 5.69 -30.08
N THR A 140 -24.52 6.59 -31.01
CA THR A 140 -25.29 6.70 -32.24
C THR A 140 -24.22 6.83 -33.32
N ALA A 141 -24.04 5.78 -34.10
CA ALA A 141 -23.05 5.80 -35.17
C ALA A 141 -23.67 6.43 -36.42
N ARG A 142 -23.36 7.71 -36.63
CA ARG A 142 -23.90 8.48 -37.76
C ARG A 142 -22.78 8.95 -38.68
N TYR A 143 -22.82 8.49 -39.93
CA TYR A 143 -21.79 8.85 -40.90
C TYR A 143 -22.26 9.88 -41.92
N GLY A 144 -23.57 9.95 -42.17
CA GLY A 144 -24.08 10.91 -43.13
C GLY A 144 -24.74 10.26 -44.33
N LEU A 145 -25.86 10.82 -44.78
CA LEU A 145 -26.55 10.26 -45.94
C LEU A 145 -25.61 10.26 -47.14
N ASN A 146 -25.59 9.13 -47.86
CA ASN A 146 -24.75 8.95 -49.03
C ASN A 146 -23.26 8.97 -48.73
N SER A 147 -22.89 8.73 -47.48
CA SER A 147 -21.48 8.70 -47.10
C SER A 147 -20.91 7.31 -47.28
N GLY A 148 -19.59 7.18 -47.15
CA GLY A 148 -18.97 5.88 -47.30
C GLY A 148 -19.32 4.91 -46.18
N GLY A 149 -19.52 5.42 -44.97
CA GLY A 149 -19.82 4.55 -43.85
C GLY A 149 -21.30 4.37 -43.53
N GLU A 150 -22.17 5.05 -44.26
CA GLU A 150 -23.61 4.97 -44.01
C GLU A 150 -24.16 3.57 -43.77
N PRO A 151 -23.81 2.59 -44.64
CA PRO A 151 -24.30 1.22 -44.48
C PRO A 151 -24.00 0.58 -43.12
N THR A 152 -23.02 1.12 -42.40
CA THR A 152 -22.65 0.55 -41.12
C THR A 152 -23.22 1.31 -39.91
N GLN A 153 -24.10 2.27 -40.17
CA GLN A 153 -24.70 3.06 -39.11
C GLN A 153 -25.52 2.22 -38.15
N GLY A 154 -25.74 2.76 -36.96
CA GLY A 154 -26.52 2.05 -35.96
C GLY A 154 -26.68 2.90 -34.72
N ALA A 155 -27.48 2.41 -33.78
CA ALA A 155 -27.69 3.16 -32.56
C ALA A 155 -28.18 2.22 -31.46
N GLY A 156 -27.76 2.47 -30.22
CA GLY A 156 -28.19 1.63 -29.13
C GLY A 156 -27.31 1.76 -27.90
N ALA A 157 -27.61 0.97 -26.88
CA ALA A 157 -26.83 1.00 -25.65
C ALA A 157 -26.80 -0.35 -24.97
N VAL A 158 -25.73 -0.61 -24.23
CA VAL A 158 -25.58 -1.86 -23.50
C VAL A 158 -25.25 -1.48 -22.06
N ALA A 159 -25.95 -2.11 -21.12
CA ALA A 159 -25.74 -1.84 -19.70
C ALA A 159 -25.23 -3.10 -19.02
N MET A 160 -24.26 -2.94 -18.13
CA MET A 160 -23.68 -4.06 -17.41
C MET A 160 -23.52 -3.72 -15.95
N VAL A 161 -23.80 -4.69 -15.10
CA VAL A 161 -23.62 -4.50 -13.67
C VAL A 161 -22.44 -5.38 -13.30
N ILE A 162 -21.36 -4.74 -12.84
CA ILE A 162 -20.17 -5.47 -12.43
C ILE A 162 -20.28 -5.67 -10.92
N ALA A 163 -20.07 -6.90 -10.46
CA ALA A 163 -20.18 -7.19 -9.04
C ALA A 163 -19.36 -8.40 -8.63
N HIS A 164 -19.27 -8.61 -7.32
CA HIS A 164 -18.57 -9.76 -6.75
C HIS A 164 -19.49 -10.96 -6.98
N ASN A 165 -18.90 -12.14 -7.07
CA ASN A 165 -19.68 -13.36 -7.30
C ASN A 165 -20.63 -13.17 -8.47
N PRO A 166 -20.10 -12.79 -9.64
CA PRO A 166 -20.92 -12.57 -10.83
C PRO A 166 -21.72 -13.80 -11.25
N SER A 167 -22.95 -13.56 -11.72
CA SER A 167 -23.84 -14.63 -12.17
C SER A 167 -23.57 -15.12 -13.59
N ILE A 168 -22.89 -14.31 -14.39
CA ILE A 168 -22.64 -14.67 -15.79
C ILE A 168 -21.18 -14.88 -16.19
N LEU A 169 -20.36 -13.86 -16.03
CA LEU A 169 -18.95 -13.94 -16.41
C LEU A 169 -17.97 -13.40 -15.39
N ALA A 170 -16.94 -14.18 -15.09
CA ALA A 170 -15.90 -13.73 -14.18
C ALA A 170 -14.81 -13.17 -15.10
N LEU A 171 -14.37 -11.94 -14.83
CA LEU A 171 -13.32 -11.32 -15.63
C LEU A 171 -11.96 -11.79 -15.11
N ASN A 172 -11.12 -12.30 -15.99
CA ASN A 172 -9.82 -12.78 -15.55
C ASN A 172 -8.82 -11.62 -15.49
N GLU A 173 -7.68 -11.86 -14.85
CA GLU A 173 -6.65 -10.84 -14.73
C GLU A 173 -5.57 -11.07 -15.77
N ASP A 174 -5.95 -10.97 -17.05
CA ASP A 174 -4.99 -11.21 -18.12
C ASP A 174 -5.06 -10.23 -19.29
N ALA A 175 -5.65 -9.07 -19.07
CA ALA A 175 -5.78 -8.10 -20.15
C ALA A 175 -4.47 -7.46 -20.58
N VAL A 176 -4.33 -7.23 -21.88
CA VAL A 176 -3.17 -6.56 -22.43
C VAL A 176 -3.68 -5.62 -23.53
N ALA A 177 -3.32 -4.35 -23.42
CA ALA A 177 -3.75 -3.35 -24.40
C ALA A 177 -2.59 -2.96 -25.30
N TYR A 178 -2.90 -2.36 -26.43
CA TYR A 178 -1.89 -1.95 -27.40
C TYR A 178 -2.32 -0.62 -28.05
N THR A 179 -1.48 0.40 -27.91
CA THR A 179 -1.78 1.71 -28.47
C THR A 179 -0.81 2.07 -29.60
N GLU A 180 -1.35 2.66 -30.66
CA GLU A 180 -0.56 3.10 -31.81
C GLU A 180 -1.32 4.27 -32.44
N ASP A 181 -0.66 5.43 -32.51
CA ASP A 181 -1.28 6.62 -33.09
C ASP A 181 -1.53 6.40 -34.58
N VAL A 182 -2.77 6.54 -35.00
CA VAL A 182 -3.14 6.36 -36.40
C VAL A 182 -4.44 7.11 -36.70
N TYR A 183 -4.52 7.70 -37.88
CA TYR A 183 -5.72 8.43 -38.26
C TYR A 183 -6.61 7.66 -39.20
N ASP A 184 -7.21 6.60 -38.67
CA ASP A 184 -8.12 5.76 -39.44
C ASP A 184 -9.55 6.28 -39.34
N PHE A 185 -9.87 6.84 -38.18
CA PHE A 185 -11.21 7.36 -37.93
C PHE A 185 -11.13 8.35 -36.78
N TRP A 186 -11.66 9.55 -36.99
CA TRP A 186 -11.64 10.57 -35.96
C TRP A 186 -12.69 11.61 -36.26
N ARG A 187 -13.00 12.46 -35.29
CA ARG A 187 -14.01 13.49 -35.48
C ARG A 187 -13.69 14.74 -34.69
N PRO A 188 -12.98 15.69 -35.32
CA PRO A 188 -12.62 16.94 -34.67
C PRO A 188 -13.85 17.66 -34.16
N THR A 189 -13.66 18.44 -33.10
CA THR A 189 -14.75 19.19 -32.52
C THR A 189 -15.31 20.08 -33.62
N GLY A 190 -16.63 20.16 -33.71
CA GLY A 190 -17.25 20.95 -34.74
C GLY A 190 -17.79 20.11 -35.88
N HIS A 191 -17.25 18.91 -36.05
CA HIS A 191 -17.70 18.02 -37.12
C HIS A 191 -18.86 17.14 -36.68
N LYS A 192 -19.93 17.15 -37.47
CA LYS A 192 -21.10 16.34 -37.17
C LYS A 192 -20.82 14.87 -37.40
N TYR A 193 -20.04 14.58 -38.44
CA TYR A 193 -19.71 13.20 -38.78
C TYR A 193 -18.21 12.95 -38.73
N PRO A 194 -17.83 11.69 -38.50
CA PRO A 194 -16.39 11.39 -38.44
C PRO A 194 -15.72 11.46 -39.81
N LEU A 195 -14.40 11.53 -39.78
CA LEU A 195 -13.59 11.55 -40.99
C LEU A 195 -13.07 10.12 -40.99
N VAL A 196 -13.23 9.42 -42.11
CA VAL A 196 -12.80 8.03 -42.19
C VAL A 196 -11.82 7.76 -43.32
N ASP A 197 -11.11 6.64 -43.18
CA ASP A 197 -10.17 6.19 -44.19
C ASP A 197 -10.39 4.67 -44.26
N GLY A 198 -11.55 4.29 -44.81
CA GLY A 198 -11.94 2.90 -44.92
C GLY A 198 -10.83 1.85 -45.03
N ALA A 199 -10.04 1.95 -46.09
CA ALA A 199 -8.95 1.02 -46.32
C ALA A 199 -8.01 0.97 -45.13
N LEU A 200 -7.55 2.14 -44.71
CA LEU A 200 -6.64 2.24 -43.58
C LEU A 200 -7.28 1.70 -42.30
N SER A 201 -8.55 2.04 -42.07
CA SER A 201 -9.24 1.59 -40.87
C SER A 201 -9.31 0.07 -40.74
N LYS A 202 -9.35 -0.63 -41.86
CA LYS A 202 -9.41 -2.10 -41.84
C LYS A 202 -8.05 -2.67 -41.41
N ASP A 203 -6.98 -2.16 -42.00
CA ASP A 203 -5.64 -2.63 -41.67
C ASP A 203 -5.26 -2.25 -40.24
N ALA A 204 -5.73 -1.09 -39.79
CA ALA A 204 -5.45 -0.62 -38.43
C ALA A 204 -6.10 -1.58 -37.45
N TYR A 205 -7.35 -1.94 -37.73
CA TYR A 205 -8.12 -2.85 -36.89
C TYR A 205 -7.42 -4.21 -36.75
N ILE A 206 -7.07 -4.80 -37.89
CA ILE A 206 -6.42 -6.10 -37.88
C ILE A 206 -5.04 -6.08 -37.24
N ARG A 207 -4.28 -5.01 -37.47
CA ARG A 207 -2.95 -4.92 -36.87
C ARG A 207 -3.04 -4.85 -35.34
N SER A 208 -3.99 -4.05 -34.86
CA SER A 208 -4.19 -3.90 -33.42
C SER A 208 -4.58 -5.24 -32.78
N PHE A 209 -5.41 -6.01 -33.46
N PHE A 209 -5.41 -6.00 -33.48
CA PHE A 209 -5.84 -7.30 -32.96
CA PHE A 209 -5.89 -7.30 -33.03
C PHE A 209 -4.68 -8.27 -32.90
C PHE A 209 -4.73 -8.30 -32.93
N GLN A 210 -3.89 -8.34 -33.97
CA GLN A 210 -2.74 -9.24 -34.03
C GLN A 210 -1.69 -8.89 -32.98
N GLN A 211 -1.44 -7.59 -32.80
CA GLN A 211 -0.43 -7.17 -31.82
C GLN A 211 -0.88 -7.48 -30.40
N SER A 212 -2.16 -7.25 -30.11
CA SER A 212 -2.72 -7.52 -28.79
C SER A 212 -2.75 -9.02 -28.51
N TRP A 213 -3.20 -9.79 -29.49
CA TRP A 213 -3.28 -11.23 -29.33
C TRP A 213 -1.90 -11.85 -29.15
N ASN A 214 -0.94 -11.41 -29.95
CA ASN A 214 0.41 -11.93 -29.85
C ASN A 214 1.01 -11.72 -28.47
N GLU A 215 0.90 -10.50 -27.95
CA GLU A 215 1.44 -10.18 -26.64
C GLU A 215 0.72 -10.96 -25.55
N TYR A 216 -0.60 -11.10 -25.70
CA TYR A 216 -1.38 -11.85 -24.71
C TYR A 216 -0.99 -13.33 -24.72
N ALA A 217 -0.88 -13.90 -25.91
CA ALA A 217 -0.52 -15.30 -26.04
C ALA A 217 0.85 -15.53 -25.43
N LYS A 218 1.76 -14.59 -25.68
CA LYS A 218 3.12 -14.65 -25.16
C LYS A 218 3.14 -14.55 -23.62
N ARG A 219 2.41 -13.58 -23.08
CA ARG A 219 2.37 -13.38 -21.63
C ARG A 219 1.67 -14.49 -20.85
N GLN A 220 0.54 -14.98 -21.39
CA GLN A 220 -0.23 -16.02 -20.72
C GLN A 220 0.18 -17.43 -21.10
N GLY A 221 1.01 -17.56 -22.12
CA GLY A 221 1.43 -18.88 -22.55
C GLY A 221 0.23 -19.66 -23.05
N LYS A 222 -0.68 -18.97 -23.74
CA LYS A 222 -1.88 -19.61 -24.27
C LYS A 222 -1.95 -19.57 -25.78
N SER A 223 -2.90 -20.31 -26.34
CA SER A 223 -3.11 -20.36 -27.79
C SER A 223 -4.61 -20.39 -28.05
N LEU A 224 -5.00 -20.12 -29.28
CA LEU A 224 -6.41 -20.10 -29.66
C LEU A 224 -7.15 -21.37 -29.25
N ALA A 225 -6.42 -22.48 -29.23
CA ALA A 225 -7.01 -23.77 -28.87
C ALA A 225 -7.59 -23.76 -27.46
N ASP A 226 -7.18 -22.80 -26.64
CA ASP A 226 -7.65 -22.72 -25.26
C ASP A 226 -8.97 -21.98 -25.12
N PHE A 227 -9.49 -21.43 -26.21
CA PHE A 227 -10.73 -20.67 -26.14
C PHE A 227 -11.94 -21.39 -26.74
N ALA A 228 -13.05 -21.35 -26.02
CA ALA A 228 -14.28 -21.97 -26.51
C ALA A 228 -14.85 -21.07 -27.61
N SER A 229 -14.53 -19.78 -27.54
CA SER A 229 -15.00 -18.83 -28.54
C SER A 229 -14.36 -17.45 -28.38
N LEU A 230 -14.29 -16.70 -29.47
CA LEU A 230 -13.75 -15.36 -29.41
C LEU A 230 -14.89 -14.39 -29.66
N CYS A 231 -14.76 -13.20 -29.14
CA CYS A 231 -15.78 -12.17 -29.27
C CYS A 231 -15.02 -10.87 -29.48
N PHE A 232 -15.34 -10.14 -30.56
N PHE A 232 -15.34 -10.13 -30.53
CA PHE A 232 -14.65 -8.90 -30.88
CA PHE A 232 -14.65 -8.85 -30.73
C PHE A 232 -15.56 -7.72 -31.21
C PHE A 232 -15.53 -7.73 -31.26
N HIS A 233 -14.97 -6.52 -31.24
CA HIS A 233 -15.69 -5.33 -31.64
C HIS A 233 -16.17 -5.51 -33.09
N VAL A 234 -17.42 -5.20 -33.35
CA VAL A 234 -18.01 -5.37 -34.68
C VAL A 234 -18.51 -4.12 -35.40
N PRO A 235 -17.66 -3.49 -36.24
CA PRO A 235 -18.12 -2.30 -36.96
C PRO A 235 -19.18 -2.76 -37.97
N PHE A 236 -19.02 -4.00 -38.42
CA PHE A 236 -19.93 -4.71 -39.32
C PHE A 236 -19.42 -6.15 -39.33
N THR A 237 -20.32 -7.12 -39.35
CA THR A 237 -19.93 -8.52 -39.27
C THR A 237 -18.83 -9.02 -40.21
N LYS A 238 -18.76 -8.51 -41.42
CA LYS A 238 -17.71 -8.97 -42.34
C LYS A 238 -16.31 -8.58 -41.89
N MET A 239 -16.18 -7.45 -41.20
CA MET A 239 -14.88 -6.97 -40.72
C MET A 239 -14.33 -7.90 -39.65
N GLY A 240 -15.22 -8.41 -38.81
CA GLY A 240 -14.80 -9.30 -37.76
C GLY A 240 -14.37 -10.64 -38.33
N LYS A 241 -14.98 -11.04 -39.44
CA LYS A 241 -14.65 -12.30 -40.08
C LYS A 241 -13.21 -12.22 -40.58
N LYS A 242 -12.85 -11.10 -41.19
CA LYS A 242 -11.50 -10.91 -41.71
C LYS A 242 -10.45 -10.93 -40.61
N ALA A 243 -10.72 -10.21 -39.53
CA ALA A 243 -9.78 -10.18 -38.41
C ALA A 243 -9.56 -11.60 -37.90
N LEU A 244 -10.65 -12.34 -37.70
CA LEU A 244 -10.53 -13.70 -37.19
C LEU A 244 -9.70 -14.59 -38.12
N GLU A 245 -9.99 -14.52 -39.41
CA GLU A 245 -9.28 -15.32 -40.40
C GLU A 245 -7.80 -15.02 -40.44
N SER A 246 -7.41 -13.81 -40.04
CA SER A 246 -6.01 -13.44 -40.07
C SER A 246 -5.17 -14.14 -39.01
N ILE A 247 -5.80 -14.70 -37.97
CA ILE A 247 -5.02 -15.38 -36.94
C ILE A 247 -5.30 -16.86 -36.75
N ILE A 248 -6.49 -17.32 -37.11
CA ILE A 248 -6.78 -18.74 -36.94
C ILE A 248 -6.15 -19.58 -38.03
N ASP A 249 -5.46 -18.91 -38.95
CA ASP A 249 -4.79 -19.60 -40.05
C ASP A 249 -3.85 -20.67 -39.49
N ASN A 250 -3.17 -20.33 -38.39
CA ASN A 250 -2.23 -21.24 -37.77
C ASN A 250 -2.87 -22.02 -36.63
N ALA A 251 -4.12 -22.43 -36.81
CA ALA A 251 -4.83 -23.18 -35.79
C ALA A 251 -5.29 -24.54 -36.30
N ASP A 252 -5.46 -25.50 -35.40
CA ASP A 252 -5.91 -26.83 -35.80
C ASP A 252 -7.30 -26.72 -36.44
N GLU A 253 -7.67 -27.76 -37.19
CA GLU A 253 -8.96 -27.81 -37.87
C GLU A 253 -10.12 -27.78 -36.87
N THR A 254 -9.94 -28.45 -35.73
CA THR A 254 -10.99 -28.46 -34.71
C THR A 254 -11.23 -27.07 -34.13
N THR A 255 -10.14 -26.34 -33.88
CA THR A 255 -10.21 -25.01 -33.32
C THR A 255 -10.80 -23.98 -34.29
N GLN A 256 -10.47 -24.11 -35.57
CA GLN A 256 -10.97 -23.18 -36.57
C GLN A 256 -12.47 -23.32 -36.73
N GLU A 257 -12.94 -24.56 -36.71
CA GLU A 257 -14.36 -24.81 -36.86
C GLU A 257 -15.09 -24.22 -35.67
N ARG A 258 -14.54 -24.45 -34.48
CA ARG A 258 -15.16 -23.94 -33.26
C ARG A 258 -15.20 -22.41 -33.23
N LEU A 259 -14.06 -21.76 -33.47
CA LEU A 259 -14.02 -20.31 -33.42
C LEU A 259 -14.84 -19.65 -34.54
N ARG A 260 -14.91 -20.28 -35.70
CA ARG A 260 -15.71 -19.73 -36.79
C ARG A 260 -17.18 -19.82 -36.39
N SER A 261 -17.56 -20.97 -35.85
CA SER A 261 -18.94 -21.21 -35.43
C SER A 261 -19.34 -20.26 -34.31
N GLY A 262 -18.44 -20.05 -33.35
CA GLY A 262 -18.71 -19.16 -32.24
C GLY A 262 -18.92 -17.74 -32.75
N TYR A 263 -18.14 -17.35 -33.76
CA TYR A 263 -18.25 -16.03 -34.34
C TYR A 263 -19.63 -15.76 -34.90
N GLU A 264 -20.19 -16.73 -35.63
CA GLU A 264 -21.52 -16.56 -36.20
C GLU A 264 -22.57 -16.30 -35.11
N ASP A 265 -22.45 -17.01 -33.99
CA ASP A 265 -23.38 -16.82 -32.89
C ASP A 265 -23.17 -15.44 -32.26
N ALA A 266 -21.91 -15.06 -32.13
CA ALA A 266 -21.56 -13.76 -31.55
C ALA A 266 -22.09 -12.54 -32.30
N VAL A 267 -22.15 -12.61 -33.63
CA VAL A 267 -22.63 -11.46 -34.39
C VAL A 267 -24.09 -11.56 -34.84
N ASP A 268 -24.83 -12.53 -34.30
CA ASP A 268 -26.23 -12.66 -34.68
C ASP A 268 -27.05 -11.39 -34.48
N TYR A 269 -27.07 -10.88 -33.24
CA TYR A 269 -27.81 -9.65 -32.94
C TYR A 269 -27.30 -8.43 -33.69
N ASN A 270 -25.99 -8.35 -33.86
CA ASN A 270 -25.39 -7.21 -34.54
C ASN A 270 -25.88 -7.04 -35.98
N ARG A 271 -26.22 -8.14 -36.64
CA ARG A 271 -26.70 -8.07 -38.03
C ARG A 271 -27.97 -7.24 -38.16
N TYR A 272 -28.75 -7.16 -37.09
CA TYR A 272 -30.02 -6.44 -37.10
C TYR A 272 -29.99 -5.09 -36.39
N VAL A 273 -28.81 -4.62 -36.05
CA VAL A 273 -28.70 -3.34 -35.35
C VAL A 273 -27.75 -2.40 -36.06
N GLY A 274 -26.54 -2.88 -36.31
CA GLY A 274 -25.55 -2.06 -36.98
C GLY A 274 -24.43 -1.79 -36.00
N ASN A 275 -23.59 -0.82 -36.30
CA ASN A 275 -22.49 -0.47 -35.43
C ASN A 275 -22.99 0.47 -34.32
N ILE A 276 -22.73 0.12 -33.07
CA ILE A 276 -23.12 0.99 -31.97
C ILE A 276 -21.91 1.42 -31.15
N TYR A 277 -20.78 1.57 -31.85
CA TYR A 277 -19.50 1.99 -31.27
C TYR A 277 -19.09 1.27 -29.98
N THR A 278 -19.02 2.00 -28.87
CA THR A 278 -18.60 1.41 -27.60
C THR A 278 -19.40 0.20 -27.17
N GLY A 279 -20.64 0.09 -27.64
CA GLY A 279 -21.45 -1.06 -27.24
C GLY A 279 -21.39 -2.29 -28.13
N SER A 280 -20.79 -2.17 -29.32
CA SER A 280 -20.73 -3.28 -30.26
C SER A 280 -20.18 -4.58 -29.70
N LEU A 281 -19.00 -4.51 -29.10
CA LEU A 281 -18.39 -5.71 -28.54
C LEU A 281 -19.29 -6.38 -27.51
N TYR A 282 -19.91 -5.58 -26.67
CA TYR A 282 -20.74 -6.14 -25.62
C TYR A 282 -22.10 -6.62 -26.12
N LEU A 283 -22.57 -6.07 -27.24
CA LEU A 283 -23.83 -6.55 -27.83
C LEU A 283 -23.51 -7.93 -28.39
N SER A 284 -22.34 -8.07 -29.00
CA SER A 284 -21.90 -9.36 -29.57
C SER A 284 -21.75 -10.39 -28.46
N LEU A 285 -21.25 -9.95 -27.31
CA LEU A 285 -21.10 -10.86 -26.16
C LEU A 285 -22.48 -11.38 -25.75
N ILE A 286 -23.47 -10.50 -25.70
CA ILE A 286 -24.83 -10.90 -25.33
C ILE A 286 -25.33 -11.93 -26.35
N SER A 287 -25.10 -11.63 -27.63
CA SER A 287 -25.52 -12.52 -28.73
C SER A 287 -24.90 -13.91 -28.59
N LEU A 288 -23.60 -13.93 -28.27
CA LEU A 288 -22.87 -15.18 -28.10
C LEU A 288 -23.44 -16.02 -26.96
N LEU A 289 -23.63 -15.40 -25.81
CA LEU A 289 -24.14 -16.08 -24.62
C LEU A 289 -25.55 -16.63 -24.77
N GLU A 290 -26.39 -15.92 -25.52
CA GLU A 290 -27.77 -16.36 -25.69
C GLU A 290 -27.94 -17.33 -26.85
N ASN A 291 -27.24 -17.10 -27.96
CA ASN A 291 -27.36 -17.95 -29.13
C ASN A 291 -26.53 -19.23 -29.15
N ARG A 292 -25.48 -19.29 -28.33
CA ARG A 292 -24.65 -20.48 -28.28
C ARG A 292 -24.90 -21.14 -26.94
N ASP A 293 -24.51 -22.41 -26.81
CA ASP A 293 -24.71 -23.09 -25.55
C ASP A 293 -23.40 -23.49 -24.89
N LEU A 294 -22.58 -22.48 -24.61
CA LEU A 294 -21.29 -22.68 -23.96
C LEU A 294 -21.51 -23.26 -22.56
N GLN A 295 -20.57 -24.05 -22.10
CA GLN A 295 -20.65 -24.68 -20.80
C GLN A 295 -19.90 -23.89 -19.72
N ALA A 296 -20.38 -23.98 -18.49
CA ALA A 296 -19.75 -23.29 -17.37
C ALA A 296 -18.28 -23.67 -17.34
N GLY A 297 -17.43 -22.72 -16.96
CA GLY A 297 -16.01 -23.00 -16.89
C GLY A 297 -15.27 -22.77 -18.20
N GLU A 298 -16.00 -22.69 -19.31
CA GLU A 298 -15.34 -22.45 -20.59
C GLU A 298 -14.90 -21.00 -20.68
N THR A 299 -13.80 -20.76 -21.38
CA THR A 299 -13.25 -19.42 -21.51
C THR A 299 -13.52 -18.74 -22.86
N ILE A 300 -13.86 -17.45 -22.77
CA ILE A 300 -14.12 -16.66 -23.95
C ILE A 300 -13.00 -15.62 -24.03
N GLY A 301 -12.52 -15.36 -25.24
CA GLY A 301 -11.49 -14.36 -25.43
C GLY A 301 -12.14 -13.14 -26.07
N LEU A 302 -11.89 -11.95 -25.53
CA LEU A 302 -12.50 -10.75 -26.07
C LEU A 302 -11.52 -9.73 -26.61
N PHE A 303 -11.84 -9.16 -27.77
CA PHE A 303 -10.97 -8.14 -28.33
C PHE A 303 -11.75 -6.85 -28.48
N SER A 304 -11.29 -5.81 -27.80
CA SER A 304 -11.93 -4.50 -27.84
C SER A 304 -11.07 -3.58 -28.70
N TYR A 305 -11.69 -2.80 -29.58
CA TYR A 305 -10.92 -1.91 -30.43
C TYR A 305 -11.50 -0.51 -30.47
N GLY A 306 -10.61 0.47 -30.58
CA GLY A 306 -10.99 1.86 -30.68
C GLY A 306 -10.06 2.51 -31.68
N SER A 307 -10.62 3.24 -32.65
CA SER A 307 -9.81 3.91 -33.67
C SER A 307 -8.92 4.95 -33.00
N GLY A 308 -7.78 5.25 -33.63
CA GLY A 308 -6.90 6.25 -33.05
C GLY A 308 -5.45 5.91 -32.77
N SER A 309 -5.13 4.71 -32.29
CA SER A 309 -6.08 3.65 -31.98
C SER A 309 -5.58 2.90 -30.73
N VAL A 310 -6.48 2.16 -30.09
CA VAL A 310 -6.16 1.37 -28.90
C VAL A 310 -6.92 0.05 -28.98
N GLY A 311 -6.22 -1.05 -28.73
CA GLY A 311 -6.85 -2.35 -28.75
C GLY A 311 -6.52 -3.11 -27.47
N GLU A 312 -7.45 -3.93 -26.99
CA GLU A 312 -7.22 -4.71 -25.78
C GLU A 312 -7.79 -6.10 -25.91
N PHE A 313 -7.00 -7.10 -25.53
CA PHE A 313 -7.45 -8.47 -25.57
C PHE A 313 -7.46 -9.01 -24.16
N TYR A 314 -8.58 -9.61 -23.75
CA TYR A 314 -8.68 -10.19 -22.41
C TYR A 314 -9.61 -11.38 -22.45
N SER A 315 -9.70 -12.11 -21.33
CA SER A 315 -10.58 -13.27 -21.30
C SER A 315 -11.49 -13.24 -20.08
N ALA A 316 -12.55 -14.04 -20.15
CA ALA A 316 -13.53 -14.14 -19.08
C ALA A 316 -13.97 -15.60 -19.03
N THR A 317 -14.43 -16.05 -17.88
CA THR A 317 -14.87 -17.44 -17.72
C THR A 317 -16.33 -17.52 -17.34
N LEU A 318 -17.06 -18.41 -18.00
CA LEU A 318 -18.49 -18.59 -17.74
C LEU A 318 -18.78 -19.15 -16.36
N VAL A 319 -19.77 -18.56 -15.69
CA VAL A 319 -20.17 -18.98 -14.37
C VAL A 319 -21.23 -20.08 -14.46
N GLU A 320 -21.16 -21.05 -13.56
CA GLU A 320 -22.15 -22.13 -13.57
C GLU A 320 -23.54 -21.54 -13.38
N GLY A 321 -24.49 -21.99 -14.19
CA GLY A 321 -25.85 -21.50 -14.11
C GLY A 321 -26.13 -20.15 -14.77
N TYR A 322 -25.18 -19.66 -15.56
CA TYR A 322 -25.35 -18.37 -16.23
C TYR A 322 -26.58 -18.25 -17.14
N LYS A 323 -26.98 -19.33 -17.80
CA LYS A 323 -28.15 -19.28 -18.69
C LYS A 323 -29.41 -18.76 -18.02
N ASP A 324 -29.54 -19.02 -16.71
CA ASP A 324 -30.71 -18.58 -15.96
C ASP A 324 -30.70 -17.08 -15.68
N HIS A 325 -29.58 -16.43 -15.96
CA HIS A 325 -29.45 -15.00 -15.70
C HIS A 325 -29.44 -14.12 -16.95
N LEU A 326 -29.76 -14.72 -18.09
CA LEU A 326 -29.82 -13.99 -19.34
C LEU A 326 -31.29 -13.73 -19.68
N ASP A 327 -31.54 -12.83 -20.62
CA ASP A 327 -32.91 -12.52 -21.00
C ASP A 327 -33.10 -12.65 -22.50
N GLN A 328 -32.94 -13.88 -23.00
CA GLN A 328 -33.08 -14.11 -24.43
C GLN A 328 -34.46 -13.76 -24.96
N ALA A 329 -35.51 -14.13 -24.22
CA ALA A 329 -36.88 -13.86 -24.65
C ALA A 329 -37.15 -12.37 -24.77
N ALA A 330 -36.73 -11.59 -23.79
CA ALA A 330 -36.95 -10.15 -23.81
C ALA A 330 -36.15 -9.51 -24.94
N HIS A 331 -34.97 -10.06 -25.21
CA HIS A 331 -34.10 -9.53 -26.27
C HIS A 331 -34.67 -9.82 -27.66
N LYS A 332 -35.13 -11.05 -27.86
CA LYS A 332 -35.72 -11.42 -29.15
C LYS A 332 -36.95 -10.54 -29.36
N ALA A 333 -37.70 -10.32 -28.29
CA ALA A 333 -38.90 -9.50 -28.35
C ALA A 333 -38.55 -8.06 -28.68
N LEU A 334 -37.46 -7.56 -28.10
CA LEU A 334 -37.04 -6.19 -28.35
C LEU A 334 -36.76 -5.97 -29.83
N LEU A 335 -36.01 -6.88 -30.44
CA LEU A 335 -35.68 -6.77 -31.86
C LEU A 335 -36.88 -7.00 -32.76
N ASN A 336 -37.75 -7.93 -32.37
CA ASN A 336 -38.93 -8.23 -33.18
C ASN A 336 -40.01 -7.17 -33.14
N ASN A 337 -40.15 -6.49 -32.01
CA ASN A 337 -41.19 -5.47 -31.91
C ASN A 337 -40.86 -4.14 -32.57
N ARG A 338 -39.86 -4.13 -33.44
CA ARG A 338 -39.48 -2.90 -34.12
C ARG A 338 -40.26 -2.75 -35.41
N THR A 339 -40.40 -1.51 -35.86
CA THR A 339 -41.13 -1.20 -37.08
C THR A 339 -40.16 -0.77 -38.16
N GLU A 340 -40.30 -1.36 -39.35
CA GLU A 340 -39.44 -1.00 -40.46
C GLU A 340 -39.90 0.32 -41.04
N VAL A 341 -38.95 1.18 -41.39
CA VAL A 341 -39.27 2.46 -42.00
C VAL A 341 -38.64 2.45 -43.39
N SER A 342 -39.27 3.14 -44.33
CA SER A 342 -38.75 3.20 -45.69
C SER A 342 -37.50 4.07 -45.69
N VAL A 343 -36.74 4.02 -46.78
CA VAL A 343 -35.54 4.83 -46.84
C VAL A 343 -35.87 6.33 -46.78
N ASP A 344 -37.00 6.73 -47.35
CA ASP A 344 -37.39 8.14 -47.31
C ASP A 344 -37.63 8.58 -45.88
N ALA A 345 -38.35 7.76 -45.12
CA ALA A 345 -38.64 8.06 -43.73
C ALA A 345 -37.34 8.09 -42.92
N TYR A 346 -36.44 7.15 -43.23
CA TYR A 346 -35.15 7.07 -42.57
C TYR A 346 -34.38 8.38 -42.75
N GLU A 347 -34.39 8.90 -43.98
CA GLU A 347 -33.69 10.15 -44.25
C GLU A 347 -34.31 11.33 -43.52
N THR A 348 -35.63 11.28 -43.34
CA THR A 348 -36.32 12.36 -42.63
C THR A 348 -35.93 12.31 -41.17
N PHE A 349 -35.95 11.11 -40.59
CA PHE A 349 -35.56 10.93 -39.20
C PHE A 349 -34.12 11.39 -39.00
N PHE A 350 -33.25 11.00 -39.94
CA PHE A 350 -31.83 11.34 -39.87
C PHE A 350 -31.61 12.84 -39.84
N LYS A 351 -32.17 13.56 -40.81
CA LYS A 351 -32.00 15.01 -40.86
C LYS A 351 -32.57 15.70 -39.63
N ARG A 352 -33.66 15.18 -39.08
CA ARG A 352 -34.27 15.77 -37.89
C ARG A 352 -33.37 15.56 -36.66
N PHE A 353 -32.70 14.42 -36.60
CA PHE A 353 -31.82 14.12 -35.48
C PHE A 353 -30.70 15.15 -35.37
N ASP A 354 -30.18 15.59 -36.52
CA ASP A 354 -29.10 16.57 -36.57
C ASP A 354 -29.43 17.86 -35.83
N ASP A 355 -30.65 18.34 -35.98
CA ASP A 355 -31.06 19.59 -35.34
C ASP A 355 -31.99 19.38 -34.15
N VAL A 356 -32.08 18.13 -33.68
CA VAL A 356 -32.95 17.81 -32.55
C VAL A 356 -34.31 18.50 -32.70
N GLU A 357 -34.94 18.31 -33.86
CA GLU A 357 -36.25 18.91 -34.13
C GLU A 357 -37.33 17.91 -33.68
N PHE A 358 -37.97 18.21 -32.56
CA PHE A 358 -39.02 17.36 -32.00
C PHE A 358 -40.27 17.26 -32.86
N ASP A 359 -40.88 16.08 -32.86
CA ASP A 359 -42.10 15.79 -33.62
C ASP A 359 -42.84 14.65 -32.93
N GLU A 360 -43.73 15.00 -32.01
CA GLU A 360 -44.48 14.01 -31.25
C GLU A 360 -45.17 12.94 -32.11
N GLU A 361 -45.65 13.34 -33.28
CA GLU A 361 -46.34 12.40 -34.15
C GLU A 361 -45.40 11.48 -34.92
N GLN A 362 -44.35 12.04 -35.50
CA GLN A 362 -43.40 11.26 -36.27
C GLN A 362 -42.60 10.29 -35.39
N ASP A 363 -42.26 10.73 -34.18
CA ASP A 363 -41.54 9.87 -33.26
C ASP A 363 -42.52 8.99 -32.49
N ALA A 364 -43.81 9.24 -32.70
CA ALA A 364 -44.88 8.47 -32.05
C ALA A 364 -44.59 8.22 -30.57
N VAL A 365 -44.47 9.31 -29.79
CA VAL A 365 -44.16 9.21 -28.37
C VAL A 365 -45.25 8.56 -27.51
N HIS A 366 -46.48 8.56 -28.00
CA HIS A 366 -47.57 7.98 -27.23
C HIS A 366 -47.31 6.49 -27.00
N GLU A 367 -46.55 5.87 -27.91
CA GLU A 367 -46.24 4.44 -27.78
C GLU A 367 -45.13 4.19 -26.76
N ASP A 368 -44.42 5.24 -26.38
CA ASP A 368 -43.29 5.13 -25.45
C ASP A 368 -43.59 5.33 -23.97
N ARG A 369 -44.78 4.98 -23.53
CA ARG A 369 -45.16 5.16 -22.14
C ARG A 369 -44.35 4.37 -21.11
N HIS A 370 -43.78 3.23 -21.51
CA HIS A 370 -43.02 2.41 -20.55
C HIS A 370 -41.50 2.57 -20.62
N ILE A 371 -41.02 3.56 -21.37
CA ILE A 371 -39.58 3.79 -21.46
C ILE A 371 -39.19 5.24 -21.22
N PHE A 372 -37.89 5.47 -21.07
CA PHE A 372 -37.35 6.80 -20.89
C PHE A 372 -37.22 7.37 -22.29
N TYR A 373 -37.39 8.69 -22.43
CA TYR A 373 -37.20 9.33 -23.73
C TYR A 373 -37.05 10.83 -23.56
N LEU A 374 -36.39 11.47 -24.52
CA LEU A 374 -36.16 12.91 -24.49
C LEU A 374 -37.47 13.57 -24.88
N SER A 375 -38.11 14.24 -23.92
CA SER A 375 -39.40 14.89 -24.17
C SER A 375 -39.29 16.32 -24.68
N ASN A 376 -38.20 17.01 -24.35
CA ASN A 376 -38.04 18.38 -24.80
C ASN A 376 -36.76 19.03 -24.29
N ILE A 377 -36.45 20.20 -24.83
CA ILE A 377 -35.28 20.96 -24.44
C ILE A 377 -35.70 22.40 -24.20
N GLU A 378 -35.62 22.85 -22.95
CA GLU A 378 -36.01 24.20 -22.58
C GLU A 378 -34.81 24.92 -21.97
N ASN A 379 -34.40 26.02 -22.59
CA ASN A 379 -33.26 26.80 -22.11
C ASN A 379 -31.99 25.96 -22.02
N ASN A 380 -31.71 25.21 -23.08
CA ASN A 380 -30.52 24.37 -23.16
C ASN A 380 -30.44 23.26 -22.13
N VAL A 381 -31.59 22.92 -21.55
CA VAL A 381 -31.66 21.85 -20.56
C VAL A 381 -32.60 20.77 -21.08
N ARG A 382 -32.09 19.55 -21.17
CA ARG A 382 -32.87 18.43 -21.67
C ARG A 382 -33.80 17.86 -20.61
N GLU A 383 -35.06 17.65 -21.01
CA GLU A 383 -36.09 17.10 -20.13
C GLU A 383 -36.42 15.68 -20.59
N TYR A 384 -36.53 14.74 -19.66
CA TYR A 384 -36.82 13.36 -20.01
C TYR A 384 -38.11 12.81 -19.40
N HIS A 385 -38.80 12.00 -20.18
CA HIS A 385 -40.02 11.34 -19.73
C HIS A 385 -39.60 10.04 -19.05
N ARG A 386 -40.22 9.73 -17.93
CA ARG A 386 -39.89 8.50 -17.21
C ARG A 386 -40.99 7.46 -17.41
N PRO A 387 -40.65 6.18 -17.29
CA PRO A 387 -41.63 5.09 -17.46
C PRO A 387 -42.84 5.33 -16.55
N GLU A 388 -44.03 5.13 -17.10
CA GLU A 388 -45.27 5.34 -16.34
C GLU A 388 -45.27 4.55 -15.04
N LEU A 389 -44.65 3.36 -15.05
CA LEU A 389 -44.60 2.51 -13.86
C LEU A 389 -43.90 3.18 -12.68
N GLU A 390 -43.52 4.45 -12.84
CA GLU A 390 -42.84 5.20 -11.80
C GLU A 390 -43.71 6.37 -11.33
N ALA B 2 2.38 1.24 -0.03
CA ALA B 2 1.44 2.37 -0.34
C ALA B 2 1.51 2.73 -1.82
N ILE B 3 0.47 3.41 -2.29
CA ILE B 3 0.34 3.84 -3.66
C ILE B 3 -0.11 5.30 -3.67
N GLY B 4 0.50 6.11 -4.53
CA GLY B 4 0.10 7.50 -4.58
C GLY B 4 0.86 8.30 -5.62
N ILE B 5 0.88 9.61 -5.41
CA ILE B 5 1.55 10.53 -6.32
C ILE B 5 3.06 10.47 -6.12
N ASP B 6 3.76 9.97 -7.13
CA ASP B 6 5.20 9.83 -7.08
C ASP B 6 5.89 11.06 -7.65
N LYS B 7 5.25 11.70 -8.64
CA LYS B 7 5.78 12.89 -9.29
C LYS B 7 4.59 13.76 -9.70
N ILE B 8 4.78 15.07 -9.71
CA ILE B 8 3.71 15.97 -10.09
C ILE B 8 4.34 17.24 -10.65
N ASN B 9 3.74 17.79 -11.69
CA ASN B 9 4.27 18.99 -12.33
C ASN B 9 3.17 19.69 -13.11
N PHE B 10 3.34 20.99 -13.36
CA PHE B 10 2.34 21.69 -14.13
C PHE B 10 2.95 22.56 -15.21
N TYR B 11 2.11 22.97 -16.15
CA TYR B 11 2.54 23.83 -17.23
C TYR B 11 1.44 24.84 -17.50
N VAL B 12 1.85 26.08 -17.78
CA VAL B 12 0.90 27.14 -18.13
C VAL B 12 1.54 27.86 -19.32
N PRO B 13 0.73 28.43 -20.22
CA PRO B 13 1.28 29.15 -21.38
C PRO B 13 2.18 30.32 -21.01
N LYS B 14 3.01 30.76 -21.95
CA LYS B 14 3.97 31.83 -21.69
C LYS B 14 3.46 33.26 -21.53
N TYR B 15 2.16 33.48 -21.67
CA TYR B 15 1.60 34.82 -21.52
C TYR B 15 0.56 34.92 -20.41
N TYR B 16 0.38 36.14 -19.93
CA TYR B 16 -0.63 36.43 -18.91
C TYR B 16 -1.07 37.88 -19.05
N VAL B 17 -2.25 38.18 -18.51
CA VAL B 17 -2.77 39.54 -18.52
C VAL B 17 -2.96 39.93 -17.07
N ASP B 18 -2.52 41.14 -16.71
CA ASP B 18 -2.65 41.62 -15.35
C ASP B 18 -4.12 41.87 -15.01
N MET B 19 -4.57 41.34 -13.88
CA MET B 19 -5.98 41.50 -13.49
C MET B 19 -6.40 42.96 -13.26
N ALA B 20 -5.49 43.77 -12.72
CA ALA B 20 -5.80 45.18 -12.49
C ALA B 20 -6.02 45.88 -13.82
N LYS B 21 -5.25 45.50 -14.83
CA LYS B 21 -5.37 46.09 -16.17
C LYS B 21 -6.70 45.65 -16.80
N LEU B 22 -7.04 44.37 -16.63
CA LEU B 22 -8.27 43.84 -17.18
C LEU B 22 -9.45 44.59 -16.56
N ALA B 23 -9.35 44.85 -15.26
CA ALA B 23 -10.39 45.57 -14.54
C ALA B 23 -10.59 46.94 -15.18
N GLU B 24 -9.50 47.66 -15.38
CA GLU B 24 -9.53 48.99 -15.97
C GLU B 24 -10.24 48.96 -17.32
N ALA B 25 -9.97 47.93 -18.12
CA ALA B 25 -10.58 47.80 -19.43
C ALA B 25 -12.04 47.38 -19.34
N ARG B 26 -12.44 46.82 -18.21
CA ARG B 26 -13.82 46.38 -18.02
C ARG B 26 -14.61 47.39 -17.19
N GLN B 27 -13.97 48.49 -16.84
CA GLN B 27 -14.61 49.56 -16.07
C GLN B 27 -15.07 49.14 -14.67
N VAL B 28 -14.20 48.47 -13.93
CA VAL B 28 -14.52 48.06 -12.57
C VAL B 28 -13.31 48.31 -11.67
N ASP B 29 -13.56 48.43 -10.37
CA ASP B 29 -12.50 48.66 -9.42
C ASP B 29 -11.55 47.46 -9.43
N PRO B 30 -10.25 47.70 -9.65
CA PRO B 30 -9.27 46.61 -9.68
C PRO B 30 -9.43 45.66 -8.49
N ASN B 31 -9.66 46.22 -7.31
CA ASN B 31 -9.84 45.41 -6.10
C ASN B 31 -10.98 44.42 -6.22
N LYS B 32 -11.95 44.70 -7.09
CA LYS B 32 -13.06 43.77 -7.27
C LYS B 32 -12.46 42.45 -7.71
N PHE B 33 -11.52 42.52 -8.65
CA PHE B 33 -10.87 41.33 -9.18
C PHE B 33 -9.80 40.83 -8.22
N LEU B 34 -8.92 41.72 -7.79
CA LEU B 34 -7.83 41.36 -6.88
C LEU B 34 -8.28 40.80 -5.54
N ILE B 35 -9.35 41.38 -5.00
CA ILE B 35 -9.86 40.97 -3.69
C ILE B 35 -11.24 40.32 -3.80
N GLY B 36 -12.11 40.90 -4.62
CA GLY B 36 -13.44 40.36 -4.78
C GLY B 36 -13.41 38.90 -5.18
N ILE B 37 -12.84 38.62 -6.35
CA ILE B 37 -12.74 37.23 -6.83
C ILE B 37 -11.42 36.61 -6.37
N GLY B 38 -10.46 37.46 -6.01
CA GLY B 38 -9.17 36.97 -5.52
C GLY B 38 -8.17 36.45 -6.55
N GLN B 39 -8.08 37.10 -7.70
CA GLN B 39 -7.14 36.70 -8.76
C GLN B 39 -6.20 37.85 -9.11
N THR B 40 -4.93 37.54 -9.37
CA THR B 40 -3.94 38.56 -9.68
C THR B 40 -3.50 38.60 -11.14
N GLU B 41 -3.22 37.44 -11.73
CA GLU B 41 -2.82 37.36 -13.14
C GLU B 41 -3.55 36.21 -13.81
N MET B 42 -3.98 36.42 -15.05
CA MET B 42 -4.71 35.43 -15.82
C MET B 42 -3.90 34.84 -16.97
N ALA B 43 -3.83 33.52 -17.05
CA ALA B 43 -3.09 32.87 -18.14
C ALA B 43 -3.77 33.16 -19.47
N VAL B 44 -2.97 33.46 -20.49
CA VAL B 44 -3.47 33.74 -21.83
C VAL B 44 -2.89 32.67 -22.76
N SER B 45 -3.76 32.02 -23.53
CA SER B 45 -3.35 30.96 -24.44
C SER B 45 -2.97 31.38 -25.86
N PRO B 46 -1.73 31.10 -26.28
CA PRO B 46 -1.39 31.48 -27.64
C PRO B 46 -1.97 30.31 -28.45
N VAL B 47 -2.22 30.52 -29.74
CA VAL B 47 -2.78 29.46 -30.58
C VAL B 47 -1.93 28.19 -30.68
N ASN B 48 -0.62 28.31 -30.50
CA ASN B 48 0.27 27.14 -30.62
C ASN B 48 0.32 26.24 -29.39
N GLN B 49 -0.58 26.48 -28.43
CA GLN B 49 -0.67 25.63 -27.24
C GLN B 49 -2.09 25.10 -27.10
N ASP B 50 -2.28 23.81 -27.33
CA ASP B 50 -3.61 23.24 -27.16
C ASP B 50 -3.52 22.27 -25.99
N ILE B 51 -4.64 21.65 -25.62
CA ILE B 51 -4.62 20.74 -24.50
C ILE B 51 -3.61 19.61 -24.66
N VAL B 52 -3.36 19.20 -25.90
CA VAL B 52 -2.41 18.13 -26.16
C VAL B 52 -0.98 18.58 -25.88
N SER B 53 -0.60 19.76 -26.38
CA SER B 53 0.76 20.25 -26.15
C SER B 53 0.97 20.68 -24.70
N MET B 54 -0.04 21.26 -24.08
CA MET B 54 0.13 21.66 -22.68
C MET B 54 0.29 20.44 -21.81
N GLY B 55 -0.47 19.39 -22.13
CA GLY B 55 -0.41 18.16 -21.35
C GLY B 55 0.94 17.48 -21.47
N ALA B 56 1.46 17.43 -22.70
CA ALA B 56 2.76 16.81 -22.94
C ALA B 56 3.85 17.62 -22.23
N ASN B 57 3.76 18.95 -22.30
CA ASN B 57 4.75 19.79 -21.66
C ASN B 57 4.75 19.61 -20.13
N ALA B 58 3.58 19.35 -19.57
CA ALA B 58 3.49 19.16 -18.13
C ALA B 58 4.10 17.83 -17.72
N ALA B 59 3.99 16.82 -18.58
CA ALA B 59 4.50 15.50 -18.28
C ALA B 59 5.95 15.21 -18.67
N LYS B 60 6.46 15.91 -19.69
CA LYS B 60 7.81 15.65 -20.16
C LYS B 60 8.90 15.76 -19.10
N ASP B 61 8.78 16.71 -18.18
CA ASP B 61 9.81 16.87 -17.18
C ASP B 61 9.75 15.88 -16.01
N ILE B 62 8.72 15.03 -15.95
CA ILE B 62 8.64 14.07 -14.86
C ILE B 62 8.66 12.61 -15.27
N ILE B 63 8.88 12.32 -16.55
CA ILE B 63 8.94 10.93 -16.95
C ILE B 63 10.35 10.61 -17.47
N THR B 64 10.96 9.60 -16.87
CA THR B 64 12.31 9.19 -17.25
C THR B 64 12.24 8.06 -18.27
N ASP B 65 13.39 7.66 -18.81
CA ASP B 65 13.43 6.59 -19.79
C ASP B 65 12.86 5.31 -19.17
N GLU B 66 13.12 5.14 -17.88
CA GLU B 66 12.61 3.96 -17.16
C GLU B 66 11.10 4.04 -17.04
N ASP B 67 10.58 5.23 -16.77
CA ASP B 67 9.14 5.42 -16.64
C ASP B 67 8.44 5.06 -17.94
N LYS B 68 9.06 5.40 -19.06
CA LYS B 68 8.46 5.11 -20.37
C LYS B 68 8.23 3.62 -20.56
N LYS B 69 8.98 2.80 -19.84
CA LYS B 69 8.82 1.37 -19.96
C LYS B 69 7.84 0.82 -18.94
N LYS B 70 7.65 1.53 -17.84
CA LYS B 70 6.77 1.06 -16.78
C LYS B 70 5.34 1.61 -16.73
N ILE B 71 5.05 2.63 -17.53
CA ILE B 71 3.71 3.19 -17.55
C ILE B 71 2.72 2.29 -18.30
N GLY B 72 1.71 1.80 -17.56
CA GLY B 72 0.71 0.92 -18.15
C GLY B 72 -0.58 1.59 -18.58
N MET B 73 -0.81 2.83 -18.13
CA MET B 73 -2.01 3.59 -18.50
C MET B 73 -1.70 5.07 -18.60
N VAL B 74 -2.37 5.74 -19.53
CA VAL B 74 -2.23 7.17 -19.73
C VAL B 74 -3.68 7.67 -19.77
N ILE B 75 -4.05 8.45 -18.77
CA ILE B 75 -5.41 8.98 -18.69
C ILE B 75 -5.40 10.50 -18.75
N VAL B 76 -6.19 11.06 -19.66
CA VAL B 76 -6.27 12.51 -19.77
C VAL B 76 -7.66 12.95 -19.31
N ALA B 77 -7.69 13.86 -18.34
CA ALA B 77 -8.95 14.40 -17.83
C ALA B 77 -9.09 15.77 -18.46
N THR B 78 -10.22 16.03 -19.09
CA THR B 78 -10.42 17.34 -19.71
C THR B 78 -11.88 17.57 -20.05
N GLU B 79 -12.24 18.84 -20.21
CA GLU B 79 -13.59 19.21 -20.61
C GLU B 79 -13.39 20.24 -21.72
N SER B 80 -12.21 20.19 -22.32
CA SER B 80 -11.82 21.09 -23.41
C SER B 80 -11.28 20.23 -24.54
N ALA B 81 -11.91 19.08 -24.79
CA ALA B 81 -11.46 18.16 -25.83
C ALA B 81 -11.44 18.78 -27.22
N VAL B 82 -10.56 18.26 -28.08
CA VAL B 82 -10.44 18.75 -29.45
C VAL B 82 -10.98 17.73 -30.45
N ASP B 83 -11.32 16.54 -29.97
CA ASP B 83 -11.86 15.49 -30.83
C ASP B 83 -12.97 14.79 -30.05
N ALA B 84 -14.04 14.42 -30.75
CA ALA B 84 -15.17 13.76 -30.12
C ALA B 84 -15.02 12.24 -30.03
N ALA B 85 -14.00 11.71 -30.69
CA ALA B 85 -13.78 10.27 -30.68
C ALA B 85 -12.40 9.88 -30.21
N LYS B 86 -11.37 10.43 -30.86
CA LYS B 86 -9.99 10.13 -30.52
C LYS B 86 -9.54 10.77 -29.21
N ALA B 87 -9.20 9.95 -28.22
CA ALA B 87 -8.74 10.44 -26.92
C ALA B 87 -7.40 11.16 -27.05
N ALA B 88 -7.27 12.33 -26.43
CA ALA B 88 -6.02 13.07 -26.49
C ALA B 88 -4.89 12.25 -25.87
N ALA B 89 -5.24 11.26 -25.05
CA ALA B 89 -4.23 10.43 -24.40
C ALA B 89 -3.40 9.66 -25.42
N VAL B 90 -4.00 9.36 -26.58
CA VAL B 90 -3.27 8.65 -27.62
C VAL B 90 -2.13 9.52 -28.14
N GLN B 91 -2.42 10.78 -28.47
CA GLN B 91 -1.40 11.68 -29.00
C GLN B 91 -0.28 11.93 -27.99
N ILE B 92 -0.66 12.13 -26.74
CA ILE B 92 0.33 12.38 -25.69
C ILE B 92 1.19 11.13 -25.46
N HIS B 93 0.58 9.96 -25.56
CA HIS B 93 1.30 8.69 -25.39
C HIS B 93 2.37 8.61 -26.48
N ASN B 94 1.99 9.03 -27.68
CA ASN B 94 2.89 9.02 -28.83
C ASN B 94 4.00 10.04 -28.63
N LEU B 95 3.62 11.28 -28.37
CA LEU B 95 4.59 12.35 -28.16
C LEU B 95 5.61 12.07 -27.07
N LEU B 96 5.18 11.47 -25.98
CA LEU B 96 6.08 11.18 -24.88
C LEU B 96 6.93 9.91 -25.05
N GLY B 97 6.67 9.14 -26.10
CA GLY B 97 7.45 7.93 -26.34
C GLY B 97 7.24 6.80 -25.35
N ILE B 98 6.03 6.67 -24.83
CA ILE B 98 5.72 5.62 -23.87
C ILE B 98 5.58 4.26 -24.54
N GLN B 99 5.98 3.19 -23.85
CA GLN B 99 5.89 1.84 -24.42
C GLN B 99 4.47 1.56 -24.91
N PRO B 100 4.34 0.86 -26.04
CA PRO B 100 3.10 0.48 -26.73
C PRO B 100 2.00 -0.30 -26.00
N PHE B 101 2.37 -1.17 -25.08
CA PHE B 101 1.36 -1.96 -24.38
C PHE B 101 0.74 -1.21 -23.20
N ALA B 102 -0.06 -0.20 -23.52
CA ALA B 102 -0.72 0.62 -22.51
C ALA B 102 -2.13 1.04 -22.93
N ARG B 103 -2.98 1.31 -21.95
CA ARG B 103 -4.33 1.77 -22.21
C ARG B 103 -4.30 3.29 -22.21
N CYS B 104 -4.98 3.90 -23.16
CA CYS B 104 -5.04 5.35 -23.26
C CYS B 104 -6.51 5.74 -23.47
N PHE B 105 -6.97 6.69 -22.68
CA PHE B 105 -8.35 7.14 -22.79
C PHE B 105 -8.58 8.43 -22.00
N GLU B 106 -9.72 9.08 -22.27
CA GLU B 106 -10.09 10.33 -21.60
C GLU B 106 -11.21 10.07 -20.60
N MET B 107 -11.25 10.89 -19.55
CA MET B 107 -12.31 10.83 -18.55
C MET B 107 -12.92 12.22 -18.52
N LYS B 108 -14.24 12.30 -18.34
CA LYS B 108 -14.92 13.58 -18.34
C LYS B 108 -16.07 13.71 -17.33
N GLU B 109 -16.11 14.87 -16.68
CA GLU B 109 -17.17 15.23 -15.73
C GLU B 109 -16.78 16.60 -15.22
N ALA B 110 -16.82 17.58 -16.10
CA ALA B 110 -16.46 18.94 -15.74
C ALA B 110 -15.06 18.96 -15.12
N CYS B 111 -14.89 19.70 -14.01
CA CYS B 111 -13.59 19.83 -13.35
C CYS B 111 -13.30 18.73 -12.33
N TYR B 112 -14.12 17.70 -12.30
CA TYR B 112 -13.97 16.62 -11.35
C TYR B 112 -13.14 15.43 -11.86
N ALA B 113 -13.06 15.28 -13.19
CA ALA B 113 -12.41 14.15 -13.84
C ALA B 113 -11.02 13.64 -13.44
N ALA B 114 -10.11 14.51 -13.02
CA ALA B 114 -8.79 14.02 -12.66
C ALA B 114 -8.83 13.16 -11.40
N THR B 115 -9.80 13.41 -10.52
CA THR B 115 -9.90 12.66 -9.27
C THR B 115 -10.21 11.18 -9.46
N PRO B 116 -11.26 10.86 -10.24
CA PRO B 116 -11.50 9.43 -10.40
C PRO B 116 -10.35 8.79 -11.16
N ALA B 117 -9.66 9.59 -11.98
CA ALA B 117 -8.53 9.09 -12.74
C ALA B 117 -7.40 8.61 -11.81
N ILE B 118 -7.01 9.42 -10.83
CA ILE B 118 -5.94 8.98 -9.94
C ILE B 118 -6.42 7.92 -8.95
N GLN B 119 -7.68 8.01 -8.51
CA GLN B 119 -8.21 7.04 -7.57
C GLN B 119 -8.28 5.66 -8.22
N LEU B 120 -8.78 5.60 -9.46
CA LEU B 120 -8.87 4.33 -10.18
C LEU B 120 -7.49 3.85 -10.60
N ALA B 121 -6.59 4.80 -10.85
CA ALA B 121 -5.22 4.45 -11.22
C ALA B 121 -4.62 3.67 -10.05
N LYS B 122 -4.91 4.14 -8.83
CA LYS B 122 -4.42 3.49 -7.62
C LYS B 122 -4.98 2.06 -7.54
N ASP B 123 -6.27 1.92 -7.81
CA ASP B 123 -6.92 0.61 -7.78
C ASP B 123 -6.31 -0.33 -8.82
N TYR B 124 -6.04 0.20 -10.02
CA TYR B 124 -5.42 -0.57 -11.09
C TYR B 124 -4.03 -1.07 -10.67
N LEU B 125 -3.29 -0.23 -9.96
CA LEU B 125 -1.93 -0.57 -9.53
C LEU B 125 -1.82 -1.54 -8.35
N ALA B 126 -2.91 -1.77 -7.64
CA ALA B 126 -2.88 -2.68 -6.49
C ALA B 126 -2.11 -3.97 -6.78
N THR B 127 -2.44 -4.63 -7.89
CA THR B 127 -1.82 -5.88 -8.27
C THR B 127 -0.64 -5.75 -9.23
N ARG B 128 -0.15 -4.54 -9.44
CA ARG B 128 0.97 -4.31 -10.35
C ARG B 128 2.04 -3.43 -9.72
N PRO B 129 2.81 -3.99 -8.79
CA PRO B 129 3.87 -3.25 -8.09
C PRO B 129 4.96 -2.61 -8.95
N ASN B 130 5.15 -3.11 -10.17
CA ASN B 130 6.18 -2.55 -11.03
C ASN B 130 5.66 -1.69 -12.18
N GLU B 131 4.39 -1.30 -12.10
CA GLU B 131 3.81 -0.45 -13.15
C GLU B 131 3.49 0.94 -12.59
N LYS B 132 3.31 1.88 -13.51
CA LYS B 132 2.98 3.25 -13.14
C LYS B 132 1.83 3.72 -14.02
N VAL B 133 1.18 4.80 -13.62
CA VAL B 133 0.09 5.38 -14.39
C VAL B 133 0.33 6.88 -14.55
N LEU B 134 0.18 7.39 -15.77
CA LEU B 134 0.36 8.81 -16.01
C LEU B 134 -1.03 9.43 -16.11
N VAL B 135 -1.33 10.39 -15.25
CA VAL B 135 -2.63 11.07 -15.30
C VAL B 135 -2.35 12.53 -15.63
N ILE B 136 -3.08 13.07 -16.60
CA ILE B 136 -2.90 14.45 -17.03
C ILE B 136 -4.20 15.24 -17.05
N ALA B 137 -4.27 16.33 -16.30
CA ALA B 137 -5.45 17.19 -16.29
C ALA B 137 -5.04 18.36 -17.17
N THR B 138 -5.80 18.61 -18.22
CA THR B 138 -5.48 19.69 -19.14
C THR B 138 -6.76 20.38 -19.64
N ASP B 139 -6.79 21.71 -19.56
CA ASP B 139 -7.98 22.46 -19.98
C ASP B 139 -7.72 23.93 -20.29
N THR B 140 -8.72 24.55 -20.92
CA THR B 140 -8.69 25.96 -21.27
C THR B 140 -10.04 26.49 -20.82
N ALA B 141 -10.06 27.21 -19.69
CA ALA B 141 -11.30 27.78 -19.19
C ALA B 141 -11.56 29.07 -19.95
N ARG B 142 -12.46 29.00 -20.93
CA ARG B 142 -12.80 30.16 -21.76
C ARG B 142 -14.28 30.49 -21.65
N TYR B 143 -14.59 31.68 -21.15
CA TYR B 143 -15.97 32.11 -20.98
C TYR B 143 -16.39 33.12 -22.04
N GLY B 144 -15.42 33.84 -22.59
CA GLY B 144 -15.72 34.82 -23.62
C GLY B 144 -15.43 36.24 -23.18
N LEU B 145 -15.10 37.10 -24.14
CA LEU B 145 -14.81 38.49 -23.83
C LEU B 145 -16.08 39.18 -23.30
N ASN B 146 -15.91 39.99 -22.26
CA ASN B 146 -17.03 40.72 -21.65
C ASN B 146 -18.07 39.84 -20.99
N SER B 147 -17.79 38.55 -20.85
CA SER B 147 -18.72 37.62 -20.20
C SER B 147 -18.63 37.78 -18.70
N GLY B 148 -19.56 37.16 -17.98
CA GLY B 148 -19.55 37.26 -16.53
C GLY B 148 -18.42 36.47 -15.90
N GLY B 149 -18.04 35.36 -16.54
CA GLY B 149 -16.97 34.53 -16.00
C GLY B 149 -15.57 34.86 -16.49
N GLU B 150 -15.48 35.79 -17.43
CA GLU B 150 -14.19 36.17 -18.00
C GLU B 150 -13.04 36.35 -17.00
N PRO B 151 -13.29 37.06 -15.89
CA PRO B 151 -12.26 37.27 -14.87
C PRO B 151 -11.68 35.99 -14.28
N THR B 152 -12.39 34.87 -14.40
CA THR B 152 -11.92 33.62 -13.82
C THR B 152 -11.24 32.67 -14.82
N GLN B 153 -11.05 33.14 -16.05
CA GLN B 153 -10.43 32.34 -17.09
C GLN B 153 -9.02 31.90 -16.78
N GLY B 154 -8.61 30.81 -17.43
CA GLY B 154 -7.26 30.31 -17.22
C GLY B 154 -6.96 29.20 -18.21
N ALA B 155 -5.73 28.71 -18.17
CA ALA B 155 -5.34 27.64 -19.06
C ALA B 155 -4.09 26.98 -18.49
N GLY B 156 -4.01 25.66 -18.64
CA GLY B 156 -2.85 24.94 -18.14
C GLY B 156 -3.08 23.45 -18.07
N ALA B 157 -2.09 22.74 -17.53
CA ALA B 157 -2.16 21.29 -17.40
C ALA B 157 -1.32 20.84 -16.22
N VAL B 158 -1.79 19.79 -15.55
CA VAL B 158 -1.08 19.23 -14.42
C VAL B 158 -0.86 17.75 -14.73
N ALA B 159 0.38 17.29 -14.55
CA ALA B 159 0.69 15.89 -14.82
C ALA B 159 1.08 15.20 -13.52
N MET B 160 0.57 14.00 -13.33
CA MET B 160 0.88 13.23 -12.12
C MET B 160 1.23 11.78 -12.45
N VAL B 161 2.29 11.29 -11.82
CA VAL B 161 2.69 9.90 -12.02
C VAL B 161 2.28 9.17 -10.74
N ILE B 162 1.40 8.17 -10.88
CA ILE B 162 0.92 7.39 -9.75
C ILE B 162 1.72 6.07 -9.74
N ALA B 163 2.19 5.68 -8.56
CA ALA B 163 2.98 4.45 -8.45
C ALA B 163 3.11 3.98 -7.01
N HIS B 164 3.65 2.77 -6.84
CA HIS B 164 3.89 2.21 -5.50
C HIS B 164 5.08 2.98 -4.94
N ASN B 165 5.25 2.94 -3.63
CA ASN B 165 6.33 3.67 -2.96
C ASN B 165 6.42 5.10 -3.50
N PRO B 166 5.30 5.85 -3.46
CA PRO B 166 5.26 7.24 -3.94
C PRO B 166 6.18 8.13 -3.13
N SER B 167 6.90 9.02 -3.81
CA SER B 167 7.83 9.92 -3.16
C SER B 167 7.19 11.15 -2.52
N ILE B 168 5.96 11.45 -2.89
CA ILE B 168 5.29 12.64 -2.36
C ILE B 168 4.06 12.40 -1.49
N LEU B 169 3.03 11.77 -2.07
CA LEU B 169 1.78 11.53 -1.34
C LEU B 169 1.22 10.14 -1.49
N ALA B 170 0.81 9.56 -0.36
CA ALA B 170 0.19 8.25 -0.37
C ALA B 170 -1.32 8.51 -0.33
N LEU B 171 -2.07 7.89 -1.24
CA LEU B 171 -3.52 8.06 -1.28
C LEU B 171 -4.16 7.07 -0.32
N ASN B 172 -5.03 7.54 0.57
CA ASN B 172 -5.68 6.65 1.52
C ASN B 172 -6.97 6.10 0.91
N GLU B 173 -7.47 5.00 1.44
CA GLU B 173 -8.70 4.41 0.92
C GLU B 173 -9.90 4.85 1.76
N ASP B 174 -10.27 6.13 1.61
CA ASP B 174 -11.38 6.69 2.39
C ASP B 174 -12.22 7.65 1.55
N ALA B 175 -12.04 7.62 0.24
CA ALA B 175 -12.76 8.54 -0.62
C ALA B 175 -14.27 8.29 -0.64
N VAL B 176 -15.03 9.38 -0.66
CA VAL B 176 -16.49 9.30 -0.72
C VAL B 176 -16.99 10.38 -1.68
N ALA B 177 -17.85 10.00 -2.62
CA ALA B 177 -18.37 10.95 -3.58
C ALA B 177 -19.85 11.22 -3.38
N TYR B 178 -20.33 12.31 -3.95
CA TYR B 178 -21.72 12.73 -3.84
C TYR B 178 -22.19 13.33 -5.17
N THR B 179 -23.20 12.72 -5.78
CA THR B 179 -23.72 13.21 -7.05
C THR B 179 -25.12 13.77 -6.90
N GLU B 180 -25.39 14.90 -7.55
CA GLU B 180 -26.69 15.55 -7.53
C GLU B 180 -26.86 16.28 -8.86
N ASP B 181 -27.90 15.93 -9.60
CA ASP B 181 -28.18 16.53 -10.91
C ASP B 181 -28.59 17.99 -10.77
N VAL B 182 -27.72 18.90 -11.22
CA VAL B 182 -28.00 20.33 -11.17
C VAL B 182 -27.42 21.03 -12.40
N TYR B 183 -28.06 22.12 -12.81
CA TYR B 183 -27.58 22.86 -13.97
C TYR B 183 -26.92 24.19 -13.63
N ASP B 184 -25.81 24.12 -12.90
CA ASP B 184 -25.07 25.31 -12.50
C ASP B 184 -24.07 25.73 -13.60
N PHE B 185 -23.56 24.75 -14.34
CA PHE B 185 -22.57 25.02 -15.37
C PHE B 185 -22.57 23.84 -16.32
N TRP B 186 -22.74 24.11 -17.61
CA TRP B 186 -22.74 23.05 -18.61
C TRP B 186 -22.48 23.65 -19.99
N ARG B 187 -22.06 22.83 -20.94
CA ARG B 187 -21.77 23.32 -22.28
C ARG B 187 -22.23 22.34 -23.34
N PRO B 188 -23.46 22.53 -23.85
CA PRO B 188 -23.99 21.63 -24.87
C PRO B 188 -23.12 21.60 -26.11
N THR B 189 -23.22 20.48 -26.83
CA THR B 189 -22.46 20.30 -28.06
C THR B 189 -22.79 21.47 -28.96
N GLY B 190 -21.76 22.07 -29.56
CA GLY B 190 -21.99 23.21 -30.43
C GLY B 190 -21.64 24.55 -29.79
N HIS B 191 -21.69 24.61 -28.47
CA HIS B 191 -21.38 25.85 -27.77
C HIS B 191 -19.90 26.01 -27.51
N LYS B 192 -19.36 27.16 -27.91
CA LYS B 192 -17.95 27.45 -27.71
C LYS B 192 -17.70 27.78 -26.24
N TYR B 193 -18.65 28.49 -25.63
CA TYR B 193 -18.52 28.89 -24.24
C TYR B 193 -19.58 28.21 -23.38
N PRO B 194 -19.26 27.97 -22.10
CA PRO B 194 -20.25 27.32 -21.23
C PRO B 194 -21.40 28.22 -20.84
N LEU B 195 -22.47 27.58 -20.38
CA LEU B 195 -23.66 28.28 -19.92
C LEU B 195 -23.46 28.23 -18.41
N VAL B 196 -23.54 29.39 -17.77
CA VAL B 196 -23.32 29.47 -16.33
C VAL B 196 -24.48 30.10 -15.58
N ASP B 197 -24.64 29.69 -14.33
CA ASP B 197 -25.65 30.24 -13.45
C ASP B 197 -24.90 30.63 -12.19
N GLY B 198 -24.15 31.73 -12.27
CA GLY B 198 -23.34 32.23 -11.17
C GLY B 198 -23.81 31.95 -9.76
N ALA B 199 -24.87 32.63 -9.34
CA ALA B 199 -25.42 32.46 -8.00
C ALA B 199 -25.62 31.00 -7.67
N LEU B 200 -26.24 30.27 -8.59
CA LEU B 200 -26.51 28.86 -8.39
C LEU B 200 -25.25 27.99 -8.32
N SER B 201 -24.21 28.36 -9.08
CA SER B 201 -22.98 27.58 -9.07
C SER B 201 -22.30 27.65 -7.71
N LYS B 202 -22.48 28.75 -6.98
CA LYS B 202 -21.89 28.91 -5.67
C LYS B 202 -22.58 27.99 -4.66
N ASP B 203 -23.91 27.99 -4.69
CA ASP B 203 -24.69 27.15 -3.78
C ASP B 203 -24.42 25.67 -4.02
N ALA B 204 -24.41 25.26 -5.28
CA ALA B 204 -24.16 23.87 -5.64
C ALA B 204 -22.79 23.42 -5.15
N TYR B 205 -21.81 24.30 -5.35
CA TYR B 205 -20.43 24.04 -4.94
C TYR B 205 -20.32 23.77 -3.44
N ILE B 206 -20.85 24.68 -2.64
CA ILE B 206 -20.79 24.55 -1.20
C ILE B 206 -21.61 23.37 -0.68
N ARG B 207 -22.76 23.09 -1.29
CA ARG B 207 -23.58 21.97 -0.85
C ARG B 207 -22.87 20.62 -1.08
N SER B 208 -22.27 20.48 -2.26
CA SER B 208 -21.54 19.27 -2.63
C SER B 208 -20.44 19.03 -1.61
N PHE B 209 -19.73 20.09 -1.25
N PHE B 209 -19.74 20.10 -1.25
CA PHE B 209 -18.65 20.00 -0.28
CA PHE B 209 -18.64 20.07 -0.29
C PHE B 209 -19.18 19.60 1.10
C PHE B 209 -19.13 19.66 1.10
N GLN B 210 -20.22 20.27 1.56
CA GLN B 210 -20.80 19.96 2.87
C GLN B 210 -21.30 18.52 2.94
N GLN B 211 -22.00 18.10 1.90
CA GLN B 211 -22.55 16.75 1.84
C GLN B 211 -21.48 15.67 1.80
N SER B 212 -20.43 15.89 1.02
CA SER B 212 -19.35 14.92 0.91
C SER B 212 -18.56 14.86 2.21
N TRP B 213 -18.26 16.02 2.78
CA TRP B 213 -17.52 16.06 4.03
C TRP B 213 -18.31 15.38 5.14
N ASN B 214 -19.59 15.69 5.26
CA ASN B 214 -20.42 15.08 6.31
C ASN B 214 -20.42 13.56 6.21
N GLU B 215 -20.60 13.04 5.00
CA GLU B 215 -20.62 11.59 4.82
C GLU B 215 -19.23 11.02 5.14
N TYR B 216 -18.19 11.72 4.71
CA TYR B 216 -16.83 11.25 4.99
C TYR B 216 -16.57 11.21 6.48
N ALA B 217 -16.89 12.30 7.17
CA ALA B 217 -16.67 12.40 8.61
C ALA B 217 -17.44 11.31 9.35
N LYS B 218 -18.63 11.02 8.86
CA LYS B 218 -19.47 9.99 9.47
C LYS B 218 -18.85 8.60 9.29
N ARG B 219 -18.44 8.28 8.07
CA ARG B 219 -17.85 6.97 7.79
C ARG B 219 -16.49 6.72 8.42
N GLN B 220 -15.65 7.76 8.49
CA GLN B 220 -14.31 7.63 9.04
C GLN B 220 -14.21 8.01 10.51
N GLY B 221 -15.26 8.58 11.07
CA GLY B 221 -15.22 8.97 12.46
C GLY B 221 -14.15 10.04 12.66
N LYS B 222 -13.90 10.83 11.62
CA LYS B 222 -12.90 11.90 11.66
C LYS B 222 -13.54 13.27 11.77
N SER B 223 -12.72 14.28 12.07
CA SER B 223 -13.19 15.64 12.17
C SER B 223 -12.11 16.53 11.58
N LEU B 224 -12.45 17.78 11.30
CA LEU B 224 -11.51 18.73 10.72
C LEU B 224 -10.20 18.80 11.49
N ALA B 225 -10.29 18.66 12.81
CA ALA B 225 -9.12 18.73 13.67
C ALA B 225 -8.05 17.70 13.30
N ASP B 226 -8.45 16.65 12.57
CA ASP B 226 -7.52 15.59 12.17
C ASP B 226 -6.70 15.92 10.91
N PHE B 227 -6.97 17.05 10.29
CA PHE B 227 -6.25 17.44 9.08
C PHE B 227 -5.26 18.57 9.29
N ALA B 228 -4.06 18.41 8.73
CA ALA B 228 -3.03 19.43 8.82
C ALA B 228 -3.44 20.56 7.87
N SER B 229 -4.21 20.21 6.84
CA SER B 229 -4.67 21.18 5.87
C SER B 229 -5.68 20.60 4.90
N LEU B 230 -6.48 21.48 4.28
CA LEU B 230 -7.46 21.04 3.31
C LEU B 230 -7.08 21.68 1.99
N CYS B 231 -7.32 20.95 0.91
CA CYS B 231 -7.00 21.40 -0.42
C CYS B 231 -8.27 21.16 -1.25
N PHE B 232 -8.80 22.23 -1.84
N PHE B 232 -8.84 22.20 -1.84
CA PHE B 232 -10.03 22.16 -2.63
CA PHE B 232 -10.01 21.98 -2.65
C PHE B 232 -9.87 22.59 -4.08
C PHE B 232 -9.98 22.69 -3.99
N HIS B 233 -10.90 22.30 -4.86
CA HIS B 233 -10.96 22.77 -6.22
C HIS B 233 -11.36 24.25 -6.10
N VAL B 234 -10.75 25.11 -6.90
CA VAL B 234 -11.11 26.51 -6.81
C VAL B 234 -11.29 27.22 -8.15
N PRO B 235 -12.52 27.64 -8.45
CA PRO B 235 -12.80 28.34 -9.71
C PRO B 235 -12.10 29.71 -9.65
N PHE B 236 -11.89 30.17 -8.42
CA PHE B 236 -11.20 31.41 -8.09
C PHE B 236 -11.07 31.38 -6.57
N THR B 237 -9.97 31.93 -6.03
CA THR B 237 -9.73 31.88 -4.60
C THR B 237 -10.82 32.42 -3.67
N LYS B 238 -11.55 33.45 -4.10
CA LYS B 238 -12.61 34.00 -3.25
C LYS B 238 -13.72 32.97 -3.01
N MET B 239 -13.98 32.12 -4.01
CA MET B 239 -15.01 31.09 -3.92
C MET B 239 -14.59 29.98 -2.97
N GLY B 240 -13.31 29.65 -2.98
CA GLY B 240 -12.82 28.60 -2.10
C GLY B 240 -12.88 29.01 -0.66
N LYS B 241 -12.64 30.30 -0.40
CA LYS B 241 -12.67 30.80 0.95
C LYS B 241 -14.06 30.63 1.55
N LYS B 242 -15.09 30.93 0.76
CA LYS B 242 -16.47 30.81 1.20
C LYS B 242 -16.81 29.37 1.59
N ALA B 243 -16.40 28.42 0.76
CA ALA B 243 -16.69 27.01 1.04
C ALA B 243 -16.02 26.58 2.33
N LEU B 244 -14.78 27.05 2.55
CA LEU B 244 -14.05 26.68 3.75
C LEU B 244 -14.72 27.24 5.01
N GLU B 245 -15.10 28.50 4.95
CA GLU B 245 -15.74 29.15 6.10
C GLU B 245 -17.08 28.51 6.46
N SER B 246 -17.78 27.95 5.49
CA SER B 246 -19.06 27.33 5.79
C SER B 246 -18.87 25.99 6.51
N ILE B 247 -17.70 25.37 6.35
CA ILE B 247 -17.45 24.08 7.00
C ILE B 247 -16.71 24.14 8.33
N ILE B 248 -15.74 25.04 8.45
CA ILE B 248 -14.98 25.15 9.69
C ILE B 248 -15.71 26.03 10.69
N ASP B 249 -16.92 26.44 10.33
CA ASP B 249 -17.73 27.29 11.18
C ASP B 249 -17.94 26.70 12.58
N ASN B 250 -17.70 25.40 12.73
CA ASN B 250 -17.89 24.74 14.03
C ASN B 250 -16.63 24.07 14.57
N ALA B 251 -15.49 24.33 13.96
CA ALA B 251 -14.22 23.74 14.40
C ALA B 251 -13.61 24.58 15.51
N ASP B 252 -12.66 24.01 16.26
CA ASP B 252 -12.00 24.73 17.33
C ASP B 252 -11.15 25.86 16.74
N GLU B 253 -10.79 26.84 17.55
CA GLU B 253 -9.99 27.97 17.10
C GLU B 253 -8.61 27.56 16.59
N THR B 254 -7.99 26.58 17.23
CA THR B 254 -6.68 26.12 16.80
C THR B 254 -6.76 25.53 15.40
N THR B 255 -7.84 24.79 15.15
CA THR B 255 -8.06 24.15 13.85
C THR B 255 -8.38 25.17 12.77
N GLN B 256 -9.20 26.16 13.11
CA GLN B 256 -9.57 27.19 12.15
C GLN B 256 -8.36 27.98 11.68
N GLU B 257 -7.48 28.33 12.62
CA GLU B 257 -6.29 29.10 12.26
C GLU B 257 -5.41 28.27 11.34
N ARG B 258 -5.26 26.99 11.67
CA ARG B 258 -4.46 26.09 10.85
C ARG B 258 -5.01 25.91 9.44
N LEU B 259 -6.29 25.61 9.33
CA LEU B 259 -6.89 25.40 8.02
C LEU B 259 -6.96 26.66 7.18
N ARG B 260 -7.20 27.80 7.81
CA ARG B 260 -7.25 29.06 7.07
C ARG B 260 -5.86 29.37 6.51
N SER B 261 -4.83 29.07 7.29
CA SER B 261 -3.45 29.32 6.87
C SER B 261 -3.08 28.37 5.73
N GLY B 262 -3.48 27.11 5.85
CA GLY B 262 -3.19 26.14 4.82
C GLY B 262 -3.79 26.54 3.49
N TYR B 263 -5.01 27.06 3.54
CA TYR B 263 -5.72 27.48 2.33
C TYR B 263 -4.95 28.55 1.55
N GLU B 264 -4.44 29.56 2.25
CA GLU B 264 -3.68 30.62 1.58
C GLU B 264 -2.47 30.04 0.88
N ASP B 265 -1.85 29.03 1.47
CA ASP B 265 -0.68 28.41 0.83
C ASP B 265 -1.13 27.58 -0.37
N ALA B 266 -2.32 27.00 -0.27
CA ALA B 266 -2.85 26.16 -1.33
C ALA B 266 -3.27 26.91 -2.59
N VAL B 267 -3.74 28.15 -2.45
CA VAL B 267 -4.19 28.90 -3.62
C VAL B 267 -3.18 29.93 -4.13
N ASP B 268 -1.98 29.92 -3.56
CA ASP B 268 -0.94 30.86 -3.97
C ASP B 268 -0.69 30.85 -5.47
N TYR B 269 -0.38 29.67 -6.04
CA TYR B 269 -0.13 29.57 -7.47
C TYR B 269 -1.35 29.89 -8.33
N ASN B 270 -2.53 29.45 -7.89
CA ASN B 270 -3.76 29.69 -8.65
C ASN B 270 -4.08 31.17 -8.85
N ARG B 271 -3.61 32.02 -7.93
CA ARG B 271 -3.83 33.47 -8.05
C ARG B 271 -3.17 34.03 -9.30
N TYR B 272 -2.18 33.33 -9.81
CA TYR B 272 -1.43 33.79 -10.98
C TYR B 272 -1.69 33.02 -12.25
N VAL B 273 -2.71 32.17 -12.25
CA VAL B 273 -3.02 31.36 -13.43
C VAL B 273 -4.48 31.48 -13.83
N GLY B 274 -5.35 31.30 -12.84
CA GLY B 274 -6.78 31.37 -13.09
C GLY B 274 -7.32 29.96 -12.97
N ASN B 275 -8.56 29.77 -13.39
CA ASN B 275 -9.21 28.47 -13.33
C ASN B 275 -8.75 27.60 -14.51
N ILE B 276 -8.26 26.39 -14.22
CA ILE B 276 -7.86 25.48 -15.27
C ILE B 276 -8.67 24.19 -15.15
N TYR B 277 -9.91 24.33 -14.68
CA TYR B 277 -10.86 23.23 -14.54
C TYR B 277 -10.33 21.98 -13.81
N THR B 278 -10.20 20.87 -14.55
CA THR B 278 -9.74 19.62 -13.96
C THR B 278 -8.42 19.73 -13.24
N GLY B 279 -7.56 20.65 -13.67
CA GLY B 279 -6.27 20.78 -13.01
C GLY B 279 -6.20 21.72 -11.81
N SER B 280 -7.26 22.49 -11.56
CA SER B 280 -7.26 23.45 -10.46
C SER B 280 -6.93 22.88 -9.08
N LEU B 281 -7.58 21.79 -8.71
CA LEU B 281 -7.32 21.16 -7.41
C LEU B 281 -5.89 20.66 -7.27
N TYR B 282 -5.36 20.10 -8.34
CA TYR B 282 -4.02 19.55 -8.29
C TYR B 282 -2.91 20.61 -8.42
N LEU B 283 -3.26 21.78 -8.97
CA LEU B 283 -2.31 22.87 -9.08
C LEU B 283 -2.23 23.43 -7.65
N SER B 284 -3.40 23.47 -6.99
CA SER B 284 -3.48 23.94 -5.61
C SER B 284 -2.70 23.00 -4.69
N LEU B 285 -2.73 21.71 -5.02
CA LEU B 285 -2.00 20.72 -4.25
C LEU B 285 -0.50 21.02 -4.36
N ILE B 286 -0.04 21.31 -5.57
CA ILE B 286 1.37 21.63 -5.79
C ILE B 286 1.76 22.88 -4.99
N SER B 287 0.89 23.89 -5.02
CA SER B 287 1.11 25.15 -4.32
C SER B 287 1.26 24.92 -2.81
N LEU B 288 0.36 24.11 -2.27
CA LEU B 288 0.37 23.80 -0.85
C LEU B 288 1.66 23.12 -0.45
N LEU B 289 2.03 22.08 -1.20
CA LEU B 289 3.23 21.31 -0.92
C LEU B 289 4.52 22.12 -0.99
N GLU B 290 4.58 23.07 -1.92
CA GLU B 290 5.77 23.88 -2.09
C GLU B 290 5.80 25.13 -1.23
N ASN B 291 4.64 25.75 -0.99
CA ASN B 291 4.59 26.95 -0.17
C ASN B 291 4.45 26.74 1.33
N ARG B 292 3.95 25.58 1.74
CA ARG B 292 3.81 25.30 3.16
C ARG B 292 4.89 24.30 3.56
N ASP B 293 5.12 24.14 4.86
CA ASP B 293 6.12 23.19 5.32
C ASP B 293 5.48 22.08 6.14
N LEU B 294 4.49 21.40 5.58
CA LEU B 294 3.83 20.32 6.27
C LEU B 294 4.84 19.23 6.60
N GLN B 295 4.57 18.49 7.68
CA GLN B 295 5.44 17.41 8.11
C GLN B 295 5.03 16.06 7.52
N ALA B 296 6.02 15.20 7.30
CA ALA B 296 5.76 13.88 6.76
C ALA B 296 4.85 13.16 7.72
N GLY B 297 3.98 12.30 7.20
CA GLY B 297 3.07 11.58 8.06
C GLY B 297 1.79 12.34 8.32
N GLU B 298 1.80 13.64 8.10
CA GLU B 298 0.60 14.46 8.31
C GLU B 298 -0.41 14.19 7.20
N THR B 299 -1.69 14.39 7.49
CA THR B 299 -2.73 14.14 6.51
C THR B 299 -3.40 15.38 5.91
N ILE B 300 -3.66 15.32 4.61
CA ILE B 300 -4.31 16.41 3.90
C ILE B 300 -5.68 15.91 3.41
N GLY B 301 -6.68 16.77 3.51
CA GLY B 301 -8.00 16.41 3.03
C GLY B 301 -8.23 17.14 1.73
N LEU B 302 -8.64 16.42 0.69
CA LEU B 302 -8.88 17.03 -0.61
C LEU B 302 -10.33 16.94 -1.07
N PHE B 303 -10.83 18.03 -1.63
CA PHE B 303 -12.20 18.02 -2.13
C PHE B 303 -12.17 18.35 -3.60
N SER B 304 -12.68 17.45 -4.43
CA SER B 304 -12.73 17.65 -5.86
C SER B 304 -14.18 17.93 -6.22
N TYR B 305 -14.39 18.87 -7.12
CA TYR B 305 -15.75 19.23 -7.53
C TYR B 305 -15.89 19.30 -9.05
N GLY B 306 -17.08 18.93 -9.52
CA GLY B 306 -17.38 18.99 -10.93
C GLY B 306 -18.82 19.47 -11.03
N SER B 307 -19.06 20.53 -11.82
CA SER B 307 -20.42 21.04 -11.98
C SER B 307 -21.29 19.96 -12.59
N GLY B 308 -22.59 20.00 -12.33
CA GLY B 308 -23.45 18.99 -12.93
C GLY B 308 -24.35 18.12 -12.06
N SER B 309 -23.90 17.66 -10.89
CA SER B 309 -22.58 17.93 -10.34
C SER B 309 -22.12 16.72 -9.53
N VAL B 310 -20.82 16.63 -9.29
CA VAL B 310 -20.27 15.54 -8.51
C VAL B 310 -19.16 16.11 -7.62
N GLY B 311 -19.14 15.67 -6.36
CA GLY B 311 -18.13 16.13 -5.44
C GLY B 311 -17.50 14.92 -4.78
N GLU B 312 -16.22 15.01 -4.42
CA GLU B 312 -15.55 13.89 -3.78
C GLU B 312 -14.54 14.38 -2.76
N PHE B 313 -14.61 13.81 -1.58
CA PHE B 313 -13.70 14.15 -0.50
C PHE B 313 -12.87 12.91 -0.17
N TYR B 314 -11.54 13.08 -0.11
CA TYR B 314 -10.65 11.99 0.22
C TYR B 314 -9.42 12.55 0.93
N SER B 315 -8.56 11.67 1.43
CA SER B 315 -7.38 12.16 2.13
C SER B 315 -6.13 11.49 1.60
N ALA B 316 -4.99 12.12 1.89
CA ALA B 316 -3.69 11.63 1.46
C ALA B 316 -2.69 11.95 2.56
N THR B 317 -1.58 11.23 2.59
CA THR B 317 -0.57 11.44 3.60
C THR B 317 0.78 11.77 3.00
N LEU B 318 1.42 12.81 3.53
CA LEU B 318 2.73 13.24 3.04
C LEU B 318 3.75 12.15 3.34
N VAL B 319 4.60 11.88 2.35
CA VAL B 319 5.63 10.86 2.50
C VAL B 319 6.94 11.45 2.99
N GLU B 320 7.65 10.71 3.83
CA GLU B 320 8.93 11.17 4.38
C GLU B 320 9.89 11.52 3.24
N GLY B 321 10.46 12.73 3.31
CA GLY B 321 11.41 13.18 2.31
C GLY B 321 10.80 13.80 1.05
N TYR B 322 9.49 14.02 1.05
CA TYR B 322 8.81 14.57 -0.13
C TYR B 322 9.35 15.91 -0.65
N LYS B 323 9.82 16.77 0.25
CA LYS B 323 10.34 18.08 -0.18
C LYS B 323 11.41 17.94 -1.25
N ASP B 324 12.22 16.89 -1.13
CA ASP B 324 13.29 16.65 -2.07
C ASP B 324 12.81 16.17 -3.43
N HIS B 325 11.50 15.93 -3.56
CA HIS B 325 10.96 15.45 -4.84
C HIS B 325 10.03 16.43 -5.53
N LEU B 326 9.98 17.65 -5.03
CA LEU B 326 9.15 18.68 -5.65
C LEU B 326 10.08 19.49 -6.52
N ASP B 327 9.53 20.33 -7.39
CA ASP B 327 10.35 21.14 -8.26
C ASP B 327 10.02 22.62 -8.06
N GLN B 328 10.14 23.07 -6.82
CA GLN B 328 9.83 24.45 -6.47
C GLN B 328 10.53 25.50 -7.35
N ALA B 329 11.82 25.33 -7.58
CA ALA B 329 12.57 26.29 -8.38
C ALA B 329 12.02 26.33 -9.81
N ALA B 330 11.84 25.15 -10.39
CA ALA B 330 11.31 25.07 -11.75
C ALA B 330 9.92 25.69 -11.85
N HIS B 331 9.12 25.51 -10.80
CA HIS B 331 7.76 26.05 -10.82
C HIS B 331 7.72 27.56 -10.70
N LYS B 332 8.50 28.11 -9.78
CA LYS B 332 8.55 29.55 -9.62
C LYS B 332 9.11 30.14 -10.91
N ALA B 333 10.07 29.45 -11.50
CA ALA B 333 10.68 29.91 -12.75
C ALA B 333 9.66 29.94 -13.87
N LEU B 334 8.83 28.90 -13.94
CA LEU B 334 7.80 28.81 -14.97
C LEU B 334 6.88 30.03 -14.92
N LEU B 335 6.41 30.37 -13.73
CA LEU B 335 5.51 31.51 -13.57
C LEU B 335 6.20 32.86 -13.77
N ASN B 336 7.44 32.98 -13.29
CA ASN B 336 8.18 34.23 -13.45
C ASN B 336 8.65 34.49 -14.88
N ASN B 337 8.88 33.43 -15.64
CA ASN B 337 9.35 33.61 -17.01
C ASN B 337 8.28 33.92 -18.04
N ARG B 338 7.11 34.33 -17.57
CA ARG B 338 6.02 34.66 -18.49
C ARG B 338 6.04 36.13 -18.84
N THR B 339 5.46 36.46 -19.98
CA THR B 339 5.42 37.85 -20.43
C THR B 339 4.02 38.42 -20.33
N GLU B 340 3.90 39.58 -19.70
CA GLU B 340 2.61 40.23 -19.56
C GLU B 340 2.19 40.79 -20.91
N VAL B 341 0.91 40.69 -21.22
CA VAL B 341 0.39 41.21 -22.48
C VAL B 341 -0.73 42.20 -22.13
N SER B 342 -0.96 43.17 -23.00
CA SER B 342 -2.01 44.15 -22.75
C SER B 342 -3.37 43.50 -22.93
N VAL B 343 -4.42 44.19 -22.51
CA VAL B 343 -5.76 43.65 -22.67
C VAL B 343 -6.12 43.54 -24.15
N ASP B 344 -5.71 44.52 -24.95
CA ASP B 344 -6.00 44.47 -26.38
C ASP B 344 -5.30 43.28 -27.03
N ALA B 345 -4.06 43.03 -26.61
CA ALA B 345 -3.31 41.89 -27.13
C ALA B 345 -4.02 40.61 -26.71
N TYR B 346 -4.42 40.54 -25.44
CA TYR B 346 -5.11 39.38 -24.91
C TYR B 346 -6.36 39.11 -25.74
N GLU B 347 -7.11 40.17 -26.03
CA GLU B 347 -8.32 40.01 -26.83
C GLU B 347 -8.01 39.48 -28.23
N THR B 348 -6.89 39.90 -28.81
CA THR B 348 -6.52 39.42 -30.14
C THR B 348 -6.16 37.94 -30.04
N PHE B 349 -5.40 37.57 -29.02
CA PHE B 349 -5.05 36.16 -28.83
C PHE B 349 -6.34 35.36 -28.68
N PHE B 350 -7.23 35.84 -27.81
CA PHE B 350 -8.49 35.15 -27.55
C PHE B 350 -9.28 34.85 -28.81
N LYS B 351 -9.43 35.85 -29.68
CA LYS B 351 -10.19 35.67 -30.92
C LYS B 351 -9.53 34.69 -31.89
N ARG B 352 -8.20 34.71 -31.94
CA ARG B 352 -7.48 33.80 -32.83
C ARG B 352 -7.57 32.36 -32.33
N PHE B 353 -7.58 32.17 -31.01
CA PHE B 353 -7.66 30.83 -30.46
C PHE B 353 -8.96 30.18 -30.90
N ASP B 354 -10.03 30.97 -30.94
CA ASP B 354 -11.34 30.48 -31.35
C ASP B 354 -11.31 29.79 -32.70
N ASP B 355 -10.66 30.42 -33.68
CA ASP B 355 -10.60 29.85 -35.03
C ASP B 355 -9.32 29.08 -35.32
N VAL B 356 -8.43 28.98 -34.34
CA VAL B 356 -7.17 28.28 -34.51
C VAL B 356 -6.43 28.89 -35.70
N GLU B 357 -6.26 30.21 -35.67
CA GLU B 357 -5.55 30.93 -36.72
C GLU B 357 -4.08 31.04 -36.36
N PHE B 358 -3.24 30.26 -37.04
CA PHE B 358 -1.81 30.24 -36.79
C PHE B 358 -1.09 31.50 -37.23
N ASP B 359 -0.13 31.93 -36.42
CA ASP B 359 0.69 33.11 -36.70
C ASP B 359 2.00 32.94 -35.95
N GLU B 360 3.01 32.42 -36.64
CA GLU B 360 4.32 32.18 -36.04
C GLU B 360 4.90 33.39 -35.33
N GLU B 361 4.64 34.58 -35.85
CA GLU B 361 5.16 35.81 -35.26
C GLU B 361 4.46 36.22 -33.96
N GLN B 362 3.13 36.26 -33.97
CA GLN B 362 2.39 36.66 -32.78
C GLN B 362 2.54 35.70 -31.61
N ASP B 363 2.63 34.40 -31.90
CA ASP B 363 2.81 33.41 -30.85
C ASP B 363 4.30 33.27 -30.55
N ALA B 364 5.13 33.91 -31.37
CA ALA B 364 6.58 33.85 -31.21
C ALA B 364 7.05 32.42 -31.01
N VAL B 365 6.80 31.56 -32.00
CA VAL B 365 7.19 30.15 -31.90
C VAL B 365 8.70 29.90 -31.84
N HIS B 366 9.49 30.85 -32.32
CA HIS B 366 10.94 30.68 -32.30
C HIS B 366 11.46 30.52 -30.87
N GLU B 367 10.72 31.04 -29.90
CA GLU B 367 11.13 30.94 -28.50
C GLU B 367 10.77 29.59 -27.88
N ASP B 368 9.91 28.83 -28.56
CA ASP B 368 9.44 27.55 -28.04
C ASP B 368 10.19 26.31 -28.51
N ARG B 369 11.50 26.44 -28.71
CA ARG B 369 12.32 25.33 -29.18
C ARG B 369 12.40 24.15 -28.22
N HIS B 370 12.29 24.42 -26.92
CA HIS B 370 12.40 23.38 -25.92
C HIS B 370 11.09 22.77 -25.44
N ILE B 371 9.97 23.14 -26.06
CA ILE B 371 8.68 22.59 -25.64
C ILE B 371 7.85 22.04 -26.81
N PHE B 372 6.75 21.37 -26.45
CA PHE B 372 5.84 20.83 -27.44
C PHE B 372 4.90 21.97 -27.80
N TYR B 373 4.49 22.04 -29.06
CA TYR B 373 3.52 23.05 -29.45
C TYR B 373 2.84 22.65 -30.74
N LEU B 374 1.64 23.20 -30.95
CA LEU B 374 0.86 22.91 -32.14
C LEU B 374 1.42 23.75 -33.28
N SER B 375 2.01 23.09 -34.27
CA SER B 375 2.62 23.81 -35.39
C SER B 375 1.70 24.02 -36.58
N ASN B 376 0.71 23.15 -36.76
CA ASN B 376 -0.19 23.30 -37.88
C ASN B 376 -1.27 22.22 -37.92
N ILE B 377 -2.26 22.41 -38.78
CA ILE B 377 -3.35 21.46 -38.96
C ILE B 377 -3.49 21.23 -40.46
N GLU B 378 -3.21 20.02 -40.91
CA GLU B 378 -3.32 19.68 -42.33
C GLU B 378 -4.25 18.50 -42.53
N ASN B 379 -5.27 18.68 -43.35
CA ASN B 379 -6.25 17.64 -43.63
C ASN B 379 -6.91 17.15 -42.33
N ASN B 380 -7.25 18.11 -41.47
CA ASN B 380 -7.91 17.82 -40.21
C ASN B 380 -7.04 17.03 -39.23
N VAL B 381 -5.73 17.06 -39.44
CA VAL B 381 -4.81 16.38 -38.56
C VAL B 381 -3.89 17.41 -37.92
N ARG B 382 -3.81 17.40 -36.59
CA ARG B 382 -2.96 18.34 -35.89
C ARG B 382 -1.51 17.86 -35.88
N GLU B 383 -0.59 18.77 -36.18
CA GLU B 383 0.84 18.47 -36.20
C GLU B 383 1.51 19.20 -35.04
N TYR B 384 2.38 18.51 -34.32
CA TYR B 384 3.06 19.12 -33.18
C TYR B 384 4.57 19.19 -33.32
N HIS B 385 5.14 20.29 -32.82
CA HIS B 385 6.58 20.46 -32.83
C HIS B 385 7.08 19.80 -31.55
N ARG B 386 8.20 19.09 -31.66
CA ARG B 386 8.77 18.39 -30.50
C ARG B 386 10.00 19.12 -29.97
N PRO B 387 10.24 19.05 -28.65
CA PRO B 387 11.40 19.71 -28.06
C PRO B 387 12.67 19.42 -28.84
N GLU B 388 13.51 20.43 -29.04
CA GLU B 388 14.76 20.28 -29.77
C GLU B 388 15.61 19.13 -29.21
N LEU B 389 15.58 18.96 -27.89
CA LEU B 389 16.35 17.91 -27.23
C LEU B 389 16.11 16.53 -27.85
N GLU B 390 14.88 16.28 -28.29
CA GLU B 390 14.53 15.00 -28.90
C GLU B 390 15.23 14.82 -30.24
N ALA C 2 -0.65 -2.06 -1.72
CA ALA C 2 -0.81 -2.63 -0.35
C ALA C 2 0.36 -3.55 0.01
N ILE C 3 0.50 -3.80 1.32
CA ILE C 3 1.57 -4.65 1.84
C ILE C 3 0.91 -5.59 2.85
N GLY C 4 1.31 -6.85 2.83
CA GLY C 4 0.72 -7.81 3.76
C GLY C 4 1.24 -9.22 3.60
N ILE C 5 0.46 -10.18 4.08
CA ILE C 5 0.83 -11.59 4.01
C ILE C 5 0.61 -12.14 2.61
N ASP C 6 1.71 -12.47 1.95
CA ASP C 6 1.69 -13.01 0.60
C ASP C 6 1.58 -14.54 0.62
N LYS C 7 2.15 -15.15 1.66
CA LYS C 7 2.12 -16.61 1.82
C LYS C 7 2.19 -16.91 3.31
N ILE C 8 1.58 -18.02 3.73
CA ILE C 8 1.59 -18.38 5.13
C ILE C 8 1.51 -19.91 5.20
N ASN C 9 2.23 -20.50 6.13
CA ASN C 9 2.25 -21.95 6.28
C ASN C 9 2.68 -22.34 7.69
N PHE C 10 2.31 -23.54 8.11
CA PHE C 10 2.72 -23.99 9.43
C PHE C 10 3.26 -25.41 9.42
N TYR C 11 3.92 -25.76 10.52
CA TYR C 11 4.48 -27.07 10.69
C TYR C 11 4.28 -27.48 12.14
N VAL C 12 4.00 -28.76 12.35
CA VAL C 12 3.84 -29.31 13.69
C VAL C 12 4.55 -30.67 13.64
N PRO C 13 5.10 -31.12 14.78
CA PRO C 13 5.79 -32.41 14.80
C PRO C 13 4.89 -33.59 14.40
N LYS C 14 5.52 -34.70 14.03
CA LYS C 14 4.78 -35.87 13.56
C LYS C 14 4.02 -36.69 14.60
N TYR C 15 4.14 -36.34 15.88
CA TYR C 15 3.42 -37.09 16.92
C TYR C 15 2.41 -36.24 17.67
N TYR C 16 1.42 -36.90 18.27
CA TYR C 16 0.41 -36.24 19.07
C TYR C 16 -0.16 -37.20 20.10
N VAL C 17 -0.75 -36.67 21.15
CA VAL C 17 -1.37 -37.50 22.17
C VAL C 17 -2.86 -37.13 22.23
N ASP C 18 -3.71 -38.15 22.29
CA ASP C 18 -5.14 -37.92 22.35
C ASP C 18 -5.47 -37.33 23.72
N MET C 19 -6.21 -36.23 23.74
CA MET C 19 -6.56 -35.57 24.98
C MET C 19 -7.44 -36.41 25.91
N ALA C 20 -8.31 -37.23 25.33
CA ALA C 20 -9.18 -38.08 26.12
C ALA C 20 -8.35 -39.11 26.88
N LYS C 21 -7.26 -39.56 26.27
CA LYS C 21 -6.40 -40.53 26.91
C LYS C 21 -5.54 -39.88 27.99
N LEU C 22 -5.11 -38.66 27.73
CA LEU C 22 -4.29 -37.93 28.69
C LEU C 22 -5.12 -37.69 29.95
N ALA C 23 -6.41 -37.39 29.75
CA ALA C 23 -7.31 -37.16 30.86
C ALA C 23 -7.40 -38.45 31.68
N GLU C 24 -7.55 -39.57 30.99
CA GLU C 24 -7.65 -40.87 31.64
C GLU C 24 -6.41 -41.18 32.47
N ALA C 25 -5.29 -40.58 32.08
CA ALA C 25 -4.03 -40.79 32.78
C ALA C 25 -3.86 -39.78 33.91
N ARG C 26 -4.67 -38.72 33.89
CA ARG C 26 -4.61 -37.68 34.92
C ARG C 26 -5.79 -37.82 35.88
N GLN C 27 -6.61 -38.84 35.66
CA GLN C 27 -7.77 -39.09 36.51
C GLN C 27 -8.78 -37.96 36.49
N VAL C 28 -9.20 -37.56 35.30
CA VAL C 28 -10.19 -36.50 35.12
C VAL C 28 -11.11 -36.90 33.98
N ASP C 29 -12.31 -36.35 33.94
CA ASP C 29 -13.24 -36.68 32.87
C ASP C 29 -12.73 -36.11 31.55
N PRO C 30 -12.70 -36.94 30.50
CA PRO C 30 -12.23 -36.53 29.18
C PRO C 30 -12.88 -35.22 28.71
N ASN C 31 -14.17 -35.06 29.02
CA ASN C 31 -14.88 -33.84 28.62
C ASN C 31 -14.28 -32.60 29.28
N LYS C 32 -13.58 -32.79 30.39
CA LYS C 32 -12.95 -31.65 31.05
C LYS C 32 -11.96 -31.05 30.06
N PHE C 33 -11.20 -31.93 29.39
CA PHE C 33 -10.21 -31.49 28.41
C PHE C 33 -10.88 -31.20 27.07
N LEU C 34 -11.74 -32.11 26.62
CA LEU C 34 -12.41 -31.93 25.33
C LEU C 34 -13.33 -30.72 25.25
N ILE C 35 -14.14 -30.52 26.30
CA ILE C 35 -15.09 -29.41 26.35
C ILE C 35 -14.64 -28.33 27.31
N GLY C 36 -14.17 -28.75 28.49
CA GLY C 36 -13.72 -27.81 29.49
C GLY C 36 -12.68 -26.82 29.00
N ILE C 37 -11.55 -27.32 28.50
CA ILE C 37 -10.51 -26.43 27.99
C ILE C 37 -10.63 -26.30 26.47
N GLY C 38 -11.32 -27.24 25.84
CA GLY C 38 -11.51 -27.20 24.40
C GLY C 38 -10.37 -27.67 23.51
N GLN C 39 -9.67 -28.73 23.92
CA GLN C 39 -8.56 -29.27 23.14
C GLN C 39 -8.78 -30.76 22.87
N THR C 40 -8.53 -31.18 21.63
CA THR C 40 -8.74 -32.57 21.25
C THR C 40 -7.47 -33.42 21.14
N GLU C 41 -6.43 -32.85 20.53
CA GLU C 41 -5.15 -33.54 20.36
C GLU C 41 -4.00 -32.59 20.64
N MET C 42 -3.00 -33.08 21.37
CA MET C 42 -1.83 -32.27 21.74
C MET C 42 -0.54 -32.67 21.00
N ALA C 43 0.11 -31.71 20.39
CA ALA C 43 1.36 -31.98 19.67
C ALA C 43 2.42 -32.46 20.65
N VAL C 44 3.20 -33.45 20.23
CA VAL C 44 4.26 -34.02 21.03
C VAL C 44 5.55 -33.84 20.23
N SER C 45 6.56 -33.26 20.87
CA SER C 45 7.83 -33.00 20.20
C SER C 45 8.91 -34.08 20.31
N PRO C 46 9.36 -34.61 19.18
CA PRO C 46 10.41 -35.61 19.30
C PRO C 46 11.68 -34.76 19.47
N VAL C 47 12.74 -35.33 20.00
CA VAL C 47 13.98 -34.58 20.22
C VAL C 47 14.61 -33.98 18.96
N ASN C 48 14.41 -34.61 17.81
CA ASN C 48 15.01 -34.11 16.57
C ASN C 48 14.31 -32.91 15.94
N GLN C 49 13.38 -32.31 16.67
CA GLN C 49 12.71 -31.10 16.18
C GLN C 49 12.86 -29.99 17.23
N ASP C 50 13.68 -28.99 16.93
CA ASP C 50 13.83 -27.87 17.85
C ASP C 50 13.21 -26.67 17.14
N ILE C 51 13.18 -25.51 17.79
CA ILE C 51 12.57 -24.34 17.18
C ILE C 51 13.19 -23.96 15.83
N VAL C 52 14.47 -24.28 15.65
CA VAL C 52 15.16 -23.96 14.39
C VAL C 52 14.67 -24.84 13.24
N SER C 53 14.58 -26.15 13.47
CA SER C 53 14.14 -27.06 12.42
C SER C 53 12.64 -26.91 12.13
N MET C 54 11.84 -26.69 13.16
CA MET C 54 10.41 -26.52 12.92
C MET C 54 10.14 -25.26 12.12
N GLY C 55 10.91 -24.21 12.40
CA GLY C 55 10.73 -22.96 11.70
C GLY C 55 11.13 -23.08 10.24
N ALA C 56 12.24 -23.77 10.01
CA ALA C 56 12.74 -23.99 8.65
C ALA C 56 11.74 -24.84 7.89
N ASN C 57 11.16 -25.83 8.55
CA ASN C 57 10.16 -26.69 7.89
C ASN C 57 8.90 -25.90 7.56
N ALA C 58 8.55 -24.93 8.39
CA ALA C 58 7.36 -24.13 8.12
C ALA C 58 7.59 -23.21 6.92
N ALA C 59 8.81 -22.67 6.82
CA ALA C 59 9.13 -21.74 5.74
C ALA C 59 9.53 -22.35 4.39
N LYS C 60 10.13 -23.55 4.41
CA LYS C 60 10.60 -24.16 3.17
C LYS C 60 9.57 -24.30 2.06
N ASP C 61 8.34 -24.66 2.39
CA ASP C 61 7.33 -24.83 1.36
C ASP C 61 6.78 -23.52 0.76
N ILE C 62 7.13 -22.38 1.33
CA ILE C 62 6.62 -21.12 0.78
C ILE C 62 7.70 -20.17 0.28
N ILE C 63 8.93 -20.66 0.19
CA ILE C 63 10.04 -19.86 -0.31
C ILE C 63 10.46 -20.37 -1.69
N THR C 64 10.34 -19.53 -2.71
CA THR C 64 10.74 -19.92 -4.06
C THR C 64 12.18 -19.48 -4.30
N ASP C 65 12.77 -19.92 -5.41
CA ASP C 65 14.15 -19.53 -5.73
C ASP C 65 14.23 -18.02 -5.89
N GLU C 66 13.16 -17.41 -6.40
CA GLU C 66 13.13 -15.97 -6.59
C GLU C 66 13.03 -15.25 -5.25
N ASP C 67 12.24 -15.80 -4.33
CA ASP C 67 12.06 -15.21 -3.01
C ASP C 67 13.41 -15.14 -2.29
N LYS C 68 14.22 -16.18 -2.46
CA LYS C 68 15.53 -16.23 -1.82
C LYS C 68 16.41 -15.05 -2.21
N LYS C 69 16.12 -14.46 -3.36
CA LYS C 69 16.91 -13.33 -3.81
C LYS C 69 16.30 -12.01 -3.35
N LYS C 70 15.00 -12.03 -3.04
CA LYS C 70 14.32 -10.81 -2.63
C LYS C 70 14.06 -10.58 -1.15
N ILE C 71 14.27 -11.58 -0.31
CA ILE C 71 14.03 -11.42 1.11
C ILE C 71 15.17 -10.62 1.76
N GLY C 72 14.80 -9.48 2.35
CA GLY C 72 15.78 -8.60 2.97
C GLY C 72 15.88 -8.69 4.49
N MET C 73 14.93 -9.37 5.12
CA MET C 73 14.93 -9.53 6.57
C MET C 73 14.32 -10.87 6.95
N VAL C 74 14.89 -11.52 7.96
CA VAL C 74 14.38 -12.77 8.47
C VAL C 74 14.24 -12.53 9.96
N ILE C 75 13.01 -12.58 10.45
CA ILE C 75 12.76 -12.32 11.86
C ILE C 75 12.14 -13.55 12.50
N VAL C 76 12.68 -13.95 13.64
CA VAL C 76 12.16 -15.09 14.37
C VAL C 76 11.55 -14.62 15.68
N ALA C 77 10.30 -15.00 15.92
CA ALA C 77 9.59 -14.64 17.14
C ALA C 77 9.50 -15.92 17.95
N THR C 78 9.94 -15.87 19.19
CA THR C 78 9.91 -17.06 20.03
C THR C 78 10.19 -16.72 21.47
N GLU C 79 9.82 -17.63 22.36
CA GLU C 79 10.09 -17.48 23.78
C GLU C 79 10.64 -18.83 24.23
N SER C 80 11.15 -19.58 23.25
CA SER C 80 11.72 -20.91 23.48
C SER C 80 13.10 -20.95 22.84
N ALA C 81 13.86 -19.88 22.98
CA ALA C 81 15.18 -19.78 22.37
C ALA C 81 16.15 -20.86 22.86
N VAL C 82 17.06 -21.26 21.98
CA VAL C 82 18.05 -22.28 22.33
C VAL C 82 19.44 -21.66 22.57
N ASP C 83 19.57 -20.37 22.29
CA ASP C 83 20.82 -19.66 22.51
C ASP C 83 20.46 -18.28 23.04
N ALA C 84 21.23 -17.79 24.01
CA ALA C 84 20.97 -16.49 24.61
C ALA C 84 21.56 -15.33 23.83
N ALA C 85 22.39 -15.63 22.84
CA ALA C 85 23.04 -14.58 22.07
C ALA C 85 22.79 -14.70 20.57
N LYS C 86 23.00 -15.89 20.03
CA LYS C 86 22.83 -16.11 18.59
C LYS C 86 21.37 -16.27 18.20
N ALA C 87 20.84 -15.31 17.44
CA ALA C 87 19.46 -15.35 16.99
C ALA C 87 19.22 -16.59 16.13
N ALA C 88 18.10 -17.28 16.36
CA ALA C 88 17.76 -18.47 15.58
C ALA C 88 17.58 -18.10 14.10
N ALA C 89 17.24 -16.84 13.84
CA ALA C 89 17.05 -16.40 12.46
C ALA C 89 18.30 -16.60 11.62
N VAL C 90 19.48 -16.52 12.23
CA VAL C 90 20.71 -16.71 11.46
C VAL C 90 20.76 -18.12 10.89
N GLN C 91 20.50 -19.12 11.74
CA GLN C 91 20.50 -20.52 11.33
C GLN C 91 19.49 -20.80 10.22
N ILE C 92 18.28 -20.30 10.40
CA ILE C 92 17.22 -20.51 9.41
C ILE C 92 17.58 -19.82 8.10
N HIS C 93 18.17 -18.64 8.18
CA HIS C 93 18.58 -17.90 6.99
C HIS C 93 19.57 -18.78 6.21
N ASN C 94 20.44 -19.44 6.95
CA ASN C 94 21.45 -20.32 6.36
C ASN C 94 20.79 -21.56 5.75
N LEU C 95 19.99 -22.26 6.56
CA LEU C 95 19.32 -23.47 6.10
C LEU C 95 18.46 -23.26 4.87
N LEU C 96 17.78 -22.12 4.79
CA LEU C 96 16.91 -21.84 3.67
C LEU C 96 17.62 -21.26 2.44
N GLY C 97 18.93 -21.02 2.55
CA GLY C 97 19.69 -20.51 1.43
C GLY C 97 19.29 -19.12 0.94
N ILE C 98 18.96 -18.22 1.87
CA ILE C 98 18.57 -16.87 1.49
C ILE C 98 19.79 -16.01 1.17
N GLN C 99 19.64 -15.07 0.23
CA GLN C 99 20.76 -14.20 -0.15
C GLN C 99 21.38 -13.54 1.08
N PRO C 100 22.72 -13.42 1.11
CA PRO C 100 23.51 -12.84 2.20
C PRO C 100 23.22 -11.44 2.73
N PHE C 101 22.79 -10.53 1.87
CA PHE C 101 22.53 -9.15 2.32
C PHE C 101 21.16 -8.97 2.93
N ALA C 102 21.00 -9.52 4.15
CA ALA C 102 19.74 -9.45 4.88
C ALA C 102 19.96 -9.33 6.38
N ARG C 103 19.00 -8.72 7.08
CA ARG C 103 19.08 -8.60 8.52
C ARG C 103 18.41 -9.83 9.11
N CYS C 104 18.98 -10.35 10.20
CA CYS C 104 18.42 -11.51 10.88
C CYS C 104 18.48 -11.23 12.38
N PHE C 105 17.35 -11.40 13.06
CA PHE C 105 17.31 -11.17 14.51
C PHE C 105 16.05 -11.79 15.11
N GLU C 106 16.04 -11.87 16.44
CA GLU C 106 14.91 -12.44 17.17
C GLU C 106 14.16 -11.31 17.87
N MET C 107 12.86 -11.52 18.04
CA MET C 107 12.01 -10.58 18.76
C MET C 107 11.37 -11.41 19.87
N LYS C 108 11.23 -10.80 21.04
CA LYS C 108 10.65 -11.52 22.18
C LYS C 108 9.77 -10.67 23.09
N GLU C 109 8.64 -11.27 23.46
CA GLU C 109 7.66 -10.67 24.38
C GLU C 109 6.57 -11.72 24.51
N ALA C 110 6.91 -12.86 25.11
CA ALA C 110 5.97 -13.95 25.29
C ALA C 110 5.32 -14.35 23.96
N CYS C 111 4.01 -14.54 23.95
CA CYS C 111 3.30 -14.95 22.74
C CYS C 111 2.89 -13.79 21.84
N TYR C 112 3.36 -12.59 22.15
CA TYR C 112 3.03 -11.40 21.39
C TYR C 112 3.97 -11.08 20.23
N ALA C 113 5.25 -11.43 20.40
CA ALA C 113 6.32 -11.12 19.44
C ALA C 113 6.13 -11.21 17.92
N ALA C 114 5.32 -12.14 17.42
CA ALA C 114 5.16 -12.20 15.97
C ALA C 114 4.40 -11.00 15.39
N THR C 115 3.58 -10.34 16.21
CA THR C 115 2.79 -9.22 15.72
C THR C 115 3.64 -7.99 15.40
N PRO C 116 4.49 -7.55 16.35
CA PRO C 116 5.30 -6.39 16.01
C PRO C 116 6.23 -6.75 14.84
N ALA C 117 6.57 -8.04 14.74
CA ALA C 117 7.45 -8.48 13.66
C ALA C 117 6.79 -8.24 12.31
N ILE C 118 5.54 -8.68 12.12
CA ILE C 118 4.91 -8.47 10.82
C ILE C 118 4.53 -7.00 10.61
N GLN C 119 4.17 -6.31 11.68
CA GLN C 119 3.79 -4.90 11.58
C GLN C 119 5.01 -4.04 11.20
N LEU C 120 6.16 -4.30 11.82
CA LEU C 120 7.35 -3.55 11.50
C LEU C 120 7.93 -4.02 10.17
N ALA C 121 7.59 -5.24 9.77
CA ALA C 121 8.05 -5.75 8.49
C ALA C 121 7.36 -4.91 7.42
N LYS C 122 6.08 -4.61 7.64
CA LYS C 122 5.31 -3.80 6.70
C LYS C 122 5.90 -2.41 6.60
N ASP C 123 6.28 -1.84 7.74
CA ASP C 123 6.86 -0.50 7.74
C ASP C 123 8.20 -0.47 7.00
N TYR C 124 9.00 -1.52 7.20
CA TYR C 124 10.30 -1.64 6.53
C TYR C 124 10.13 -1.67 5.01
N LEU C 125 9.12 -2.40 4.54
CA LEU C 125 8.87 -2.56 3.11
C LEU C 125 8.24 -1.37 2.39
N ALA C 126 7.76 -0.39 3.13
CA ALA C 126 7.12 0.78 2.51
C ALA C 126 7.94 1.36 1.36
N THR C 127 9.23 1.57 1.60
CA THR C 127 10.11 2.13 0.59
C THR C 127 10.89 1.09 -0.21
N ARG C 128 10.48 -0.17 -0.13
CA ARG C 128 11.17 -1.25 -0.83
C ARG C 128 10.17 -2.15 -1.54
N PRO C 129 9.58 -1.67 -2.64
CA PRO C 129 8.60 -2.43 -3.41
C PRO C 129 9.03 -3.79 -3.94
N ASN C 130 10.32 -4.01 -4.14
CA ASN C 130 10.76 -5.31 -4.65
C ASN C 130 11.45 -6.21 -3.65
N GLU C 131 11.19 -5.99 -2.37
CA GLU C 131 11.78 -6.81 -1.32
C GLU C 131 10.68 -7.51 -0.55
N LYS C 132 11.06 -8.54 0.19
CA LYS C 132 10.12 -9.31 1.00
C LYS C 132 10.73 -9.51 2.39
N VAL C 133 9.90 -9.92 3.34
CA VAL C 133 10.36 -10.19 4.68
C VAL C 133 9.81 -11.54 5.11
N LEU C 134 10.64 -12.36 5.73
CA LEU C 134 10.21 -13.67 6.19
C LEU C 134 10.07 -13.60 7.71
N VAL C 135 8.87 -13.87 8.22
CA VAL C 135 8.67 -13.85 9.66
C VAL C 135 8.30 -15.27 10.08
N ILE C 136 8.94 -15.76 11.12
CA ILE C 136 8.70 -17.11 11.60
C ILE C 136 8.43 -17.14 13.11
N ALA C 137 7.26 -17.67 13.48
CA ALA C 137 6.92 -17.81 14.89
C ALA C 137 7.14 -19.28 15.16
N THR C 138 8.02 -19.60 16.10
CA THR C 138 8.31 -20.99 16.43
C THR C 138 8.45 -21.15 17.94
N ASP C 139 7.80 -22.16 18.50
CA ASP C 139 7.83 -22.40 19.94
C ASP C 139 7.46 -23.80 20.38
N THR C 140 7.78 -24.08 21.65
CA THR C 140 7.45 -25.35 22.29
C THR C 140 6.85 -24.96 23.64
N ALA C 141 5.53 -25.01 23.74
CA ALA C 141 4.88 -24.67 25.00
C ALA C 141 4.98 -25.87 25.92
N ARG C 142 5.90 -25.82 26.88
CA ARG C 142 6.12 -26.91 27.82
C ARG C 142 5.91 -26.47 29.26
N TYR C 143 4.91 -27.07 29.91
CA TYR C 143 4.60 -26.72 31.29
C TYR C 143 5.14 -27.74 32.28
N GLY C 144 5.19 -29.00 31.87
CA GLY C 144 5.70 -30.04 32.73
C GLY C 144 4.68 -31.14 32.98
N LEU C 145 5.18 -32.34 33.26
CA LEU C 145 4.31 -33.47 33.52
C LEU C 145 3.54 -33.22 34.83
N ASN C 146 2.24 -33.49 34.79
CA ASN C 146 1.35 -33.32 35.92
C ASN C 146 1.19 -31.88 36.41
N SER C 147 1.61 -30.92 35.60
CA SER C 147 1.49 -29.52 35.96
C SER C 147 0.07 -29.05 35.66
N GLY C 148 -0.23 -27.81 36.04
CA GLY C 148 -1.55 -27.26 35.77
C GLY C 148 -1.77 -26.93 34.31
N GLY C 149 -0.71 -26.45 33.64
CA GLY C 149 -0.84 -26.09 32.24
C GLY C 149 -0.60 -27.22 31.24
N GLU C 150 -0.24 -28.40 31.74
CA GLU C 150 0.04 -29.54 30.88
C GLU C 150 -0.97 -29.78 29.74
N PRO C 151 -2.27 -29.72 30.05
CA PRO C 151 -3.31 -29.95 29.04
C PRO C 151 -3.29 -28.96 27.86
N THR C 152 -2.61 -27.83 28.04
CA THR C 152 -2.58 -26.81 26.98
C THR C 152 -1.29 -26.76 26.19
N GLN C 153 -0.40 -27.72 26.45
CA GLN C 153 0.87 -27.79 25.77
C GLN C 153 0.71 -28.00 24.27
N GLY C 154 1.76 -27.63 23.54
CA GLY C 154 1.73 -27.80 22.10
C GLY C 154 3.10 -27.43 21.55
N ALA C 155 3.29 -27.60 20.26
CA ALA C 155 4.57 -27.26 19.65
C ALA C 155 4.36 -27.07 18.16
N GLY C 156 5.07 -26.11 17.59
CA GLY C 156 4.93 -25.84 16.16
C GLY C 156 5.53 -24.52 15.73
N ALA C 157 5.41 -24.22 14.45
CA ALA C 157 5.93 -22.99 13.89
C ALA C 157 5.05 -22.53 12.74
N VAL C 158 4.96 -21.23 12.57
CA VAL C 158 4.17 -20.62 11.51
C VAL C 158 5.12 -19.67 10.78
N ALA C 159 5.16 -19.77 9.45
CA ALA C 159 6.02 -18.89 8.66
C ALA C 159 5.18 -18.01 7.76
N MET C 160 5.54 -16.73 7.69
CA MET C 160 4.82 -15.79 6.86
C MET C 160 5.75 -14.94 6.00
N VAL C 161 5.38 -14.75 4.74
CA VAL C 161 6.16 -13.91 3.84
C VAL C 161 5.35 -12.62 3.70
N ILE C 162 5.98 -11.51 4.06
CA ILE C 162 5.33 -10.20 3.97
C ILE C 162 5.86 -9.52 2.72
N ALA C 163 4.97 -8.93 1.92
CA ALA C 163 5.39 -8.28 0.67
C ALA C 163 4.32 -7.37 0.07
N HIS C 164 4.69 -6.64 -0.98
CA HIS C 164 3.74 -5.75 -1.67
C HIS C 164 2.86 -6.67 -2.51
N ASN C 165 1.69 -6.16 -2.90
CA ASN C 165 0.72 -6.92 -3.67
C ASN C 165 0.55 -8.31 -3.06
N PRO C 166 0.26 -8.37 -1.74
CA PRO C 166 0.05 -9.65 -1.06
C PRO C 166 -1.09 -10.45 -1.68
N SER C 167 -0.92 -11.75 -1.77
CA SER C 167 -1.93 -12.62 -2.37
C SER C 167 -3.04 -13.07 -1.41
N ILE C 168 -2.82 -12.88 -0.11
CA ILE C 168 -3.80 -13.31 0.88
C ILE C 168 -4.43 -12.21 1.72
N LEU C 169 -3.60 -11.48 2.48
CA LEU C 169 -4.10 -10.42 3.36
C LEU C 169 -3.32 -9.11 3.31
N ALA C 170 -4.05 -8.02 3.24
CA ALA C 170 -3.42 -6.70 3.23
C ALA C 170 -3.55 -6.19 4.66
N LEU C 171 -2.44 -5.75 5.24
CA LEU C 171 -2.42 -5.23 6.60
C LEU C 171 -2.83 -3.76 6.59
N ASN C 172 -3.76 -3.37 7.46
CA ASN C 172 -4.19 -1.98 7.52
C ASN C 172 -3.33 -1.24 8.54
N GLU C 173 -3.36 0.10 8.51
CA GLU C 173 -2.53 0.85 9.46
C GLU C 173 -3.34 1.42 10.63
N ASP C 174 -4.04 0.53 11.34
CA ASP C 174 -4.88 0.94 12.45
C ASP C 174 -4.53 0.21 13.75
N ALA C 175 -3.33 -0.33 13.82
CA ALA C 175 -2.93 -1.07 15.00
C ALA C 175 -2.79 -0.20 16.24
N VAL C 176 -3.23 -0.73 17.38
CA VAL C 176 -3.11 -0.05 18.66
C VAL C 176 -2.72 -1.07 19.73
N ALA C 177 -1.65 -0.78 20.46
CA ALA C 177 -1.16 -1.69 21.50
C ALA C 177 -1.44 -1.15 22.89
N TYR C 178 -1.47 -2.06 23.86
CA TYR C 178 -1.72 -1.71 25.24
C TYR C 178 -0.82 -2.53 26.16
N THR C 179 0.03 -1.84 26.92
CA THR C 179 0.95 -2.51 27.83
C THR C 179 0.61 -2.26 29.30
N GLU C 180 0.74 -3.31 30.12
CA GLU C 180 0.51 -3.26 31.56
C GLU C 180 1.39 -4.30 32.23
N ASP C 181 2.23 -3.85 33.16
CA ASP C 181 3.15 -4.73 33.87
C ASP C 181 2.36 -5.62 34.85
N VAL C 182 2.33 -6.92 34.57
CA VAL C 182 1.63 -7.88 35.42
C VAL C 182 2.37 -9.21 35.41
N TYR C 183 2.25 -9.96 36.50
CA TYR C 183 2.93 -11.25 36.57
C TYR C 183 1.99 -12.42 36.50
N ASP C 184 1.35 -12.57 35.34
CA ASP C 184 0.41 -13.67 35.10
C ASP C 184 1.13 -14.92 34.60
N PHE C 185 2.21 -14.71 33.85
CA PHE C 185 2.97 -15.82 33.28
C PHE C 185 4.37 -15.29 32.94
N TRP C 186 5.40 -15.95 33.44
CA TRP C 186 6.77 -15.53 33.17
C TRP C 186 7.72 -16.69 33.44
N ARG C 187 8.94 -16.62 32.90
CA ARG C 187 9.91 -17.69 33.09
C ARG C 187 11.32 -17.17 33.30
N PRO C 188 11.71 -16.98 34.57
CA PRO C 188 13.04 -16.48 34.89
C PRO C 188 14.12 -17.36 34.28
N THR C 189 15.26 -16.75 34.00
CA THR C 189 16.39 -17.47 33.43
C THR C 189 16.72 -18.60 34.38
N GLY C 190 16.92 -19.80 33.82
CA GLY C 190 17.22 -20.94 34.66
C GLY C 190 16.04 -21.85 34.89
N HIS C 191 14.83 -21.38 34.59
CA HIS C 191 13.65 -22.20 34.76
C HIS C 191 13.28 -22.89 33.48
N LYS C 192 13.15 -24.21 33.55
CA LYS C 192 12.78 -25.00 32.40
C LYS C 192 11.32 -24.74 32.05
N TYR C 193 10.50 -24.59 33.07
CA TYR C 193 9.07 -24.35 32.87
C TYR C 193 8.62 -23.00 33.38
N PRO C 194 7.57 -22.44 32.76
CA PRO C 194 7.07 -21.13 33.18
C PRO C 194 6.37 -21.14 34.53
N LEU C 195 6.28 -19.95 35.13
CA LEU C 195 5.59 -19.75 36.39
C LEU C 195 4.26 -19.15 35.95
N VAL C 196 3.17 -19.78 36.36
CA VAL C 196 1.85 -19.31 35.98
C VAL C 196 1.03 -18.89 37.19
N ASP C 197 0.27 -17.82 37.05
CA ASP C 197 -0.56 -17.36 38.15
C ASP C 197 -2.01 -17.74 37.85
N GLY C 198 -2.59 -18.52 38.76
CA GLY C 198 -3.96 -18.98 38.60
C GLY C 198 -5.03 -17.92 38.45
N ALA C 199 -5.90 -18.12 37.46
CA ALA C 199 -7.01 -17.22 37.17
C ALA C 199 -6.57 -15.81 36.82
N LEU C 200 -5.42 -15.40 37.35
CA LEU C 200 -4.90 -14.07 37.08
C LEU C 200 -4.58 -13.93 35.59
N SER C 201 -4.11 -15.01 34.98
CA SER C 201 -3.77 -14.99 33.57
C SER C 201 -5.04 -14.75 32.73
N LYS C 202 -6.16 -15.30 33.19
CA LYS C 202 -7.43 -15.13 32.50
C LYS C 202 -7.87 -13.66 32.57
N ASP C 203 -7.82 -13.10 33.77
CA ASP C 203 -8.20 -11.71 34.00
C ASP C 203 -7.33 -10.78 33.16
N ALA C 204 -6.01 -10.99 33.22
CA ALA C 204 -5.06 -10.17 32.48
C ALA C 204 -5.32 -10.23 30.99
N TYR C 205 -5.57 -11.44 30.50
CA TYR C 205 -5.83 -11.68 29.10
C TYR C 205 -7.04 -10.89 28.60
N ILE C 206 -8.16 -11.08 29.29
CA ILE C 206 -9.39 -10.39 28.91
C ILE C 206 -9.31 -8.87 29.03
N ARG C 207 -8.65 -8.37 30.07
CA ARG C 207 -8.51 -6.93 30.25
C ARG C 207 -7.69 -6.30 29.11
N SER C 208 -6.62 -6.97 28.71
CA SER C 208 -5.76 -6.50 27.63
C SER C 208 -6.58 -6.37 26.35
N PHE C 209 -7.41 -7.38 26.09
N PHE C 209 -7.41 -7.38 26.11
CA PHE C 209 -8.26 -7.39 24.91
CA PHE C 209 -8.28 -7.44 24.94
C PHE C 209 -9.28 -6.26 24.97
C PHE C 209 -9.30 -6.31 24.96
N GLN C 210 -9.96 -6.12 26.10
CA GLN C 210 -10.97 -5.06 26.26
C GLN C 210 -10.36 -3.67 26.13
N GLN C 211 -9.20 -3.47 26.74
CA GLN C 211 -8.52 -2.17 26.69
C GLN C 211 -8.02 -1.82 25.30
N SER C 212 -7.45 -2.80 24.60
CA SER C 212 -6.96 -2.57 23.26
C SER C 212 -8.12 -2.31 22.31
N TRP C 213 -9.16 -3.14 22.41
CA TRP C 213 -10.32 -2.99 21.56
C TRP C 213 -10.98 -1.63 21.74
N ASN C 214 -11.19 -1.23 23.00
CA ASN C 214 -11.82 0.06 23.27
C ASN C 214 -11.06 1.22 22.65
N GLU C 215 -9.73 1.23 22.79
CA GLU C 215 -8.95 2.31 22.22
C GLU C 215 -9.01 2.27 20.69
N TYR C 216 -8.95 1.07 20.12
CA TYR C 216 -9.03 0.94 18.67
C TYR C 216 -10.37 1.45 18.15
N ALA C 217 -11.46 1.04 18.80
CA ALA C 217 -12.79 1.46 18.38
C ALA C 217 -12.92 2.97 18.46
N LYS C 218 -12.28 3.56 19.47
CA LYS C 218 -12.33 5.01 19.66
C LYS C 218 -11.53 5.73 18.58
N ARG C 219 -10.33 5.25 18.30
CA ARG C 219 -9.47 5.88 17.29
C ARG C 219 -9.96 5.72 15.86
N GLN C 220 -10.55 4.57 15.55
CA GLN C 220 -11.02 4.29 14.19
C GLN C 220 -12.50 4.54 13.96
N GLY C 221 -13.23 4.79 15.05
CA GLY C 221 -14.66 5.03 14.91
C GLY C 221 -15.35 3.79 14.37
N LYS C 222 -14.84 2.62 14.75
CA LYS C 222 -15.43 1.36 14.29
C LYS C 222 -16.13 0.61 15.42
N SER C 223 -16.88 -0.41 15.03
CA SER C 223 -17.58 -1.25 16.00
C SER C 223 -17.46 -2.68 15.50
N LEU C 224 -17.76 -3.64 16.37
CA LEU C 224 -17.67 -5.05 16.02
C LEU C 224 -18.44 -5.40 14.75
N ALA C 225 -19.53 -4.69 14.50
CA ALA C 225 -20.35 -4.93 13.32
C ALA C 225 -19.61 -4.73 12.01
N ASP C 226 -18.47 -4.03 12.05
CA ASP C 226 -17.68 -3.79 10.84
C ASP C 226 -16.75 -4.94 10.48
N PHE C 227 -16.69 -5.95 11.33
CA PHE C 227 -15.80 -7.09 11.09
C PHE C 227 -16.53 -8.35 10.63
N ALA C 228 -15.97 -9.00 9.60
CA ALA C 228 -16.55 -10.23 9.10
C ALA C 228 -16.21 -11.31 10.13
N SER C 229 -15.13 -11.09 10.86
CA SER C 229 -14.71 -12.06 11.86
C SER C 229 -13.53 -11.54 12.68
N LEU C 230 -13.36 -12.08 13.87
CA LEU C 230 -12.24 -11.71 14.71
C LEU C 230 -11.35 -12.94 14.76
N CYS C 231 -10.09 -12.72 15.12
CA CYS C 231 -9.13 -13.80 15.20
C CYS C 231 -8.22 -13.38 16.35
N PHE C 232 -8.16 -14.25 17.36
N PHE C 232 -8.06 -14.20 17.37
CA PHE C 232 -7.40 -14.03 18.59
CA PHE C 232 -7.18 -13.77 18.43
C PHE C 232 -6.25 -15.00 18.80
C PHE C 232 -6.43 -14.88 19.09
N HIS C 233 -5.49 -14.73 19.86
N HIS C 233 -5.32 -14.53 19.72
CA HIS C 233 -4.38 -15.58 20.28
CA HIS C 233 -4.50 -15.49 20.42
C HIS C 233 -5.05 -16.78 20.95
C HIS C 233 -5.35 -16.16 21.48
N VAL C 234 -4.58 -17.99 20.67
N VAL C 234 -5.17 -17.47 21.62
CA VAL C 234 -5.23 -19.16 21.26
CA VAL C 234 -5.89 -18.23 22.63
C VAL C 234 -4.44 -20.03 22.22
C VAL C 234 -4.95 -19.32 23.13
N PRO C 235 -4.52 -19.73 23.54
N PRO C 235 -4.80 -19.44 24.45
CA PRO C 235 -3.81 -20.52 24.55
CA PRO C 235 -3.91 -20.46 25.03
C PRO C 235 -4.51 -21.89 24.61
C PRO C 235 -4.62 -21.83 25.08
N PHE C 236 -5.84 -21.85 24.54
CA PHE C 236 -6.68 -23.04 24.49
C PHE C 236 -8.05 -22.46 24.08
N THR C 237 -8.81 -23.19 23.27
CA THR C 237 -10.08 -22.66 22.76
C THR C 237 -11.13 -22.14 23.73
N LYS C 238 -11.27 -22.72 24.91
CA LYS C 238 -12.26 -22.22 25.85
C LYS C 238 -11.91 -20.83 26.37
N MET C 239 -10.60 -20.55 26.44
CA MET C 239 -10.12 -19.25 26.92
C MET C 239 -10.54 -18.14 25.95
N GLY C 240 -10.39 -18.42 24.67
CA GLY C 240 -10.74 -17.44 23.65
C GLY C 240 -12.23 -17.17 23.61
N LYS C 241 -13.02 -18.20 23.88
CA LYS C 241 -14.48 -18.03 23.87
C LYS C 241 -14.88 -17.04 24.94
N LYS C 242 -14.30 -17.17 26.13
CA LYS C 242 -14.60 -16.26 27.23
C LYS C 242 -14.26 -14.81 26.88
N ALA C 243 -13.09 -14.59 26.29
CA ALA C 243 -12.70 -13.24 25.94
C ALA C 243 -13.65 -12.66 24.89
N LEU C 244 -14.04 -13.48 23.92
CA LEU C 244 -14.96 -13.02 22.88
C LEU C 244 -16.30 -12.61 23.47
N GLU C 245 -16.85 -13.46 24.34
CA GLU C 245 -18.14 -13.20 24.96
C GLU C 245 -18.13 -11.95 25.84
N SER C 246 -16.96 -11.56 26.34
CA SER C 246 -16.87 -10.39 27.18
C SER C 246 -17.06 -9.08 26.43
N ILE C 247 -16.75 -9.06 25.13
CA ILE C 247 -16.90 -7.81 24.36
C ILE C 247 -18.05 -7.80 23.37
N ILE C 248 -18.45 -8.96 22.87
CA ILE C 248 -19.56 -8.99 21.92
C ILE C 248 -20.85 -8.93 22.70
N ASP C 249 -20.73 -8.91 24.02
CA ASP C 249 -21.86 -8.87 24.92
C ASP C 249 -22.79 -7.68 24.64
N ASN C 250 -22.28 -6.68 23.94
CA ASN C 250 -23.06 -5.49 23.63
C ASN C 250 -23.31 -5.27 22.14
N ALA C 251 -22.98 -6.27 21.33
CA ALA C 251 -23.17 -6.19 19.88
C ALA C 251 -24.56 -6.69 19.48
N ASP C 252 -24.97 -6.40 18.26
CA ASP C 252 -26.27 -6.85 17.76
C ASP C 252 -26.27 -8.35 17.52
N GLU C 253 -27.44 -8.97 17.57
CA GLU C 253 -27.59 -10.41 17.37
C GLU C 253 -26.97 -10.92 16.06
N THR C 254 -27.10 -10.13 15.00
CA THR C 254 -26.53 -10.51 13.72
C THR C 254 -25.01 -10.58 13.80
N THR C 255 -24.42 -9.61 14.48
CA THR C 255 -22.97 -9.54 14.65
C THR C 255 -22.47 -10.67 15.55
N GLN C 256 -23.18 -10.91 16.64
CA GLN C 256 -22.81 -11.96 17.57
C GLN C 256 -22.76 -13.32 16.90
N GLU C 257 -23.79 -13.61 16.10
CA GLU C 257 -23.86 -14.90 15.41
C GLU C 257 -22.70 -15.05 14.44
N ARG C 258 -22.42 -13.99 13.69
CA ARG C 258 -21.33 -14.03 12.73
C ARG C 258 -19.96 -14.23 13.41
N LEU C 259 -19.70 -13.44 14.44
CA LEU C 259 -18.41 -13.52 15.12
C LEU C 259 -18.22 -14.83 15.89
N ARG C 260 -19.31 -15.36 16.45
CA ARG C 260 -19.23 -16.63 17.18
C ARG C 260 -18.90 -17.73 16.17
N SER C 261 -19.52 -17.66 14.99
CA SER C 261 -19.27 -18.63 13.94
C SER C 261 -17.84 -18.50 13.42
N GLY C 262 -17.39 -17.27 13.22
CA GLY C 262 -16.03 -17.04 12.75
C GLY C 262 -15.03 -17.65 13.71
N TYR C 263 -15.29 -17.48 15.01
CA TYR C 263 -14.40 -17.99 16.03
C TYR C 263 -14.20 -19.50 15.95
N GLU C 264 -15.28 -20.25 15.75
CA GLU C 264 -15.17 -21.71 15.66
C GLU C 264 -14.28 -22.11 14.48
N ASP C 265 -14.40 -21.40 13.36
CA ASP C 265 -13.57 -21.69 12.20
C ASP C 265 -12.11 -21.34 12.49
N ALA C 266 -11.91 -20.27 13.26
CA ALA C 266 -10.56 -19.82 13.59
C ALA C 266 -9.79 -20.72 14.55
N VAL C 267 -10.47 -21.48 15.39
CA VAL C 267 -9.76 -22.34 16.33
C VAL C 267 -9.74 -23.81 15.97
N ASP C 268 -10.32 -24.13 14.81
CA ASP C 268 -10.37 -25.51 14.34
C ASP C 268 -9.02 -26.24 14.39
N TYR C 269 -8.02 -25.70 13.72
CA TYR C 269 -6.69 -26.33 13.72
C TYR C 269 -6.04 -26.37 15.09
N ASN C 270 -6.22 -25.32 15.88
CA ASN C 270 -5.62 -25.24 17.20
C ASN C 270 -6.10 -26.36 18.13
N ARG C 271 -7.32 -26.84 17.92
CA ARG C 271 -7.86 -27.93 18.75
C ARG C 271 -7.04 -29.20 18.62
N TYR C 272 -6.29 -29.31 17.52
CA TYR C 272 -5.49 -30.51 17.28
C TYR C 272 -4.00 -30.30 17.44
N VAL C 273 -3.61 -29.14 17.96
CA VAL C 273 -2.19 -28.86 18.12
C VAL C 273 -1.83 -28.46 19.55
N GLY C 274 -2.58 -27.52 20.10
CA GLY C 274 -2.32 -27.03 21.44
C GLY C 274 -1.78 -25.62 21.32
N ASN C 275 -1.29 -25.08 22.42
CA ASN C 275 -0.75 -23.71 22.45
C ASN C 275 0.67 -23.72 21.87
N ILE C 276 0.93 -22.88 20.87
CA ILE C 276 2.28 -22.79 20.31
C ILE C 276 2.81 -21.37 20.46
N TYR C 277 2.40 -20.73 21.55
CA TYR C 277 2.80 -19.36 21.89
C TYR C 277 2.73 -18.29 20.78
N THR C 278 3.88 -17.81 20.32
CA THR C 278 3.90 -16.77 19.29
C THR C 278 3.13 -17.14 18.03
N GLY C 279 3.06 -18.43 17.72
CA GLY C 279 2.35 -18.84 16.52
C GLY C 279 0.86 -19.12 16.65
N SER C 280 0.33 -19.14 17.86
CA SER C 280 -1.09 -19.44 18.06
C SER C 280 -2.05 -18.58 17.27
N LEU C 281 -1.95 -17.26 17.42
CA LEU C 281 -2.82 -16.35 16.68
C LEU C 281 -2.76 -16.57 15.17
N TYR C 282 -1.54 -16.74 14.65
CA TYR C 282 -1.36 -16.94 13.23
C TYR C 282 -1.76 -18.33 12.72
N LEU C 283 -1.78 -19.31 13.63
CA LEU C 283 -2.22 -20.64 13.25
C LEU C 283 -3.74 -20.53 13.13
N SER C 284 -4.34 -19.76 14.03
CA SER C 284 -5.79 -19.53 14.02
C SER C 284 -6.18 -18.79 12.76
N LEU C 285 -5.30 -17.92 12.28
CA LEU C 285 -5.55 -17.15 11.07
C LEU C 285 -5.58 -18.10 9.87
N ILE C 286 -4.66 -19.05 9.83
CA ILE C 286 -4.65 -20.03 8.74
C ILE C 286 -5.95 -20.86 8.77
N SER C 287 -6.36 -21.27 9.96
CA SER C 287 -7.56 -22.09 10.16
C SER C 287 -8.79 -21.34 9.66
N LEU C 288 -8.91 -20.08 10.05
CA LEU C 288 -10.04 -19.24 9.64
C LEU C 288 -10.10 -19.09 8.13
N LEU C 289 -8.97 -18.78 7.52
CA LEU C 289 -8.90 -18.58 6.07
C LEU C 289 -9.27 -19.83 5.27
N GLU C 290 -8.88 -21.00 5.78
CA GLU C 290 -9.16 -22.24 5.09
C GLU C 290 -10.49 -22.88 5.44
N ASN C 291 -10.93 -22.74 6.70
CA ASN C 291 -12.19 -23.34 7.12
C ASN C 291 -13.43 -22.47 6.91
N ARG C 292 -13.23 -21.18 6.68
CA ARG C 292 -14.37 -20.30 6.46
C ARG C 292 -14.32 -19.82 5.02
N ASP C 293 -15.41 -19.25 4.54
CA ASP C 293 -15.47 -18.76 3.17
C ASP C 293 -15.65 -17.25 3.13
N LEU C 294 -14.75 -16.54 3.78
CA LEU C 294 -14.82 -15.08 3.81
C LEU C 294 -14.68 -14.51 2.40
N GLN C 295 -15.35 -13.38 2.18
CA GLN C 295 -15.33 -12.70 0.89
C GLN C 295 -14.17 -11.75 0.75
N ALA C 296 -13.64 -11.66 -0.47
CA ALA C 296 -12.53 -10.75 -0.74
C ALA C 296 -13.02 -9.35 -0.37
N GLY C 297 -12.11 -8.52 0.12
CA GLY C 297 -12.49 -7.17 0.50
C GLY C 297 -13.06 -7.08 1.90
N GLU C 298 -13.44 -8.21 2.49
CA GLU C 298 -13.98 -8.18 3.85
C GLU C 298 -12.86 -7.97 4.86
N THR C 299 -13.19 -7.42 6.03
CA THR C 299 -12.21 -7.13 7.05
C THR C 299 -12.18 -8.09 8.24
N ILE C 300 -10.97 -8.39 8.69
CA ILE C 300 -10.77 -9.29 9.83
C ILE C 300 -10.10 -8.49 10.95
N GLY C 301 -10.56 -8.72 12.19
CA GLY C 301 -9.98 -8.04 13.34
C GLY C 301 -9.09 -9.05 14.06
N LEU C 302 -7.87 -8.64 14.40
CA LEU C 302 -6.95 -9.56 15.08
C LEU C 302 -6.43 -9.04 16.41
N PHE C 303 -6.47 -9.90 17.42
CA PHE C 303 -5.95 -9.53 18.72
C PHE C 303 -4.79 -10.42 19.06
N SER C 304 -3.64 -9.82 19.31
CA SER C 304 -2.44 -10.55 19.68
C SER C 304 -2.17 -10.26 21.16
N TYR C 305 -1.78 -11.27 21.91
CA TYR C 305 -1.51 -11.10 23.34
C TYR C 305 -0.19 -11.72 23.78
N GLY C 306 0.42 -11.10 24.79
CA GLY C 306 1.66 -11.60 25.34
C GLY C 306 1.56 -11.35 26.83
N SER C 307 1.79 -12.39 27.64
CA SER C 307 1.74 -12.24 29.09
C SER C 307 2.80 -11.23 29.53
N GLY C 308 2.58 -10.55 30.64
CA GLY C 308 3.59 -9.61 31.08
C GLY C 308 3.25 -8.15 31.34
N SER C 309 2.41 -7.51 30.52
CA SER C 309 1.77 -8.10 29.36
C SER C 309 1.58 -7.03 28.29
N VAL C 310 1.42 -7.45 27.05
CA VAL C 310 1.20 -6.52 25.96
C VAL C 310 0.12 -7.09 25.05
N GLY C 311 -0.81 -6.24 24.64
CA GLY C 311 -1.87 -6.67 23.76
C GLY C 311 -1.92 -5.72 22.58
N GLU C 312 -2.37 -6.20 21.43
CA GLU C 312 -2.47 -5.34 20.26
C GLU C 312 -3.63 -5.75 19.37
N PHE C 313 -4.46 -4.79 19.00
CA PHE C 313 -5.59 -5.06 18.12
C PHE C 313 -5.33 -4.33 16.82
N TYR C 314 -5.53 -5.03 15.70
CA TYR C 314 -5.35 -4.43 14.39
C TYR C 314 -6.25 -5.15 13.39
N SER C 315 -6.35 -4.64 12.17
CA SER C 315 -7.21 -5.29 11.19
C SER C 315 -6.45 -5.55 9.90
N ALA C 316 -7.02 -6.44 9.08
CA ALA C 316 -6.43 -6.81 7.80
C ALA C 316 -7.58 -7.07 6.85
N THR C 317 -7.29 -7.01 5.55
CA THR C 317 -8.30 -7.21 4.52
C THR C 317 -7.95 -8.33 3.56
N LEU C 318 -8.92 -9.20 3.32
CA LEU C 318 -8.75 -10.32 2.41
C LEU C 318 -8.55 -9.80 1.00
N VAL C 319 -7.58 -10.37 0.30
CA VAL C 319 -7.29 -9.96 -1.06
C VAL C 319 -8.06 -10.81 -2.07
N GLU C 320 -8.43 -10.22 -3.20
CA GLU C 320 -9.16 -10.94 -4.23
C GLU C 320 -8.36 -12.15 -4.70
N GLY C 321 -9.00 -13.32 -4.69
CA GLY C 321 -8.36 -14.54 -5.15
C GLY C 321 -7.49 -15.28 -4.15
N TYR C 322 -7.54 -14.86 -2.88
CA TYR C 322 -6.73 -15.49 -1.84
C TYR C 322 -6.88 -17.00 -1.67
N LYS C 323 -8.08 -17.53 -1.91
CA LYS C 323 -8.29 -18.97 -1.75
C LYS C 323 -7.31 -19.77 -2.60
N ASP C 324 -7.01 -19.24 -3.78
CA ASP C 324 -6.09 -19.92 -4.69
C ASP C 324 -4.66 -19.90 -4.19
N HIS C 325 -4.41 -19.20 -3.09
CA HIS C 325 -3.06 -19.10 -2.55
C HIS C 325 -2.86 -19.72 -1.18
N LEU C 326 -3.86 -20.44 -0.71
CA LEU C 326 -3.76 -21.11 0.58
C LEU C 326 -3.32 -22.54 0.26
N ASP C 327 -2.97 -23.31 1.28
CA ASP C 327 -2.54 -24.67 1.04
C ASP C 327 -3.35 -25.61 1.92
N GLN C 328 -4.67 -25.55 1.77
CA GLN C 328 -5.55 -26.38 2.56
C GLN C 328 -5.28 -27.88 2.49
N ALA C 329 -5.06 -28.41 1.30
CA ALA C 329 -4.79 -29.85 1.17
C ALA C 329 -3.53 -30.21 1.94
N ALA C 330 -2.50 -29.39 1.78
CA ALA C 330 -1.23 -29.62 2.46
C ALA C 330 -1.42 -29.56 3.98
N HIS C 331 -2.16 -28.56 4.45
CA HIS C 331 -2.37 -28.39 5.88
C HIS C 331 -3.17 -29.55 6.49
N LYS C 332 -4.24 -29.96 5.83
CA LYS C 332 -5.04 -31.06 6.32
C LYS C 332 -4.19 -32.32 6.34
N ALA C 333 -3.36 -32.47 5.30
CA ALA C 333 -2.48 -33.64 5.20
C ALA C 333 -1.49 -33.65 6.34
N LEU C 334 -0.92 -32.48 6.64
CA LEU C 334 0.05 -32.37 7.72
C LEU C 334 -0.53 -32.89 9.04
N LEU C 335 -1.75 -32.46 9.35
CA LEU C 335 -2.40 -32.87 10.60
C LEU C 335 -2.78 -34.34 10.58
N ASN C 336 -3.35 -34.80 9.45
CA ASN C 336 -3.76 -36.19 9.32
C ASN C 336 -2.61 -37.18 9.28
N ASN C 337 -1.47 -36.79 8.73
CA ASN C 337 -0.34 -37.71 8.62
C ASN C 337 0.44 -37.95 9.91
N ARG C 338 -0.06 -37.43 11.03
CA ARG C 338 0.62 -37.61 12.30
C ARG C 338 0.29 -38.95 12.94
N THR C 339 1.14 -39.38 13.87
CA THR C 339 0.94 -40.64 14.56
C THR C 339 0.65 -40.43 16.04
N GLU C 340 -0.45 -41.01 16.50
CA GLU C 340 -0.83 -40.90 17.91
C GLU C 340 0.16 -41.71 18.74
N VAL C 341 0.48 -41.21 19.93
CA VAL C 341 1.38 -41.91 20.85
C VAL C 341 0.64 -42.07 22.17
N SER C 342 0.96 -43.13 22.92
CA SER C 342 0.29 -43.34 24.20
C SER C 342 0.79 -42.30 25.19
N VAL C 343 0.15 -42.21 26.34
CA VAL C 343 0.58 -41.25 27.34
C VAL C 343 1.97 -41.60 27.86
N ASP C 344 2.25 -42.88 28.06
CA ASP C 344 3.57 -43.32 28.54
C ASP C 344 4.68 -42.93 27.55
N ALA C 345 4.41 -43.12 26.26
CA ALA C 345 5.39 -42.77 25.23
C ALA C 345 5.58 -41.25 25.23
N TYR C 346 4.46 -40.53 25.35
CA TYR C 346 4.51 -39.07 25.38
C TYR C 346 5.40 -38.61 26.53
N GLU C 347 5.22 -39.22 27.70
CA GLU C 347 6.02 -38.86 28.86
C GLU C 347 7.50 -39.15 28.63
N THR C 348 7.80 -40.22 27.91
CA THR C 348 9.20 -40.57 27.64
C THR C 348 9.80 -39.52 26.69
N PHE C 349 9.03 -39.12 25.69
CA PHE C 349 9.48 -38.10 24.74
C PHE C 349 9.75 -36.80 25.50
N PHE C 350 8.80 -36.44 26.37
CA PHE C 350 8.91 -35.21 27.14
C PHE C 350 10.22 -35.15 27.91
N LYS C 351 10.52 -36.19 28.68
CA LYS C 351 11.75 -36.22 29.48
C LYS C 351 13.02 -36.17 28.63
N ARG C 352 12.99 -36.83 27.47
CA ARG C 352 14.16 -36.83 26.60
C ARG C 352 14.38 -35.44 26.00
N PHE C 353 13.29 -34.74 25.71
CA PHE C 353 13.40 -33.41 25.12
C PHE C 353 14.10 -32.48 26.10
N ASP C 354 13.84 -32.68 27.38
CA ASP C 354 14.45 -31.86 28.43
C ASP C 354 15.97 -31.82 28.32
N ASP C 355 16.59 -32.99 28.28
CA ASP C 355 18.04 -33.08 28.20
C ASP C 355 18.58 -33.18 26.76
N VAL C 356 17.68 -33.17 25.80
CA VAL C 356 18.07 -33.28 24.38
C VAL C 356 18.84 -34.59 24.20
N GLU C 357 18.21 -35.70 24.57
CA GLU C 357 18.82 -37.02 24.46
C GLU C 357 18.40 -37.65 23.13
N PHE C 358 19.35 -37.71 22.20
CA PHE C 358 19.10 -38.27 20.88
C PHE C 358 18.88 -39.78 20.87
N ASP C 359 18.04 -40.22 19.93
CA ASP C 359 17.73 -41.63 19.76
C ASP C 359 17.10 -41.80 18.37
N GLU C 360 17.92 -42.15 17.39
CA GLU C 360 17.46 -42.31 16.01
C GLU C 360 16.23 -43.21 15.88
N GLU C 361 16.19 -44.28 16.67
CA GLU C 361 15.08 -45.22 16.62
C GLU C 361 13.76 -44.66 17.15
N GLN C 362 13.75 -44.18 18.39
CA GLN C 362 12.53 -43.64 18.98
C GLN C 362 11.97 -42.44 18.24
N ASP C 363 12.84 -41.60 17.69
CA ASP C 363 12.37 -40.44 16.94
C ASP C 363 12.07 -40.83 15.50
N ALA C 364 12.46 -42.06 15.13
CA ALA C 364 12.25 -42.58 13.78
C ALA C 364 12.70 -41.56 12.74
N VAL C 365 13.98 -41.20 12.78
CA VAL C 365 14.52 -40.21 11.85
C VAL C 365 14.55 -40.65 10.39
N HIS C 366 14.55 -41.95 10.15
CA HIS C 366 14.58 -42.45 8.78
C HIS C 366 13.31 -42.01 8.02
N GLU C 367 12.26 -41.64 8.75
CA GLU C 367 11.02 -41.20 8.12
C GLU C 367 11.11 -39.73 7.73
N ASP C 368 12.02 -39.00 8.35
CA ASP C 368 12.17 -37.57 8.12
C ASP C 368 13.14 -37.16 7.00
N ARG C 369 13.20 -37.95 5.94
CA ARG C 369 14.11 -37.67 4.83
C ARG C 369 13.82 -36.37 4.10
N HIS C 370 12.54 -35.97 4.06
CA HIS C 370 12.13 -34.76 3.35
C HIS C 370 12.02 -33.47 4.18
N ILE C 371 12.45 -33.51 5.43
CA ILE C 371 12.38 -32.30 6.26
C ILE C 371 13.68 -32.00 7.00
N PHE C 372 13.71 -30.83 7.63
CA PHE C 372 14.86 -30.40 8.41
C PHE C 372 14.68 -31.00 9.81
N TYR C 373 15.77 -31.44 10.41
CA TYR C 373 15.70 -31.95 11.78
C TYR C 373 17.06 -31.86 12.44
N LEU C 374 17.06 -31.83 13.78
CA LEU C 374 18.28 -31.74 14.56
C LEU C 374 18.90 -33.14 14.60
N SER C 375 20.03 -33.29 13.92
CA SER C 375 20.68 -34.59 13.86
C SER C 375 21.68 -34.85 14.99
N ASN C 376 22.24 -33.79 15.57
CA ASN C 376 23.20 -33.97 16.66
C ASN C 376 23.74 -32.65 17.21
N ILE C 377 24.51 -32.74 18.28
CA ILE C 377 25.13 -31.57 18.88
C ILE C 377 26.58 -31.94 19.18
N GLU C 378 27.50 -31.33 18.45
CA GLU C 378 28.93 -31.59 18.63
C GLU C 378 29.64 -30.32 19.05
N ASN C 379 30.27 -30.37 20.22
CA ASN C 379 30.98 -29.22 20.77
C ASN C 379 30.08 -28.01 20.88
N ASN C 380 28.92 -28.21 21.50
CA ASN C 380 27.95 -27.15 21.71
C ASN C 380 27.40 -26.52 20.43
N VAL C 381 27.58 -27.20 19.30
CA VAL C 381 27.06 -26.70 18.05
C VAL C 381 25.98 -27.66 17.55
N ARG C 382 24.81 -27.13 17.25
CA ARG C 382 23.72 -27.96 16.75
C ARG C 382 23.92 -28.21 15.26
N GLU C 383 23.71 -29.45 14.85
CA GLU C 383 23.84 -29.84 13.45
C GLU C 383 22.48 -30.27 12.92
N TYR C 384 22.13 -29.82 11.72
CA TYR C 384 20.85 -30.15 11.14
C TYR C 384 20.91 -30.97 9.87
N HIS C 385 19.94 -31.86 9.73
CA HIS C 385 19.79 -32.69 8.55
C HIS C 385 18.94 -31.84 7.60
N ARG C 386 19.32 -31.79 6.34
CA ARG C 386 18.59 -31.00 5.35
C ARG C 386 17.77 -31.93 4.47
N PRO C 387 16.61 -31.46 3.97
CA PRO C 387 15.76 -32.29 3.10
C PRO C 387 16.57 -32.95 1.99
N GLU C 388 16.25 -34.20 1.67
CA GLU C 388 16.96 -34.94 0.62
C GLU C 388 16.96 -34.19 -0.73
N LEU C 389 15.86 -33.51 -1.03
CA LEU C 389 15.76 -32.76 -2.29
C LEU C 389 16.78 -31.62 -2.43
N GLU C 390 17.79 -31.63 -1.57
CA GLU C 390 18.83 -30.61 -1.60
C GLU C 390 20.19 -31.24 -1.91
N ALA D 2 13.13 14.89 8.34
CA ALA D 2 14.18 13.92 8.77
C ALA D 2 13.72 13.18 10.03
N ILE D 3 14.30 12.00 10.24
CA ILE D 3 14.00 11.18 11.41
C ILE D 3 15.32 10.61 11.92
N GLY D 4 15.51 10.64 13.23
CA GLY D 4 16.74 10.13 13.79
C GLY D 4 16.84 10.25 15.29
N ILE D 5 18.07 10.28 15.78
CA ILE D 5 18.31 10.38 17.20
C ILE D 5 18.13 11.80 17.69
N ASP D 6 17.15 11.97 18.57
CA ASP D 6 16.82 13.26 19.13
C ASP D 6 17.52 13.45 20.48
N LYS D 7 17.68 12.35 21.20
CA LYS D 7 18.33 12.36 22.51
C LYS D 7 19.09 11.05 22.67
N ILE D 8 20.20 11.08 23.39
CA ILE D 8 20.99 9.87 23.61
C ILE D 8 21.73 10.03 24.94
N ASN D 9 21.75 8.97 25.73
CA ASN D 9 22.41 9.03 27.03
C ASN D 9 22.82 7.63 27.45
N PHE D 10 23.77 7.54 28.37
CA PHE D 10 24.19 6.23 28.84
C PHE D 10 24.36 6.17 30.35
N TYR D 11 24.42 4.96 30.87
CA TYR D 11 24.61 4.74 32.29
C TYR D 11 25.54 3.54 32.47
N VAL D 12 26.44 3.64 33.43
CA VAL D 12 27.35 2.55 33.77
C VAL D 12 27.29 2.46 35.28
N PRO D 13 27.56 1.27 35.86
CA PRO D 13 27.50 1.13 37.32
C PRO D 13 28.55 2.01 38.03
N LYS D 14 28.37 2.19 39.33
CA LYS D 14 29.25 3.05 40.10
C LYS D 14 30.63 2.49 40.46
N TYR D 15 30.93 1.26 40.05
CA TYR D 15 32.23 0.68 40.36
C TYR D 15 33.02 0.33 39.11
N TYR D 16 34.33 0.23 39.27
CA TYR D 16 35.22 -0.13 38.17
C TYR D 16 36.53 -0.67 38.73
N VAL D 17 37.21 -1.49 37.94
CA VAL D 17 38.49 -2.03 38.38
C VAL D 17 39.57 -1.56 37.41
N ASP D 18 40.69 -1.11 37.96
CA ASP D 18 41.81 -0.63 37.18
C ASP D 18 42.39 -1.77 36.36
N MET D 19 42.53 -1.56 35.05
CA MET D 19 43.05 -2.61 34.18
C MET D 19 44.50 -2.98 34.52
N ALA D 20 45.27 -2.02 35.01
CA ALA D 20 46.65 -2.29 35.39
C ALA D 20 46.64 -3.22 36.60
N LYS D 21 45.69 -3.00 37.52
CA LYS D 21 45.57 -3.85 38.71
C LYS D 21 45.18 -5.27 38.30
N LEU D 22 44.22 -5.37 37.37
CA LEU D 22 43.76 -6.68 36.92
C LEU D 22 44.89 -7.46 36.24
N ALA D 23 45.72 -6.73 35.48
CA ALA D 23 46.84 -7.35 34.80
C ALA D 23 47.81 -7.93 35.82
N GLU D 24 48.12 -7.15 36.85
CA GLU D 24 49.04 -7.57 37.91
C GLU D 24 48.50 -8.80 38.63
N ALA D 25 47.19 -8.88 38.77
CA ALA D 25 46.54 -10.01 39.44
C ALA D 25 46.46 -11.23 38.54
N ARG D 26 46.67 -11.02 37.25
CA ARG D 26 46.61 -12.12 36.29
C ARG D 26 48.00 -12.52 35.79
N GLN D 27 49.02 -11.93 36.39
CA GLN D 27 50.40 -12.24 36.03
C GLN D 27 50.71 -11.96 34.56
N VAL D 28 50.48 -10.71 34.14
CA VAL D 28 50.75 -10.29 32.77
C VAL D 28 51.12 -8.81 32.78
N ASP D 29 51.83 -8.36 31.75
CA ASP D 29 52.25 -6.97 31.63
C ASP D 29 51.02 -6.07 31.51
N PRO D 30 50.96 -5.00 32.33
CA PRO D 30 49.80 -4.10 32.27
C PRO D 30 49.55 -3.55 30.87
N ASN D 31 50.62 -3.25 30.14
CA ASN D 31 50.49 -2.73 28.79
C ASN D 31 49.76 -3.68 27.86
N LYS D 32 49.74 -4.96 28.21
CA LYS D 32 49.04 -5.93 27.38
C LYS D 32 47.56 -5.53 27.33
N PHE D 33 47.04 -5.12 28.49
CA PHE D 33 45.63 -4.69 28.59
C PHE D 33 45.48 -3.22 28.19
N LEU D 34 46.39 -2.38 28.69
CA LEU D 34 46.34 -0.95 28.41
C LEU D 34 46.59 -0.59 26.95
N ILE D 35 47.46 -1.34 26.30
CA ILE D 35 47.80 -1.07 24.90
C ILE D 35 47.44 -2.20 23.96
N GLY D 36 47.79 -3.42 24.34
CA GLY D 36 47.48 -4.57 23.51
C GLY D 36 45.99 -4.70 23.26
N ILE D 37 45.20 -4.64 24.32
CA ILE D 37 43.75 -4.74 24.22
C ILE D 37 43.17 -3.34 24.05
N GLY D 38 43.78 -2.36 24.70
CA GLY D 38 43.33 -0.98 24.61
C GLY D 38 42.23 -0.57 25.58
N GLN D 39 42.31 -1.08 26.81
CA GLN D 39 41.32 -0.78 27.85
C GLN D 39 42.03 -0.29 29.12
N THR D 40 41.46 0.74 29.74
CA THR D 40 42.02 1.33 30.95
C THR D 40 41.26 0.98 32.23
N GLU D 41 39.93 0.97 32.17
CA GLU D 41 39.11 0.65 33.33
C GLU D 41 37.89 -0.19 32.91
N MET D 42 37.58 -1.19 33.71
CA MET D 42 36.47 -2.11 33.45
C MET D 42 35.31 -1.89 34.41
N ALA D 43 34.12 -1.59 33.88
CA ALA D 43 32.95 -1.38 34.71
C ALA D 43 32.65 -2.65 35.51
N VAL D 44 32.27 -2.48 36.78
CA VAL D 44 31.95 -3.62 37.63
C VAL D 44 30.51 -3.47 38.11
N SER D 45 29.73 -4.54 37.96
CA SER D 45 28.32 -4.55 38.34
C SER D 45 27.96 -4.99 39.75
N PRO D 46 27.35 -4.08 40.53
CA PRO D 46 26.98 -4.52 41.87
C PRO D 46 25.70 -5.32 41.61
N VAL D 47 25.28 -6.14 42.57
CA VAL D 47 24.09 -6.95 42.40
C VAL D 47 22.79 -6.15 42.21
N ASN D 48 22.74 -4.94 42.76
CA ASN D 48 21.52 -4.14 42.67
C ASN D 48 21.31 -3.46 41.32
N GLN D 49 22.18 -3.74 40.35
CA GLN D 49 22.03 -3.18 39.01
C GLN D 49 21.88 -4.28 37.96
N ASP D 50 20.65 -4.48 37.48
CA ASP D 50 20.43 -5.49 36.44
C ASP D 50 20.14 -4.76 35.12
N ILE D 51 19.87 -5.50 34.05
CA ILE D 51 19.62 -4.83 32.77
C ILE D 51 18.41 -3.90 32.79
N VAL D 52 17.41 -4.21 33.61
CA VAL D 52 16.23 -3.37 33.71
C VAL D 52 16.54 -2.02 34.38
N SER D 53 17.21 -2.06 35.52
CA SER D 53 17.54 -0.82 36.22
C SER D 53 18.57 0.01 35.46
N MET D 54 19.57 -0.64 34.87
CA MET D 54 20.57 0.14 34.12
C MET D 54 19.90 0.83 32.93
N GLY D 55 18.95 0.13 32.32
CA GLY D 55 18.25 0.67 31.18
C GLY D 55 17.40 1.86 31.55
N ALA D 56 16.69 1.75 32.66
CA ALA D 56 15.85 2.83 33.13
C ALA D 56 16.70 4.04 33.53
N ASN D 57 17.86 3.78 34.13
CA ASN D 57 18.74 4.88 34.53
C ASN D 57 19.30 5.61 33.33
N ALA D 58 19.50 4.90 32.22
CA ALA D 58 20.04 5.56 31.03
C ALA D 58 18.98 6.45 30.40
N ALA D 59 17.72 6.02 30.45
CA ALA D 59 16.64 6.77 29.82
C ALA D 59 15.98 7.86 30.65
N LYS D 60 15.97 7.72 31.96
CA LYS D 60 15.31 8.69 32.83
C LYS D 60 15.74 10.14 32.61
N ASP D 61 17.02 10.35 32.32
CA ASP D 61 17.50 11.71 32.12
C ASP D 61 17.14 12.30 30.75
N ILE D 62 16.63 11.48 29.84
CA ILE D 62 16.29 12.02 28.52
C ILE D 62 14.82 11.96 28.11
N ILE D 63 13.93 11.68 29.05
CA ILE D 63 12.52 11.66 28.70
C ILE D 63 11.74 12.63 29.58
N THR D 64 11.03 13.55 28.94
CA THR D 64 10.26 14.55 29.67
C THR D 64 8.82 14.06 29.80
N ASP D 65 8.03 14.74 30.63
CA ASP D 65 6.63 14.35 30.81
C ASP D 65 5.90 14.35 29.47
N GLU D 66 6.32 15.23 28.56
CA GLU D 66 5.70 15.31 27.24
C GLU D 66 6.09 14.08 26.41
N ASP D 67 7.33 13.64 26.53
CA ASP D 67 7.81 12.47 25.80
C ASP D 67 7.05 11.23 26.27
N LYS D 68 6.76 11.17 27.57
CA LYS D 68 6.04 10.03 28.11
C LYS D 68 4.70 9.86 27.40
N LYS D 69 4.14 10.96 26.93
CA LYS D 69 2.87 10.93 26.22
C LYS D 69 3.01 10.56 24.75
N LYS D 70 4.17 10.84 24.14
CA LYS D 70 4.34 10.56 22.72
C LYS D 70 5.07 9.29 22.33
N ILE D 71 5.66 8.60 23.29
CA ILE D 71 6.38 7.37 22.99
C ILE D 71 5.40 6.23 22.74
N GLY D 72 5.42 5.70 21.51
CA GLY D 72 4.52 4.62 21.13
C GLY D 72 5.15 3.24 21.13
N MET D 73 6.47 3.19 21.26
CA MET D 73 7.20 1.92 21.29
C MET D 73 8.43 2.02 22.17
N VAL D 74 8.67 0.95 22.93
CA VAL D 74 9.82 0.83 23.78
C VAL D 74 10.48 -0.49 23.37
N ILE D 75 11.69 -0.39 22.82
CA ILE D 75 12.40 -1.56 22.37
C ILE D 75 13.68 -1.71 23.17
N VAL D 76 13.89 -2.90 23.73
CA VAL D 76 15.09 -3.19 24.49
C VAL D 76 15.93 -4.20 23.71
N ALA D 77 17.19 -3.87 23.48
CA ALA D 77 18.11 -4.76 22.76
C ALA D 77 19.06 -5.29 23.83
N THR D 78 19.15 -6.61 23.95
CA THR D 78 20.02 -7.20 24.95
C THR D 78 20.31 -8.65 24.63
N GLU D 79 21.39 -9.16 25.21
CA GLU D 79 21.72 -10.57 25.06
C GLU D 79 22.01 -11.05 26.48
N SER D 80 21.52 -10.28 27.45
CA SER D 80 21.69 -10.56 28.88
C SER D 80 20.32 -10.57 29.56
N ALA D 81 19.31 -11.13 28.90
CA ALA D 81 17.95 -11.16 29.44
C ALA D 81 17.83 -11.94 30.75
N VAL D 82 16.93 -11.50 31.62
CA VAL D 82 16.72 -12.16 32.90
C VAL D 82 15.44 -13.00 32.91
N ASP D 83 14.68 -12.96 31.81
CA ASP D 83 13.46 -13.75 31.69
C ASP D 83 13.41 -14.28 30.25
N ALA D 84 12.94 -15.52 30.09
CA ALA D 84 12.87 -16.12 28.77
C ALA D 84 11.57 -15.77 28.04
N ALA D 85 10.63 -15.15 28.75
CA ALA D 85 9.36 -14.80 28.14
C ALA D 85 9.03 -13.32 28.21
N LYS D 86 8.99 -12.79 29.43
CA LYS D 86 8.65 -11.39 29.66
C LYS D 86 9.76 -10.45 29.19
N ALA D 87 9.43 -9.57 28.24
CA ALA D 87 10.41 -8.61 27.72
C ALA D 87 10.76 -7.57 28.78
N ALA D 88 12.04 -7.27 28.90
CA ALA D 88 12.50 -6.27 29.88
C ALA D 88 11.92 -4.89 29.58
N ALA D 89 11.45 -4.69 28.34
CA ALA D 89 10.86 -3.41 27.94
C ALA D 89 9.57 -3.11 28.71
N VAL D 90 8.85 -4.16 29.09
CA VAL D 90 7.61 -3.97 29.83
C VAL D 90 7.90 -3.37 31.21
N GLN D 91 8.94 -3.87 31.89
CA GLN D 91 9.30 -3.32 33.21
C GLN D 91 9.80 -1.89 33.08
N ILE D 92 10.64 -1.64 32.09
CA ILE D 92 11.18 -0.30 31.90
C ILE D 92 10.06 0.67 31.52
N HIS D 93 9.12 0.20 30.70
CA HIS D 93 8.00 1.05 30.29
C HIS D 93 7.24 1.46 31.55
N ASN D 94 7.12 0.52 32.48
CA ASN D 94 6.42 0.77 33.74
C ASN D 94 7.20 1.73 34.63
N LEU D 95 8.48 1.45 34.84
CA LEU D 95 9.32 2.29 35.69
C LEU D 95 9.41 3.76 35.25
N LEU D 96 9.42 3.99 33.94
CA LEU D 96 9.53 5.34 33.42
C LEU D 96 8.17 6.06 33.28
N GLY D 97 7.08 5.36 33.60
CA GLY D 97 5.77 5.97 33.52
C GLY D 97 5.29 6.39 32.13
N ILE D 98 5.65 5.62 31.11
CA ILE D 98 5.26 5.95 29.75
C ILE D 98 3.77 5.60 29.54
N GLN D 99 3.08 6.40 28.72
CA GLN D 99 1.65 6.17 28.46
C GLN D 99 1.41 4.70 28.09
N PRO D 100 0.28 4.13 28.53
CA PRO D 100 -0.12 2.74 28.30
C PRO D 100 -0.27 2.19 26.88
N PHE D 101 -0.63 3.03 25.93
CA PHE D 101 -0.82 2.56 24.56
C PHE D 101 0.46 2.52 23.74
N ALA D 102 1.32 1.58 24.07
CA ALA D 102 2.60 1.44 23.37
C ALA D 102 3.04 -0.01 23.25
N ARG D 103 3.83 -0.33 22.23
CA ARG D 103 4.32 -1.68 22.05
C ARG D 103 5.63 -1.80 22.84
N CYS D 104 5.83 -2.95 23.47
CA CYS D 104 7.06 -3.20 24.24
C CYS D 104 7.54 -4.60 23.90
N PHE D 105 8.81 -4.71 23.55
CA PHE D 105 9.36 -6.01 23.21
C PHE D 105 10.88 -5.95 23.14
N GLU D 106 11.50 -7.12 23.16
CA GLU D 106 12.95 -7.24 23.11
C GLU D 106 13.41 -7.70 21.72
N MET D 107 14.59 -7.26 21.32
CA MET D 107 15.19 -7.67 20.05
C MET D 107 16.51 -8.33 20.45
N LYS D 108 16.90 -9.38 19.73
CA LYS D 108 18.13 -10.09 20.07
C LYS D 108 18.88 -10.69 18.88
N GLU D 109 20.19 -10.44 18.87
CA GLU D 109 21.11 -10.98 17.86
C GLU D 109 22.48 -10.52 18.32
N ALA D 110 22.95 -11.10 19.42
CA ALA D 110 24.25 -10.75 19.97
C ALA D 110 24.35 -9.22 20.16
N CYS D 111 25.48 -8.62 19.80
CA CYS D 111 25.69 -7.18 19.96
C CYS D 111 25.13 -6.32 18.82
N TYR D 112 24.41 -6.94 17.91
CA TYR D 112 23.85 -6.22 16.75
C TYR D 112 22.46 -5.60 16.96
N ALA D 113 21.68 -6.19 17.86
CA ALA D 113 20.30 -5.81 18.13
C ALA D 113 19.81 -4.36 18.20
N ALA D 114 20.60 -3.42 18.72
CA ALA D 114 20.13 -2.04 18.80
C ALA D 114 19.99 -1.40 17.42
N THR D 115 20.77 -1.88 16.45
CA THR D 115 20.74 -1.32 15.10
C THR D 115 19.43 -1.57 14.36
N PRO D 116 18.98 -2.83 14.25
CA PRO D 116 17.71 -3.00 13.54
C PRO D 116 16.60 -2.30 14.34
N ALA D 117 16.84 -2.13 15.64
CA ALA D 117 15.88 -1.47 16.50
C ALA D 117 15.71 0.01 16.13
N ILE D 118 16.81 0.75 15.98
CA ILE D 118 16.66 2.16 15.63
C ILE D 118 16.24 2.32 14.18
N GLN D 119 16.71 1.43 13.31
CA GLN D 119 16.37 1.50 11.89
C GLN D 119 14.88 1.25 11.68
N LEU D 120 14.32 0.31 12.41
CA LEU D 120 12.90 0.00 12.28
C LEU D 120 12.07 1.02 13.03
N ALA D 121 12.67 1.63 14.05
CA ALA D 121 12.00 2.67 14.81
C ALA D 121 11.79 3.81 13.82
N LYS D 122 12.79 4.02 12.96
CA LYS D 122 12.69 5.08 11.96
C LYS D 122 11.60 4.75 10.95
N ASP D 123 11.58 3.51 10.47
CA ASP D 123 10.56 3.10 9.50
C ASP D 123 9.15 3.22 10.09
N TYR D 124 9.03 2.93 11.37
CA TYR D 124 7.75 3.00 12.07
C TYR D 124 7.20 4.42 12.16
N LEU D 125 8.08 5.38 12.39
CA LEU D 125 7.68 6.78 12.53
C LEU D 125 7.35 7.51 11.23
N ALA D 126 7.78 6.97 10.09
CA ALA D 126 7.54 7.60 8.80
C ALA D 126 6.11 8.09 8.59
N THR D 127 5.13 7.38 9.17
CA THR D 127 3.73 7.78 9.01
C THR D 127 3.07 8.17 10.32
N ARG D 128 3.87 8.35 11.36
CA ARG D 128 3.37 8.72 12.67
C ARG D 128 4.12 9.99 13.09
N PRO D 129 3.65 11.15 12.60
CA PRO D 129 4.20 12.49 12.83
C PRO D 129 4.44 12.99 14.26
N ASN D 130 3.57 12.62 15.21
CA ASN D 130 3.77 13.10 16.57
C ASN D 130 4.07 12.02 17.59
N GLU D 131 4.77 11.00 17.15
CA GLU D 131 5.15 9.90 18.04
C GLU D 131 6.67 9.83 18.12
N LYS D 132 7.16 9.14 19.14
CA LYS D 132 8.59 8.96 19.34
C LYS D 132 8.79 7.48 19.72
N VAL D 133 10.03 7.00 19.60
CA VAL D 133 10.35 5.64 19.96
C VAL D 133 11.53 5.64 20.93
N LEU D 134 11.45 4.82 21.97
CA LEU D 134 12.54 4.72 22.94
C LEU D 134 13.27 3.40 22.70
N VAL D 135 14.56 3.49 22.40
CA VAL D 135 15.38 2.32 22.17
C VAL D 135 16.42 2.28 23.28
N ILE D 136 16.56 1.12 23.91
CA ILE D 136 17.50 0.94 25.00
C ILE D 136 18.34 -0.32 24.81
N ALA D 137 19.65 -0.12 24.75
CA ALA D 137 20.58 -1.23 24.62
C ALA D 137 21.13 -1.39 26.02
N THR D 138 20.95 -2.56 26.61
CA THR D 138 21.42 -2.80 27.97
C THR D 138 22.01 -4.20 28.10
N ASP D 139 23.22 -4.29 28.66
CA ASP D 139 23.89 -5.58 28.79
C ASP D 139 24.95 -5.67 29.87
N THR D 140 25.39 -6.88 30.13
CA THR D 140 26.45 -7.16 31.08
C THR D 140 27.31 -8.19 30.36
N ALA D 141 28.49 -7.77 29.92
CA ALA D 141 29.40 -8.68 29.22
C ALA D 141 30.21 -9.43 30.28
N ARG D 142 29.81 -10.67 30.54
CA ARG D 142 30.45 -11.51 31.54
C ARG D 142 31.06 -12.77 30.93
N TYR D 143 32.38 -12.89 31.02
CA TYR D 143 33.09 -14.04 30.47
C TYR D 143 33.51 -15.07 31.50
N GLY D 144 33.75 -14.62 32.73
CA GLY D 144 34.16 -15.54 33.77
C GLY D 144 35.55 -15.22 34.30
N LEU D 145 35.74 -15.40 35.61
CA LEU D 145 37.04 -15.13 36.20
C LEU D 145 38.10 -16.02 35.58
N ASN D 146 39.25 -15.43 35.27
CA ASN D 146 40.36 -16.16 34.67
C ASN D 146 40.07 -16.71 33.28
N SER D 147 39.07 -16.15 32.61
CA SER D 147 38.72 -16.60 31.26
C SER D 147 39.49 -15.80 30.22
N GLY D 148 39.39 -16.23 28.98
CA GLY D 148 40.08 -15.52 27.92
C GLY D 148 39.48 -14.16 27.62
N GLY D 149 38.16 -14.04 27.76
CA GLY D 149 37.50 -12.77 27.46
C GLY D 149 37.37 -11.81 28.62
N GLU D 150 37.70 -12.26 29.83
CA GLU D 150 37.60 -11.43 31.03
C GLU D 150 38.06 -9.98 30.91
N PRO D 151 39.24 -9.74 30.30
CA PRO D 151 39.73 -8.37 30.17
C PRO D 151 38.81 -7.43 29.39
N THR D 152 37.94 -7.98 28.56
CA THR D 152 37.04 -7.17 27.75
C THR D 152 35.65 -7.00 28.37
N GLN D 153 35.49 -7.46 29.60
CA GLN D 153 34.20 -7.35 30.27
C GLN D 153 33.76 -5.91 30.48
N GLY D 154 32.47 -5.74 30.75
CA GLY D 154 31.93 -4.41 30.98
C GLY D 154 30.45 -4.52 31.24
N ALA D 155 29.83 -3.40 31.61
CA ALA D 155 28.39 -3.39 31.87
C ALA D 155 27.85 -1.97 31.72
N GLY D 156 26.65 -1.86 31.17
CA GLY D 156 26.07 -0.54 30.97
C GLY D 156 24.86 -0.54 30.07
N ALA D 157 24.32 0.63 29.80
CA ALA D 157 23.15 0.75 28.94
C ALA D 157 23.17 2.08 28.22
N VAL D 158 22.60 2.11 27.02
CA VAL D 158 22.53 3.34 26.24
C VAL D 158 21.07 3.46 25.85
N ALA D 159 20.53 4.67 26.00
CA ALA D 159 19.14 4.95 25.66
C ALA D 159 19.07 6.01 24.58
N MET D 160 18.19 5.81 23.60
CA MET D 160 18.05 6.75 22.51
C MET D 160 16.58 7.01 22.24
N VAL D 161 16.25 8.26 21.95
CA VAL D 161 14.88 8.62 21.60
C VAL D 161 14.93 8.95 20.11
N ILE D 162 14.18 8.18 19.33
CA ILE D 162 14.10 8.38 17.89
C ILE D 162 12.85 9.19 17.62
N ALA D 163 12.98 10.26 16.83
CA ALA D 163 11.84 11.12 16.53
C ALA D 163 12.01 11.87 15.22
N HIS D 164 10.97 12.60 14.85
CA HIS D 164 10.97 13.42 13.63
C HIS D 164 11.77 14.67 13.99
N ASN D 165 12.38 15.29 12.98
CA ASN D 165 13.16 16.50 13.20
C ASN D 165 14.13 16.30 14.35
N PRO D 166 14.97 15.26 14.27
CA PRO D 166 15.93 14.98 15.34
C PRO D 166 16.89 16.14 15.60
N SER D 167 17.26 16.31 16.87
CA SER D 167 18.16 17.38 17.30
C SER D 167 19.64 17.05 17.12
N ILE D 168 19.97 15.77 17.04
CA ILE D 168 21.36 15.36 16.92
C ILE D 168 21.75 14.72 15.59
N LEU D 169 21.17 13.56 15.28
CA LEU D 169 21.50 12.85 14.04
C LEU D 169 20.32 12.42 13.18
N ALA D 170 20.44 12.65 11.88
CA ALA D 170 19.41 12.21 10.96
C ALA D 170 19.90 10.89 10.37
N LEU D 171 19.08 9.85 10.46
CA LEU D 171 19.44 8.54 9.91
C LEU D 171 19.16 8.54 8.42
N ASN D 172 20.14 8.15 7.62
CA ASN D 172 19.94 8.13 6.18
C ASN D 172 19.32 6.81 5.74
N GLU D 173 18.77 6.80 4.53
CA GLU D 173 18.14 5.60 3.99
C GLU D 173 19.15 4.86 3.11
N ASP D 174 20.22 4.35 3.72
CA ASP D 174 21.27 3.67 2.98
C ASP D 174 21.86 2.46 3.68
N ALA D 175 21.12 1.88 4.63
CA ALA D 175 21.64 0.74 5.37
C ALA D 175 21.74 -0.56 4.58
N VAL D 176 22.82 -1.31 4.80
CA VAL D 176 23.01 -2.59 4.14
C VAL D 176 23.58 -3.58 5.17
N ALA D 177 22.89 -4.70 5.34
CA ALA D 177 23.31 -5.73 6.28
C ALA D 177 23.92 -6.93 5.56
N TYR D 178 24.70 -7.71 6.30
CA TYR D 178 25.35 -8.89 5.74
C TYR D 178 25.35 -9.98 6.81
N THR D 179 24.70 -11.10 6.50
CA THR D 179 24.58 -12.23 7.43
C THR D 179 25.37 -13.44 6.94
N GLU D 180 26.11 -14.07 7.85
CA GLU D 180 26.86 -15.27 7.52
C GLU D 180 26.95 -16.10 8.78
N ASP D 181 26.39 -17.31 8.74
CA ASP D 181 26.40 -18.21 9.89
C ASP D 181 27.84 -18.60 10.23
N VAL D 182 28.23 -18.37 11.47
CA VAL D 182 29.58 -18.70 11.95
C VAL D 182 29.55 -18.84 13.46
N TYR D 183 30.40 -19.71 13.99
CA TYR D 183 30.43 -19.91 15.43
C TYR D 183 31.64 -19.29 16.09
N ASP D 184 31.67 -17.96 16.11
CA ASP D 184 32.76 -17.21 16.71
C ASP D 184 32.49 -16.94 18.19
N PHE D 185 31.22 -16.75 18.52
CA PHE D 185 30.81 -16.45 19.88
C PHE D 185 29.33 -16.77 20.00
N TRP D 186 28.97 -17.57 20.99
CA TRP D 186 27.57 -17.93 21.21
C TRP D 186 27.40 -18.41 22.64
N ARG D 187 26.15 -18.54 23.08
CA ARG D 187 25.90 -18.98 24.44
C ARG D 187 24.62 -19.79 24.54
N PRO D 188 24.75 -21.13 24.43
CA PRO D 188 23.59 -22.00 24.49
C PRO D 188 22.83 -21.80 25.81
N THR D 189 21.54 -22.06 25.76
CA THR D 189 20.69 -21.94 26.93
C THR D 189 21.29 -22.79 28.04
N GLY D 190 21.40 -22.22 29.23
CA GLY D 190 21.98 -22.96 30.33
C GLY D 190 23.40 -22.53 30.66
N HIS D 191 24.12 -21.99 29.67
CA HIS D 191 25.49 -21.55 29.91
C HIS D 191 25.53 -20.16 30.50
N LYS D 192 26.22 -20.03 31.64
CA LYS D 192 26.34 -18.74 32.30
C LYS D 192 27.21 -17.80 31.48
N TYR D 193 28.22 -18.36 30.82
CA TYR D 193 29.14 -17.57 30.01
C TYR D 193 29.16 -18.02 28.56
N PRO D 194 29.53 -17.12 27.64
CA PRO D 194 29.57 -17.51 26.24
C PRO D 194 30.74 -18.40 25.86
N LEU D 195 30.59 -19.11 24.74
CA LEU D 195 31.65 -19.95 24.21
C LEU D 195 32.30 -19.03 23.19
N VAL D 196 33.62 -18.90 23.25
CA VAL D 196 34.31 -18.00 22.35
C VAL D 196 35.50 -18.60 21.63
N ASP D 197 35.64 -18.26 20.37
CA ASP D 197 36.77 -18.71 19.58
C ASP D 197 37.51 -17.42 19.21
N GLY D 198 38.22 -16.86 20.19
CA GLY D 198 38.96 -15.63 20.01
C GLY D 198 39.49 -15.32 18.62
N ALA D 199 40.38 -16.19 18.14
CA ALA D 199 40.98 -16.01 16.81
C ALA D 199 39.92 -15.90 15.73
N LEU D 200 39.02 -16.87 15.68
CA LEU D 200 37.95 -16.88 14.68
C LEU D 200 37.14 -15.59 14.74
N SER D 201 36.94 -15.05 15.93
CA SER D 201 36.17 -13.82 16.07
N LYS D 202 37.87 -12.49 15.67
CA LYS D 202 38.48 -11.34 15.00
C LYS D 202 38.28 -11.39 13.49
N ASP D 203 38.57 -12.54 12.90
CA ASP D 203 38.43 -12.71 11.46
C ASP D 203 36.98 -12.50 11.03
N ALA D 204 36.05 -13.04 11.82
CA ALA D 204 34.62 -12.94 11.52
C ALA D 204 34.18 -11.48 11.53
N TYR D 205 34.66 -10.74 12.53
CA TYR D 205 34.34 -9.34 12.69
C TYR D 205 34.81 -8.55 11.47
N ILE D 206 36.08 -8.72 11.13
CA ILE D 206 36.64 -7.99 10.00
C ILE D 206 36.02 -8.37 8.66
N ARG D 207 35.74 -9.65 8.45
CA ARG D 207 35.13 -10.06 7.19
C ARG D 207 33.75 -9.43 7.04
N SER D 208 32.98 -9.44 8.13
CA SER D 208 31.63 -8.87 8.11
C SER D 208 31.67 -7.38 7.79
N PHE D 209 32.68 -6.69 8.33
N PHE D 209 32.69 -6.70 8.33
CA PHE D 209 32.83 -5.25 8.09
CA PHE D 209 32.88 -5.27 8.13
C PHE D 209 33.17 -4.97 6.63
C PHE D 209 33.19 -4.95 6.67
N GLN D 210 34.14 -5.71 6.10
CA GLN D 210 34.55 -5.53 4.70
C GLN D 210 33.42 -5.85 3.73
N GLN D 211 32.67 -6.91 4.00
CA GLN D 211 31.57 -7.31 3.12
C GLN D 211 30.45 -6.28 3.15
N SER D 212 30.13 -5.78 4.33
CA SER D 212 29.09 -4.77 4.48
C SER D 212 29.53 -3.47 3.83
N TRP D 213 30.75 -3.05 4.12
CA TRP D 213 31.27 -1.81 3.56
C TRP D 213 31.32 -1.85 2.04
N ASN D 214 31.83 -2.95 1.49
CA ASN D 214 31.93 -3.09 0.05
C ASN D 214 30.58 -2.99 -0.65
N GLU D 215 29.58 -3.69 -0.13
CA GLU D 215 28.26 -3.66 -0.74
C GLU D 215 27.69 -2.26 -0.64
N TYR D 216 27.86 -1.62 0.52
CA TYR D 216 27.36 -0.26 0.71
C TYR D 216 28.02 0.73 -0.24
N ALA D 217 29.34 0.68 -0.33
CA ALA D 217 30.09 1.58 -1.20
C ALA D 217 29.62 1.41 -2.64
N LYS D 218 29.35 0.17 -3.02
CA LYS D 218 28.89 -0.17 -4.35
C LYS D 218 27.48 0.36 -4.62
N ARG D 219 26.56 0.15 -3.68
CA ARG D 219 25.18 0.61 -3.84
C ARG D 219 25.01 2.12 -3.77
N GLN D 220 25.86 2.78 -2.99
CA GLN D 220 25.75 4.23 -2.84
C GLN D 220 26.72 5.00 -3.71
N GLY D 221 27.67 4.31 -4.32
CA GLY D 221 28.65 5.01 -5.16
C GLY D 221 29.46 5.94 -4.28
N LYS D 222 29.76 5.51 -3.05
CA LYS D 222 30.54 6.31 -2.12
C LYS D 222 31.92 5.73 -1.82
N SER D 223 32.72 6.49 -1.07
CA SER D 223 34.06 6.07 -0.69
C SER D 223 34.35 6.64 0.70
N LEU D 224 35.35 6.08 1.38
CA LEU D 224 35.72 6.53 2.70
C LEU D 224 35.93 8.04 2.78
N ALA D 225 36.40 8.62 1.68
CA ALA D 225 36.66 10.06 1.61
C ALA D 225 35.42 10.90 1.87
N ASP D 226 34.25 10.31 1.69
CA ASP D 226 32.99 11.01 1.90
C ASP D 226 32.57 11.08 3.36
N PHE D 227 33.31 10.41 4.24
CA PHE D 227 32.93 10.41 5.65
C PHE D 227 33.81 11.26 6.55
N ALA D 228 33.18 12.03 7.43
CA ALA D 228 33.91 12.86 8.37
C ALA D 228 34.52 11.92 9.41
N SER D 229 33.86 10.80 9.64
CA SER D 229 34.36 9.83 10.61
C SER D 229 33.58 8.54 10.61
N LEU D 230 34.22 7.45 11.05
CA LEU D 230 33.53 6.17 11.14
C LEU D 230 33.36 5.86 12.61
N CYS D 231 32.37 5.04 12.91
CA CYS D 231 32.06 4.67 14.29
C CYS D 231 31.62 3.22 14.21
N PHE D 232 32.30 2.34 14.95
N PHE D 232 32.29 2.32 14.94
CA PHE D 232 32.03 0.90 14.93
CA PHE D 232 31.86 0.93 14.90
C PHE D 232 31.77 0.27 16.29
C PHE D 232 31.83 0.23 16.25
N HIS D 233 31.22 -0.93 16.25
CA HIS D 233 31.01 -1.72 17.46
C HIS D 233 32.40 -1.98 18.06
N VAL D 234 32.53 -1.74 19.36
CA VAL D 234 33.80 -1.92 20.07
C VAL D 234 33.86 -2.99 21.16
N PRO D 235 34.34 -4.20 20.83
CA PRO D 235 34.43 -5.23 21.87
C PRO D 235 35.60 -4.82 22.80
N PHE D 236 36.57 -4.14 22.18
CA PHE D 236 37.74 -3.57 22.85
C PHE D 236 38.39 -2.67 21.80
N THR D 237 38.83 -1.48 22.22
CA THR D 237 39.40 -0.50 21.29
C THR D 237 40.44 -0.98 20.30
N LYS D 238 41.23 -1.98 20.68
CA LYS D 238 42.25 -2.50 19.78
C LYS D 238 41.60 -3.16 18.56
N MET D 239 40.57 -3.95 18.81
CA MET D 239 39.83 -4.67 17.78
C MET D 239 39.32 -3.74 16.68
N GLY D 240 38.84 -2.57 17.09
CA GLY D 240 38.34 -1.61 16.13
C GLY D 240 39.43 -1.00 15.27
N LYS D 241 40.58 -0.75 15.89
CA LYS D 241 41.71 -0.17 15.19
C LYS D 241 42.09 -1.10 14.04
N LYS D 242 42.14 -2.40 14.33
CA LYS D 242 42.48 -3.40 13.32
C LYS D 242 41.47 -3.42 12.17
N ALA D 243 40.19 -3.42 12.51
CA ALA D 243 39.15 -3.42 11.49
C ALA D 243 39.33 -2.21 10.57
N LEU D 244 39.44 -1.03 11.17
CA LEU D 244 39.60 0.20 10.40
C LEU D 244 40.82 0.15 9.48
N GLU D 245 41.95 -0.32 10.02
CA GLU D 245 43.17 -0.40 9.25
C GLU D 245 43.05 -1.32 8.03
N SER D 246 42.19 -2.31 8.13
CA SER D 246 42.03 -3.23 7.00
C SER D 246 41.35 -2.61 5.77
N ILE D 247 40.62 -1.52 5.95
CA ILE D 247 39.95 -0.91 4.80
C ILE D 247 40.46 0.46 4.36
N ILE D 248 41.05 1.22 5.28
CA ILE D 248 41.56 2.53 4.91
C ILE D 248 42.91 2.37 4.24
N ASP D 249 43.34 1.12 4.13
CA ASP D 249 44.63 0.79 3.51
C ASP D 249 44.56 1.01 2.00
N ASN D 250 43.81 2.02 1.58
CA ASN D 250 43.67 2.33 0.16
C ASN D 250 43.06 3.72 -0.03
N ALA D 251 42.98 4.47 1.06
CA ALA D 251 42.42 5.82 1.02
C ALA D 251 43.51 6.90 1.07
N ASP D 252 43.18 8.10 0.63
CA ASP D 252 44.13 9.22 0.63
C ASP D 252 44.71 9.42 2.02
N GLU D 253 45.87 10.06 2.07
CA GLU D 253 46.55 10.32 3.33
C GLU D 253 45.68 11.25 4.18
N THR D 254 44.97 12.16 3.51
CA THR D 254 44.10 13.09 4.20
C THR D 254 42.95 12.33 4.87
N THR D 255 42.39 11.36 4.15
CA THR D 255 41.29 10.56 4.67
C THR D 255 41.74 9.64 5.80
N GLN D 256 42.95 9.11 5.67
CA GLN D 256 43.48 8.21 6.70
C GLN D 256 43.70 8.93 8.02
N GLU D 257 44.22 10.16 7.96
CA GLU D 257 44.47 10.90 9.17
C GLU D 257 43.16 11.28 9.83
N ARG D 258 42.20 11.70 9.01
CA ARG D 258 40.89 12.09 9.53
C ARG D 258 40.18 10.93 10.24
N LEU D 259 40.07 9.80 9.55
CA LEU D 259 39.38 8.64 10.11
C LEU D 259 40.08 8.04 11.33
N ARG D 260 41.42 8.04 11.33
CA ARG D 260 42.15 7.50 12.47
C ARG D 260 41.88 8.39 13.67
N SER D 261 41.92 9.70 13.44
CA SER D 261 41.67 10.68 14.48
C SER D 261 40.23 10.56 15.03
N GLY D 262 39.26 10.42 14.12
CA GLY D 262 37.88 10.29 14.54
C GLY D 262 37.70 9.05 15.40
N TYR D 263 38.42 7.98 15.07
CA TYR D 263 38.33 6.74 15.81
C TYR D 263 38.75 6.90 17.26
N GLU D 264 39.83 7.65 17.48
CA GLU D 264 40.33 7.88 18.84
C GLU D 264 39.30 8.63 19.67
N ASP D 265 38.60 9.56 19.05
CA ASP D 265 37.57 10.31 19.76
C ASP D 265 36.40 9.37 20.04
N ALA D 266 36.09 8.52 19.07
CA ALA D 266 34.98 7.59 19.18
C ALA D 266 35.13 6.53 20.28
N VAL D 267 36.36 6.12 20.61
CA VAL D 267 36.53 5.10 21.64
C VAL D 267 36.98 5.65 22.99
N ASP D 268 37.01 6.97 23.13
CA ASP D 268 37.44 7.60 24.39
C ASP D 268 36.69 7.04 25.60
N TYR D 269 35.35 7.12 25.56
CA TYR D 269 34.54 6.61 26.67
C TYR D 269 34.64 5.10 26.89
N ASN D 270 34.67 4.35 25.78
CA ASN D 270 34.73 2.90 25.85
C ASN D 270 35.96 2.38 26.60
N ARG D 271 37.05 3.13 26.53
CA ARG D 271 38.29 2.74 27.21
C ARG D 271 38.10 2.60 28.72
N TYR D 272 37.14 3.35 29.26
CA TYR D 272 36.89 3.35 30.69
C TYR D 272 35.67 2.56 31.12
N VAL D 273 35.10 1.78 30.22
CA VAL D 273 33.91 1.00 30.53
C VAL D 273 34.04 -0.48 30.21
N GLY D 274 34.46 -0.77 28.97
CA GLY D 274 34.60 -2.15 28.55
C GLY D 274 33.53 -2.46 27.53
N ASN D 275 33.41 -3.72 27.15
CA ASN D 275 32.41 -4.14 26.17
C ASN D 275 31.03 -4.19 26.81
N ILE D 276 30.05 -3.50 26.23
CA ILE D 276 28.70 -3.56 26.77
C ILE D 276 27.73 -4.11 25.72
N TYR D 277 28.27 -4.98 24.87
CA TYR D 277 27.53 -5.65 23.78
C TYR D 277 26.70 -4.75 22.88
N THR D 278 25.37 -4.86 22.94
CA THR D 278 24.50 -4.05 22.09
C THR D 278 24.70 -2.56 22.23
N GLY D 279 25.20 -2.11 23.37
CA GLY D 279 25.38 -0.68 23.54
C GLY D 279 26.75 -0.11 23.13
N SER D 280 27.71 -0.97 22.85
CA SER D 280 29.06 -0.50 22.51
C SER D 280 29.15 0.48 21.36
N LEU D 281 28.54 0.16 20.23
CA LEU D 281 28.58 1.05 19.08
C LEU D 281 28.00 2.40 19.45
N TYR D 282 26.89 2.37 20.16
CA TYR D 282 26.23 3.62 20.53
C TYR D 282 26.92 4.38 21.64
N LEU D 283 27.68 3.68 22.48
CA LEU D 283 28.44 4.38 23.51
C LEU D 283 29.54 5.13 22.75
N SER D 284 30.12 4.48 21.75
CA SER D 284 31.18 5.07 20.91
C SER D 284 30.66 6.28 20.13
N LEU D 285 29.41 6.21 19.71
CA LEU D 285 28.79 7.32 18.99
C LEU D 285 28.68 8.55 19.89
N ILE D 286 28.28 8.33 21.15
CA ILE D 286 28.20 9.43 22.11
C ILE D 286 29.60 10.02 22.32
N SER D 287 30.59 9.15 22.48
CA SER D 287 31.97 9.58 22.69
C SER D 287 32.46 10.45 21.55
N LEU D 288 32.18 10.01 20.32
CA LEU D 288 32.57 10.74 19.12
C LEU D 288 31.96 12.13 19.07
N LEU D 289 30.64 12.20 19.27
CA LEU D 289 29.90 13.46 19.23
C LEU D 289 30.32 14.50 20.27
N GLU D 290 30.71 14.03 21.45
CA GLU D 290 31.09 14.94 22.53
C GLU D 290 32.56 15.30 22.53
N ASN D 291 33.44 14.35 22.18
CA ASN D 291 34.87 14.63 22.18
C ASN D 291 35.43 15.23 20.90
N ARG D 292 34.71 15.09 19.80
CA ARG D 292 35.16 15.65 18.54
C ARG D 292 34.27 16.84 18.22
N ASP D 293 34.75 17.72 17.34
CA ASP D 293 33.96 18.88 16.98
C ASP D 293 33.50 18.84 15.53
N LEU D 294 32.72 17.80 15.21
CA LEU D 294 32.19 17.63 13.86
C LEU D 294 31.23 18.76 13.54
N GLN D 295 31.18 19.15 12.27
CA GLN D 295 30.31 20.23 11.82
C GLN D 295 28.96 19.71 11.33
N ALA D 296 27.92 20.51 11.54
CA ALA D 296 26.59 20.16 11.10
C ALA D 296 26.67 19.85 9.61
N GLY D 297 25.88 18.87 9.15
CA GLY D 297 25.91 18.52 7.75
C GLY D 297 26.94 17.46 7.41
N GLU D 298 27.89 17.22 8.31
CA GLU D 298 28.89 16.20 8.05
C GLU D 298 28.28 14.83 8.27
N THR D 299 28.76 13.85 7.51
CA THR D 299 28.23 12.50 7.60
C THR D 299 29.15 11.53 8.35
N ILE D 300 28.54 10.63 9.10
CA ILE D 300 29.27 9.63 9.85
C ILE D 300 28.87 8.26 9.30
N GLY D 301 29.84 7.35 9.22
CA GLY D 301 29.56 6.00 8.76
C GLY D 301 29.57 5.10 9.99
N LEU D 302 28.57 4.24 10.14
CA LEU D 302 28.51 3.37 11.30
C LEU D 302 28.44 1.89 10.97
N PHE D 303 29.21 1.10 11.71
CA PHE D 303 29.22 -0.34 11.49
C PHE D 303 28.81 -1.05 12.76
N SER D 304 27.73 -1.81 12.67
CA SER D 304 27.19 -2.56 13.80
C SER D 304 27.51 -4.03 13.55
N TYR D 305 27.90 -4.75 14.58
CA TYR D 305 28.24 -6.16 14.42
C TYR D 305 27.63 -7.03 15.51
N GLY D 306 27.30 -8.25 15.13
CA GLY D 306 26.75 -9.23 16.05
C GLY D 306 27.34 -10.57 15.67
N SER D 307 27.90 -11.29 16.65
CA SER D 307 28.49 -12.60 16.38
C SER D 307 27.40 -13.54 15.89
N GLY D 308 27.79 -14.55 15.12
CA GLY D 308 26.79 -15.49 14.64
C GLY D 308 26.62 -15.75 13.16
N SER D 309 26.72 -14.74 12.30
CA SER D 309 26.99 -13.34 12.65
C SER D 309 26.22 -12.44 11.68
N VAL D 310 26.01 -11.20 12.07
CA VAL D 310 25.31 -10.23 11.23
C VAL D 310 26.00 -8.88 11.35
N GLY D 311 26.22 -8.22 10.23
CA GLY D 311 26.86 -6.92 10.23
C GLY D 311 26.01 -5.94 9.42
N GLU D 312 26.07 -4.66 9.77
CA GLU D 312 25.30 -3.65 9.04
C GLU D 312 26.06 -2.33 9.00
N PHE D 313 26.16 -1.75 7.82
CA PHE D 313 26.83 -0.47 7.66
C PHE D 313 25.78 0.53 7.19
N TYR D 314 25.73 1.69 7.84
CA TYR D 314 24.79 2.74 7.46
C TYR D 314 25.41 4.09 7.79
N SER D 315 24.73 5.18 7.41
CA SER D 315 25.25 6.50 7.68
C SER D 315 24.20 7.40 8.30
N ALA D 316 24.65 8.47 8.94
CA ALA D 316 23.78 9.43 9.58
C ALA D 316 24.42 10.80 9.38
N THR D 317 23.59 11.85 9.36
CA THR D 317 24.09 13.20 9.15
C THR D 317 23.83 14.08 10.36
N LEU D 318 24.84 14.86 10.76
CA LEU D 318 24.75 15.75 11.91
C LEU D 318 23.79 16.92 11.68
N VAL D 319 22.93 17.17 12.66
CA VAL D 319 21.94 18.25 12.58
C VAL D 319 22.53 19.55 13.13
N GLU D 320 22.13 20.67 12.55
CA GLU D 320 22.64 21.97 12.99
C GLU D 320 22.29 22.20 14.46
N GLY D 321 23.29 22.61 15.24
CA GLY D 321 23.08 22.87 16.66
C GLY D 321 23.06 21.67 17.58
N TYR D 322 23.47 20.51 17.08
CA TYR D 322 23.47 19.29 17.88
C TYR D 322 24.25 19.37 19.20
N LYS D 323 25.35 20.12 19.22
CA LYS D 323 26.19 20.26 20.42
C LYS D 323 25.39 20.72 21.63
N ASP D 324 24.35 21.50 21.41
CA ASP D 324 23.52 22.01 22.49
C ASP D 324 22.61 20.95 23.07
N HIS D 325 22.50 19.82 22.39
CA HIS D 325 21.61 18.76 22.83
C HIS D 325 22.30 17.53 23.41
N LEU D 326 23.59 17.66 23.69
CA LEU D 326 24.36 16.57 24.28
C LEU D 326 24.50 16.85 25.77
N ASP D 327 25.12 15.93 26.50
CA ASP D 327 25.30 16.13 27.94
C ASP D 327 26.72 15.73 28.33
N GLN D 328 27.70 16.38 27.70
CA GLN D 328 29.10 16.07 27.98
C GLN D 328 29.47 16.22 29.45
N ALA D 329 29.00 17.28 30.09
CA ALA D 329 29.31 17.51 31.50
C ALA D 329 28.76 16.41 32.40
N ALA D 330 27.54 15.98 32.11
CA ALA D 330 26.92 14.93 32.91
C ALA D 330 27.60 13.58 32.67
N HIS D 331 28.09 13.36 31.46
CA HIS D 331 28.75 12.11 31.13
C HIS D 331 30.13 12.02 31.77
N LYS D 332 30.86 13.13 31.76
CA LYS D 332 32.19 13.15 32.37
C LYS D 332 32.02 12.91 33.86
N ALA D 333 31.01 13.54 34.45
CA ALA D 333 30.71 13.40 35.87
C ALA D 333 30.36 11.95 36.19
N LEU D 334 29.57 11.32 35.33
CA LEU D 334 29.18 9.94 35.54
C LEU D 334 30.38 9.00 35.62
N LEU D 335 31.33 9.18 34.72
CA LEU D 335 32.52 8.34 34.71
C LEU D 335 33.47 8.67 35.85
N ASN D 336 33.54 9.96 36.20
CA ASN D 336 34.41 10.40 37.28
C ASN D 336 33.90 10.07 38.68
N ASN D 337 32.58 10.04 38.87
CA ASN D 337 32.05 9.75 40.19
C ASN D 337 32.05 8.28 40.59
N ARG D 338 32.76 7.44 39.83
CA ARG D 338 32.80 6.02 40.15
C ARG D 338 33.90 5.71 41.15
N THR D 339 33.74 4.60 41.86
CA THR D 339 34.70 4.17 42.85
C THR D 339 35.47 2.96 42.36
N GLU D 340 36.80 3.04 42.43
CA GLU D 340 37.65 1.94 42.01
C GLU D 340 37.59 0.85 43.06
N VAL D 341 37.48 -0.40 42.63
CA VAL D 341 37.47 -1.52 43.57
C VAL D 341 38.71 -2.37 43.29
N SER D 342 39.24 -2.99 44.32
CA SER D 342 40.41 -3.84 44.16
C SER D 342 39.99 -5.08 43.39
N VAL D 343 40.97 -5.84 42.88
CA VAL D 343 40.64 -7.05 42.14
C VAL D 343 39.87 -8.04 43.02
N ASP D 344 40.27 -8.18 44.29
CA ASP D 344 39.58 -9.09 45.19
C ASP D 344 38.11 -8.71 45.35
N ALA D 345 37.85 -7.42 45.51
CA ALA D 345 36.48 -6.93 45.64
C ALA D 345 35.72 -7.25 44.35
N TYR D 346 36.34 -6.97 43.21
CA TYR D 346 35.72 -7.23 41.91
C TYR D 346 35.32 -8.70 41.80
N GLU D 347 36.20 -9.59 42.23
CA GLU D 347 35.89 -11.01 42.16
C GLU D 347 34.73 -11.38 43.06
N THR D 348 34.61 -10.71 44.21
CA THR D 348 33.52 -10.98 45.14
C THR D 348 32.21 -10.51 44.51
N PHE D 349 32.22 -9.33 43.92
CA PHE D 349 31.05 -8.79 43.26
C PHE D 349 30.62 -9.72 42.12
N PHE D 350 31.60 -10.18 41.35
CA PHE D 350 31.33 -11.05 40.21
C PHE D 350 30.61 -12.33 40.62
N LYS D 351 31.14 -13.03 41.62
CA LYS D 351 30.53 -14.27 42.08
C LYS D 351 29.13 -14.08 42.64
N ARG D 352 28.90 -12.96 43.33
CA ARG D 352 27.59 -12.67 43.90
C ARG D 352 26.57 -12.35 42.81
N PHE D 353 27.04 -11.76 41.71
CA PHE D 353 26.16 -11.41 40.61
C PHE D 353 25.57 -12.67 39.99
N ASP D 354 26.39 -13.72 39.91
CA ASP D 354 25.96 -14.98 39.33
C ASP D 354 24.78 -15.58 40.08
N ASP D 355 24.83 -15.55 41.41
CA ASP D 355 23.78 -16.11 42.24
C ASP D 355 22.76 -15.07 42.67
N VAL D 356 22.92 -13.83 42.19
CA VAL D 356 22.03 -12.74 42.55
C VAL D 356 21.87 -12.65 44.07
N GLU D 357 23.00 -12.71 44.78
CA GLU D 357 23.01 -12.63 46.24
C GLU D 357 23.07 -11.17 46.70
N PHE D 358 21.95 -10.70 47.24
CA PHE D 358 21.84 -9.33 47.72
C PHE D 358 22.67 -9.04 48.97
N ASP D 359 23.26 -7.84 49.00
CA ASP D 359 24.08 -7.38 50.11
C ASP D 359 23.97 -5.86 50.18
N GLU D 360 22.97 -5.38 50.92
CA GLU D 360 22.72 -3.94 51.07
C GLU D 360 23.93 -3.11 51.47
N GLU D 361 24.88 -3.72 52.18
CA GLU D 361 26.06 -2.98 52.61
C GLU D 361 27.16 -2.97 51.55
N GLN D 362 27.43 -4.13 50.96
CA GLN D 362 28.46 -4.24 49.94
C GLN D 362 28.09 -3.46 48.68
N ASP D 363 26.83 -3.52 48.29
CA ASP D 363 26.40 -2.79 47.11
C ASP D 363 26.18 -1.32 47.47
N ALA D 364 26.20 -1.01 48.76
CA ALA D 364 26.02 0.36 49.26
C ALA D 364 24.77 1.02 48.68
N VAL D 365 23.61 0.39 48.84
CA VAL D 365 22.37 0.91 48.28
C VAL D 365 21.89 2.26 48.82
N HIS D 366 22.34 2.64 50.01
CA HIS D 366 21.94 3.92 50.57
C HIS D 366 22.42 5.08 49.69
N GLU D 367 23.50 4.85 48.95
CA GLU D 367 24.05 5.88 48.07
C GLU D 367 23.21 6.05 46.81
N ASP D 368 22.46 5.01 46.46
CA ASP D 368 21.65 5.02 45.24
C ASP D 368 20.23 5.59 45.36
N ARG D 369 20.05 6.62 46.18
CA ARG D 369 18.74 7.22 46.38
C ARG D 369 18.13 7.92 45.16
N HIS D 370 18.98 8.38 44.24
CA HIS D 370 18.48 9.10 43.07
C HIS D 370 18.39 8.28 41.78
N ILE D 371 18.62 6.97 41.88
CA ILE D 371 18.55 6.11 40.70
C ILE D 371 17.65 4.89 40.92
N PHE D 372 17.43 4.16 39.83
CA PHE D 372 16.64 2.94 39.86
C PHE D 372 17.64 1.84 40.23
N TYR D 373 17.16 0.82 40.93
CA TYR D 373 18.00 -0.31 41.27
C TYR D 373 17.18 -1.48 41.74
N LEU D 374 17.71 -2.68 41.56
CA LEU D 374 17.04 -3.91 41.97
C LEU D 374 17.17 -4.01 43.48
N SER D 375 16.04 -3.91 44.19
CA SER D 375 16.07 -3.95 45.65
C SER D 375 15.80 -5.32 46.25
N ASN D 376 15.19 -6.22 45.48
CA ASN D 376 14.89 -7.54 46.00
C ASN D 376 14.12 -8.41 45.01
N ILE D 377 14.06 -9.71 45.31
CA ILE D 377 13.33 -10.66 44.50
C ILE D 377 12.49 -11.53 45.44
N GLU D 378 11.18 -11.35 45.37
CA GLU D 378 10.26 -12.12 46.21
C GLU D 378 9.34 -12.95 45.34
N ASN D 379 9.33 -14.25 45.57
CA ASN D 379 8.48 -15.18 44.81
C ASN D 379 8.74 -15.05 43.30
N ASN D 380 10.02 -14.98 42.94
CA ASN D 380 10.43 -14.90 41.55
C ASN D 380 10.03 -13.61 40.84
N VAL D 381 9.70 -12.59 41.60
CA VAL D 381 9.33 -11.30 41.04
C VAL D 381 10.36 -10.27 41.49
N ARG D 382 10.98 -9.59 40.53
CA ARG D 382 11.98 -8.58 40.85
C ARG D 382 11.31 -7.28 41.25
N GLU D 383 11.81 -6.67 42.32
CA GLU D 383 11.27 -5.40 42.81
C GLU D 383 12.35 -4.34 42.63
N TYR D 384 11.96 -3.15 42.17
CA TYR D 384 12.91 -2.09 41.95
C TYR D 384 12.64 -0.84 42.76
N HIS D 385 13.72 -0.22 43.21
CA HIS D 385 13.66 1.02 43.95
C HIS D 385 13.61 2.11 42.89
N ARG D 386 12.82 3.14 43.12
CA ARG D 386 12.69 4.24 42.17
C ARG D 386 13.34 5.49 42.74
N PRO D 387 13.80 6.40 41.87
CA PRO D 387 14.44 7.64 42.30
C PRO D 387 13.61 8.38 43.36
N GLU D 388 14.26 8.84 44.42
CA GLU D 388 13.59 9.53 45.51
C GLU D 388 12.66 10.63 44.99
N LEU D 389 13.09 11.33 43.94
CA LEU D 389 12.29 12.39 43.35
C LEU D 389 11.12 11.80 42.57
N GLU D 390 10.29 11.02 43.26
CA GLU D 390 9.11 10.39 42.66
C GLU D 390 8.09 10.09 43.75
#